data_1T4O
# 
_entry.id   1T4O 
# 
_audit_conform.dict_name       mmcif_pdbx.dic 
_audit_conform.dict_version    5.376 
_audit_conform.dict_location   http://mmcif.pdb.org/dictionaries/ascii/mmcif_pdbx.dic 
# 
loop_
_database_2.database_id 
_database_2.database_code 
_database_2.pdbx_database_accession 
_database_2.pdbx_DOI 
PDB   1T4O         pdb_00001t4o 10.2210/pdb1t4o/pdb 
RCSB  RCSB022307   ?            ?                   
WWPDB D_1000022307 ?            ?                   
# 
_pdbx_database_related.db_name        PDB 
_pdbx_database_related.db_id          1T4N 
_pdbx_database_related.details        'same protein solved by nmr' 
_pdbx_database_related.content_type   unspecified 
# 
_pdbx_database_status.status_code                     REL 
_pdbx_database_status.entry_id                        1T4O 
_pdbx_database_status.recvd_initial_deposition_date   2004-04-30 
_pdbx_database_status.deposit_site                    RCSB 
_pdbx_database_status.process_site                    RCSB 
_pdbx_database_status.status_code_sf                  REL 
_pdbx_database_status.SG_entry                        . 
_pdbx_database_status.pdb_format_compatible           Y 
_pdbx_database_status.status_code_mr                  ? 
_pdbx_database_status.status_code_cs                  ? 
_pdbx_database_status.status_code_nmr_data            ? 
_pdbx_database_status.methods_development_category    ? 
# 
loop_
_audit_author.name 
_audit_author.pdbx_ordinal 
'Leulliot, N.'          1  
'Quevillon-Cheruel, S.' 2  
'Graille, M.'           3  
'van Tilbeurgh, H.'     4  
'Leeper, T.C.'          5  
'Godin, K.S.'           6  
'Edwards, T.E.'         7  
'Sigurdsson, S.T.'      8  
'Rozenkrants, N.'       9  
'Nagel, R.J.'           10 
'Ares Jr., M.'          11 
'Varani, G.'            12 
# 
_citation.id                        primary 
_citation.title                     'A new alpha-helical extension promotes RNA binding by the dsRBD of Rnt1p RNAse III' 
_citation.journal_abbrev            'Embo J.' 
_citation.journal_volume            23 
_citation.page_first                2468 
_citation.page_last                 2477 
_citation.year                      2004 
_citation.journal_id_ASTM           EMJODG 
_citation.country                   UK 
_citation.journal_id_ISSN           0261-4189 
_citation.journal_id_CSD            0897 
_citation.book_publisher            ? 
_citation.pdbx_database_id_PubMed   15192703 
_citation.pdbx_database_id_DOI      10.1038/sj.emboj.7600260 
# 
loop_
_citation_author.citation_id 
_citation_author.name 
_citation_author.ordinal 
_citation_author.identifier_ORCID 
primary 'Leulliot, N.'          1  ? 
primary 'Quevillon-Cheruel, S.' 2  ? 
primary 'Graille, M.'           3  ? 
primary 'Van Tilbeurgh, H.'     4  ? 
primary 'Leeper, T.C.'          5  ? 
primary 'Godin, K.S.'           6  ? 
primary 'Edwards, T.E.'         7  ? 
primary 'Sigurdsson, S.T.'      8  ? 
primary 'Rozenkrants, N.'       9  ? 
primary 'Nagel, R.J.'           10 ? 
primary 'Ares, M.'              11 ? 
primary 'Varani, G.'            12 ? 
# 
_cell.entry_id           1T4O 
_cell.length_a           73.815 
_cell.length_b           68.312 
_cell.length_c           57.178 
_cell.angle_alpha        90.00 
_cell.angle_beta         121.91 
_cell.angle_gamma        90.00 
_cell.Z_PDB              8 
_cell.pdbx_unique_axis   ? 
# 
_symmetry.entry_id                         1T4O 
_symmetry.space_group_name_H-M             'C 1 2 1' 
_symmetry.pdbx_full_space_group_name_H-M   ? 
_symmetry.cell_setting                     ? 
_symmetry.Int_Tables_number                5 
_symmetry.space_group_name_Hall            ? 
# 
loop_
_entity.id 
_entity.type 
_entity.src_method 
_entity.pdbx_description 
_entity.formula_weight 
_entity.pdbx_number_of_molecules 
_entity.pdbx_ec 
_entity.pdbx_mutation 
_entity.pdbx_fragment 
_entity.details 
1 polymer man 'Ribonuclease III' 13207.278 2  3.1.26.3 ? dsRBD ? 
2 water   nat water              18.015    33 ?        ? ?     ? 
# 
_entity_name_com.entity_id   1 
_entity_name_com.name        'RNase III, Rnt1p' 
# 
_entity_poly.entity_id                      1 
_entity_poly.type                           'polypeptide(L)' 
_entity_poly.nstd_linkage                   no 
_entity_poly.nstd_monomer                   no 
_entity_poly.pdbx_seq_one_letter_code       
;MKTDKLDMNAKRQLYSLIGYASLRLHYVTVKKPTAVDPNSIVECRVGDGTVLGTGVGRNIKIAGIRAAENALRDKKMLDF
YAKQRAAIPRSESVLKDPSQKNKKRKFSDTSHHHHHH
;
_entity_poly.pdbx_seq_one_letter_code_can   
;MKTDKLDMNAKRQLYSLIGYASLRLHYVTVKKPTAVDPNSIVECRVGDGTVLGTGVGRNIKIAGIRAAENALRDKKMLDF
YAKQRAAIPRSESVLKDPSQKNKKRKFSDTSHHHHHH
;
_entity_poly.pdbx_strand_id                 A,B 
_entity_poly.pdbx_target_identifier         ? 
# 
loop_
_entity_poly_seq.entity_id 
_entity_poly_seq.num 
_entity_poly_seq.mon_id 
_entity_poly_seq.hetero 
1 1   MET n 
1 2   LYS n 
1 3   THR n 
1 4   ASP n 
1 5   LYS n 
1 6   LEU n 
1 7   ASP n 
1 8   MET n 
1 9   ASN n 
1 10  ALA n 
1 11  LYS n 
1 12  ARG n 
1 13  GLN n 
1 14  LEU n 
1 15  TYR n 
1 16  SER n 
1 17  LEU n 
1 18  ILE n 
1 19  GLY n 
1 20  TYR n 
1 21  ALA n 
1 22  SER n 
1 23  LEU n 
1 24  ARG n 
1 25  LEU n 
1 26  HIS n 
1 27  TYR n 
1 28  VAL n 
1 29  THR n 
1 30  VAL n 
1 31  LYS n 
1 32  LYS n 
1 33  PRO n 
1 34  THR n 
1 35  ALA n 
1 36  VAL n 
1 37  ASP n 
1 38  PRO n 
1 39  ASN n 
1 40  SER n 
1 41  ILE n 
1 42  VAL n 
1 43  GLU n 
1 44  CYS n 
1 45  ARG n 
1 46  VAL n 
1 47  GLY n 
1 48  ASP n 
1 49  GLY n 
1 50  THR n 
1 51  VAL n 
1 52  LEU n 
1 53  GLY n 
1 54  THR n 
1 55  GLY n 
1 56  VAL n 
1 57  GLY n 
1 58  ARG n 
1 59  ASN n 
1 60  ILE n 
1 61  LYS n 
1 62  ILE n 
1 63  ALA n 
1 64  GLY n 
1 65  ILE n 
1 66  ARG n 
1 67  ALA n 
1 68  ALA n 
1 69  GLU n 
1 70  ASN n 
1 71  ALA n 
1 72  LEU n 
1 73  ARG n 
1 74  ASP n 
1 75  LYS n 
1 76  LYS n 
1 77  MET n 
1 78  LEU n 
1 79  ASP n 
1 80  PHE n 
1 81  TYR n 
1 82  ALA n 
1 83  LYS n 
1 84  GLN n 
1 85  ARG n 
1 86  ALA n 
1 87  ALA n 
1 88  ILE n 
1 89  PRO n 
1 90  ARG n 
1 91  SER n 
1 92  GLU n 
1 93  SER n 
1 94  VAL n 
1 95  LEU n 
1 96  LYS n 
1 97  ASP n 
1 98  PRO n 
1 99  SER n 
1 100 GLN n 
1 101 LYS n 
1 102 ASN n 
1 103 LYS n 
1 104 LYS n 
1 105 ARG n 
1 106 LYS n 
1 107 PHE n 
1 108 SER n 
1 109 ASP n 
1 110 THR n 
1 111 SER n 
1 112 HIS n 
1 113 HIS n 
1 114 HIS n 
1 115 HIS n 
1 116 HIS n 
1 117 HIS n 
# 
_entity_src_gen.entity_id                          1 
_entity_src_gen.pdbx_src_id                        1 
_entity_src_gen.pdbx_alt_source_flag               sample 
_entity_src_gen.pdbx_seq_type                      ? 
_entity_src_gen.pdbx_beg_seq_num                   ? 
_entity_src_gen.pdbx_end_seq_num                   ? 
_entity_src_gen.gene_src_common_name               
;baker's yeast
;
_entity_src_gen.gene_src_genus                     Saccharomyces 
_entity_src_gen.pdbx_gene_src_gene                 'RNT1, YMR239C, YM9408.01C, YM9959.21' 
_entity_src_gen.gene_src_species                   ? 
_entity_src_gen.gene_src_strain                    ? 
_entity_src_gen.gene_src_tissue                    ? 
_entity_src_gen.gene_src_tissue_fraction           ? 
_entity_src_gen.gene_src_details                   ? 
_entity_src_gen.pdbx_gene_src_fragment             ? 
_entity_src_gen.pdbx_gene_src_scientific_name      'Saccharomyces cerevisiae' 
_entity_src_gen.pdbx_gene_src_ncbi_taxonomy_id     4932 
_entity_src_gen.pdbx_gene_src_variant              ? 
_entity_src_gen.pdbx_gene_src_cell_line            ? 
_entity_src_gen.pdbx_gene_src_atcc                 ? 
_entity_src_gen.pdbx_gene_src_organ                ? 
_entity_src_gen.pdbx_gene_src_organelle            ? 
_entity_src_gen.pdbx_gene_src_cell                 ? 
_entity_src_gen.pdbx_gene_src_cellular_location    ? 
_entity_src_gen.host_org_common_name               ? 
_entity_src_gen.pdbx_host_org_scientific_name      'Escherichia coli' 
_entity_src_gen.pdbx_host_org_ncbi_taxonomy_id     562 
_entity_src_gen.host_org_genus                     Escherichia 
_entity_src_gen.pdbx_host_org_gene                 ? 
_entity_src_gen.pdbx_host_org_organ                ? 
_entity_src_gen.host_org_species                   ? 
_entity_src_gen.pdbx_host_org_tissue               ? 
_entity_src_gen.pdbx_host_org_tissue_fraction      ? 
_entity_src_gen.pdbx_host_org_strain               ? 
_entity_src_gen.pdbx_host_org_variant              ? 
_entity_src_gen.pdbx_host_org_cell_line            ? 
_entity_src_gen.pdbx_host_org_atcc                 ? 
_entity_src_gen.pdbx_host_org_culture_collection   ? 
_entity_src_gen.pdbx_host_org_cell                 ? 
_entity_src_gen.pdbx_host_org_organelle            ? 
_entity_src_gen.pdbx_host_org_cellular_location    ? 
_entity_src_gen.pdbx_host_org_vector_type          ? 
_entity_src_gen.pdbx_host_org_vector               ? 
_entity_src_gen.host_org_details                   ? 
_entity_src_gen.expression_system_id               ? 
_entity_src_gen.plasmid_name                       ? 
_entity_src_gen.plasmid_details                    ? 
_entity_src_gen.pdbx_description                   ? 
# 
_struct_ref.id                         1 
_struct_ref.db_name                    UNP 
_struct_ref.db_code                    RNT1_YEAST 
_struct_ref.pdbx_db_accession          Q02555 
_struct_ref.entity_id                  1 
_struct_ref.pdbx_seq_one_letter_code   
;KTDKLDMNAKRQLYSLIGYASLRLHYVTVKKPTAVDPNSIVECRVGDGTVLGTGVGRNIKIAGIRAAENALRDKKMLDFY
AKQRAAIPRSESVLKDPSQKNKKRKFSDTS
;
_struct_ref.pdbx_align_begin           362 
_struct_ref.pdbx_db_isoform            ? 
# 
loop_
_struct_ref_seq.align_id 
_struct_ref_seq.ref_id 
_struct_ref_seq.pdbx_PDB_id_code 
_struct_ref_seq.pdbx_strand_id 
_struct_ref_seq.seq_align_beg 
_struct_ref_seq.pdbx_seq_align_beg_ins_code 
_struct_ref_seq.seq_align_end 
_struct_ref_seq.pdbx_seq_align_end_ins_code 
_struct_ref_seq.pdbx_db_accession 
_struct_ref_seq.db_align_beg 
_struct_ref_seq.pdbx_db_align_beg_ins_code 
_struct_ref_seq.db_align_end 
_struct_ref_seq.pdbx_db_align_end_ins_code 
_struct_ref_seq.pdbx_auth_seq_align_beg 
_struct_ref_seq.pdbx_auth_seq_align_end 
1 1 1T4O A 2 ? 111 ? Q02555 362 ? 471 ? 362 471 
2 1 1T4O B 2 ? 111 ? Q02555 362 ? 471 ? 362 471 
# 
loop_
_struct_ref_seq_dif.align_id 
_struct_ref_seq_dif.pdbx_pdb_id_code 
_struct_ref_seq_dif.mon_id 
_struct_ref_seq_dif.pdbx_pdb_strand_id 
_struct_ref_seq_dif.seq_num 
_struct_ref_seq_dif.pdbx_pdb_ins_code 
_struct_ref_seq_dif.pdbx_seq_db_name 
_struct_ref_seq_dif.pdbx_seq_db_accession_code 
_struct_ref_seq_dif.db_mon_id 
_struct_ref_seq_dif.pdbx_seq_db_seq_num 
_struct_ref_seq_dif.details 
_struct_ref_seq_dif.pdbx_auth_seq_num 
_struct_ref_seq_dif.pdbx_ordinal 
1 1T4O MET A 1   ? UNP Q02555 ? ? 'initiating methionine' 361 1  
1 1T4O HIS A 112 ? UNP Q02555 ? ? 'expression tag'        472 2  
1 1T4O HIS A 113 ? UNP Q02555 ? ? 'expression tag'        473 3  
1 1T4O HIS A 114 ? UNP Q02555 ? ? 'expression tag'        474 4  
1 1T4O HIS A 115 ? UNP Q02555 ? ? 'expression tag'        475 5  
1 1T4O HIS A 116 ? UNP Q02555 ? ? 'expression tag'        476 6  
1 1T4O HIS A 117 ? UNP Q02555 ? ? 'expression tag'        477 7  
2 1T4O MET B 1   ? UNP Q02555 ? ? 'initiating methionine' 361 8  
2 1T4O HIS B 112 ? UNP Q02555 ? ? 'expression tag'        472 9  
2 1T4O HIS B 113 ? UNP Q02555 ? ? 'expression tag'        473 10 
2 1T4O HIS B 114 ? UNP Q02555 ? ? 'expression tag'        474 11 
2 1T4O HIS B 115 ? UNP Q02555 ? ? 'expression tag'        475 12 
2 1T4O HIS B 116 ? UNP Q02555 ? ? 'expression tag'        476 13 
2 1T4O HIS B 117 ? UNP Q02555 ? ? 'expression tag'        477 14 
# 
loop_
_chem_comp.id 
_chem_comp.type 
_chem_comp.mon_nstd_flag 
_chem_comp.name 
_chem_comp.pdbx_synonyms 
_chem_comp.formula 
_chem_comp.formula_weight 
ALA 'L-peptide linking' y ALANINE         ? 'C3 H7 N O2'     89.093  
ARG 'L-peptide linking' y ARGININE        ? 'C6 H15 N4 O2 1' 175.209 
ASN 'L-peptide linking' y ASPARAGINE      ? 'C4 H8 N2 O3'    132.118 
ASP 'L-peptide linking' y 'ASPARTIC ACID' ? 'C4 H7 N O4'     133.103 
CYS 'L-peptide linking' y CYSTEINE        ? 'C3 H7 N O2 S'   121.158 
GLN 'L-peptide linking' y GLUTAMINE       ? 'C5 H10 N2 O3'   146.144 
GLU 'L-peptide linking' y 'GLUTAMIC ACID' ? 'C5 H9 N O4'     147.129 
GLY 'peptide linking'   y GLYCINE         ? 'C2 H5 N O2'     75.067  
HIS 'L-peptide linking' y HISTIDINE       ? 'C6 H10 N3 O2 1' 156.162 
HOH non-polymer         . WATER           ? 'H2 O'           18.015  
ILE 'L-peptide linking' y ISOLEUCINE      ? 'C6 H13 N O2'    131.173 
LEU 'L-peptide linking' y LEUCINE         ? 'C6 H13 N O2'    131.173 
LYS 'L-peptide linking' y LYSINE          ? 'C6 H15 N2 O2 1' 147.195 
MET 'L-peptide linking' y METHIONINE      ? 'C5 H11 N O2 S'  149.211 
PHE 'L-peptide linking' y PHENYLALANINE   ? 'C9 H11 N O2'    165.189 
PRO 'L-peptide linking' y PROLINE         ? 'C5 H9 N O2'     115.130 
SER 'L-peptide linking' y SERINE          ? 'C3 H7 N O3'     105.093 
THR 'L-peptide linking' y THREONINE       ? 'C4 H9 N O3'     119.119 
TYR 'L-peptide linking' y TYROSINE        ? 'C9 H11 N O3'    181.189 
VAL 'L-peptide linking' y VALINE          ? 'C5 H11 N O2'    117.146 
# 
_exptl.entry_id          1T4O 
_exptl.method            'X-RAY DIFFRACTION' 
_exptl.crystals_number   1 
# 
_exptl_crystal.id                    1 
_exptl_crystal.density_meas          ? 
_exptl_crystal.density_Matthews      3.1 
_exptl_crystal.density_percent_sol   60 
_exptl_crystal.description           ? 
_exptl_crystal.F_000                 ? 
_exptl_crystal.preparation           ? 
# 
_exptl_crystal_grow.crystal_id      1 
_exptl_crystal_grow.method          ? 
_exptl_crystal_grow.temp            293 
_exptl_crystal_grow.temp_details    ? 
_exptl_crystal_grow.pH              8.50 
_exptl_crystal_grow.pdbx_details    
'0.2M lithium sulfate, 30% PEG 4000, 12% MPD, 0.1M Tris, pH 8.5, VAPOR DIFFUSION, HANGING DROP, temperature 293K, pH 8.50' 
_exptl_crystal_grow.pdbx_pH_range   . 
# 
_diffrn.id                     1 
_diffrn.ambient_temp           100.0 
_diffrn.ambient_temp_details   ? 
_diffrn.crystal_id             1 
# 
_diffrn_detector.diffrn_id              1 
_diffrn_detector.detector               CCD 
_diffrn_detector.type                   'ADSC QUANTUM 4' 
_diffrn_detector.pdbx_collection_date   2003-08-02 
_diffrn_detector.details                ? 
# 
_diffrn_radiation.diffrn_id                        1 
_diffrn_radiation.wavelength_id                    1 
_diffrn_radiation.pdbx_monochromatic_or_laue_m_l   M 
_diffrn_radiation.monochromator                    'SI 111 CHANNEL' 
_diffrn_radiation.pdbx_diffrn_protocol             'SINGLE WAVELENGTH' 
_diffrn_radiation.pdbx_scattering_type             x-ray 
# 
_diffrn_radiation_wavelength.id           1 
_diffrn_radiation_wavelength.wavelength   0.933 
_diffrn_radiation_wavelength.wt           1.0 
# 
_diffrn_source.diffrn_id                   1 
_diffrn_source.source                      SYNCHROTRON 
_diffrn_source.type                        'ESRF BEAMLINE ID14-2' 
_diffrn_source.pdbx_synchrotron_site       ESRF 
_diffrn_source.pdbx_synchrotron_beamline   ID14-2 
_diffrn_source.pdbx_wavelength             0.933 
_diffrn_source.pdbx_wavelength_list        ? 
# 
_reflns.entry_id                     1T4O 
_reflns.observed_criterion_sigma_I   0.000 
_reflns.observed_criterion_sigma_F   ? 
_reflns.d_resolution_low             48.800 
_reflns.d_resolution_high            2.500 
_reflns.number_obs                   7943 
_reflns.number_all                   ? 
_reflns.percent_possible_obs         ? 
_reflns.pdbx_Rmerge_I_obs            ? 
_reflns.pdbx_Rsym_value              ? 
_reflns.pdbx_netI_over_sigmaI        ? 
_reflns.B_iso_Wilson_estimate        ? 
_reflns.pdbx_redundancy              ? 
_reflns.R_free_details               ? 
_reflns.limit_h_max                  ? 
_reflns.limit_h_min                  ? 
_reflns.limit_k_max                  ? 
_reflns.limit_k_min                  ? 
_reflns.limit_l_max                  ? 
_reflns.limit_l_min                  ? 
_reflns.observed_criterion_F_max     ? 
_reflns.observed_criterion_F_min     ? 
_reflns.pdbx_chi_squared             ? 
_reflns.pdbx_scaling_rejects         ? 
_reflns.pdbx_diffrn_id               1 
_reflns.pdbx_ordinal                 1 
# 
_reflns_shell.d_res_high             2.50 
_reflns_shell.d_res_low              2.56 
_reflns_shell.percent_possible_all   90.0 
_reflns_shell.Rmerge_I_obs           ? 
_reflns_shell.pdbx_Rsym_value        ? 
_reflns_shell.meanI_over_sigI_obs    ? 
_reflns_shell.pdbx_redundancy        ? 
_reflns_shell.percent_possible_obs   ? 
_reflns_shell.number_unique_all      ? 
_reflns_shell.number_measured_all    ? 
_reflns_shell.number_measured_obs    ? 
_reflns_shell.number_unique_obs      ? 
_reflns_shell.pdbx_chi_squared       ? 
_reflns_shell.pdbx_diffrn_id         ? 
_reflns_shell.pdbx_ordinal           1 
# 
_refine.entry_id                                 1T4O 
_refine.ls_number_reflns_obs                     7162 
_refine.ls_number_reflns_all                     ? 
_refine.pdbx_ls_sigma_I                          ? 
_refine.pdbx_ls_sigma_F                          ? 
_refine.pdbx_data_cutoff_high_absF               ? 
_refine.pdbx_data_cutoff_low_absF                ? 
_refine.pdbx_data_cutoff_high_rms_absF           ? 
_refine.ls_d_res_low                             48.80 
_refine.ls_d_res_high                            2.50 
_refine.ls_percent_reflns_obs                    94.30 
_refine.ls_R_factor_obs                          0.20582 
_refine.ls_R_factor_all                          ? 
_refine.ls_R_factor_R_work                       0.19784 
_refine.ls_R_factor_R_free                       0.27637 
_refine.ls_R_factor_R_free_error                 ? 
_refine.ls_R_factor_R_free_error_details         ? 
_refine.ls_percent_reflns_R_free                 9.8 
_refine.ls_number_reflns_R_free                  779 
_refine.ls_number_parameters                     ? 
_refine.ls_number_restraints                     ? 
_refine.occupancy_min                            ? 
_refine.occupancy_max                            ? 
_refine.correlation_coeff_Fo_to_Fc               0.940 
_refine.correlation_coeff_Fo_to_Fc_free          0.894 
_refine.B_iso_mean                               48.195 
_refine.aniso_B[1][1]                            -4.02 
_refine.aniso_B[2][2]                            0.91 
_refine.aniso_B[3][3]                            -0.16 
_refine.aniso_B[1][2]                            0.00 
_refine.aniso_B[1][3]                            -3.10 
_refine.aniso_B[2][3]                            0.00 
_refine.solvent_model_details                    'BABINET MODEL WITH MASK' 
_refine.solvent_model_param_ksol                 ? 
_refine.solvent_model_param_bsol                 ? 
_refine.pdbx_solvent_vdw_probe_radii             1.40 
_refine.pdbx_solvent_ion_probe_radii             0.80 
_refine.pdbx_solvent_shrinkage_radii             0.80 
_refine.pdbx_ls_cross_valid_method               THROUGHOUT 
_refine.details                                  'HYDROGENS HAVE BEEN ADDED IN THE RIDING POSITIONS' 
_refine.pdbx_starting_model                      'PDB ENTRY 1T4N' 
_refine.pdbx_method_to_determine_struct          'MOLECULAR REPLACEMENT' 
_refine.pdbx_isotropic_thermal_model             ? 
_refine.pdbx_stereochemistry_target_values       'MAXIMUM LIKELIHOOD' 
_refine.pdbx_stereochem_target_val_spec_case     ? 
_refine.pdbx_R_Free_selection_details            RANDOM 
_refine.pdbx_overall_ESU_R                       0.426 
_refine.pdbx_overall_ESU_R_Free                  0.311 
_refine.overall_SU_ML                            0.233 
_refine.overall_SU_B                             10.581 
_refine.ls_redundancy_reflns_obs                 ? 
_refine.B_iso_min                                ? 
_refine.B_iso_max                                ? 
_refine.overall_SU_R_Cruickshank_DPI             ? 
_refine.overall_SU_R_free                        ? 
_refine.ls_wR_factor_R_free                      ? 
_refine.ls_wR_factor_R_work                      ? 
_refine.overall_FOM_free_R_set                   ? 
_refine.overall_FOM_work_R_set                   ? 
_refine.pdbx_refine_id                           'X-RAY DIFFRACTION' 
_refine.pdbx_diffrn_id                           1 
_refine.pdbx_TLS_residual_ADP_flag               ? 
_refine.pdbx_overall_phase_error                 ? 
_refine.pdbx_overall_SU_R_free_Cruickshank_DPI   ? 
_refine.pdbx_overall_SU_R_Blow_DPI               ? 
_refine.pdbx_overall_SU_R_free_Blow_DPI          ? 
# 
_refine_hist.pdbx_refine_id                   'X-RAY DIFFRACTION' 
_refine_hist.cycle_id                         LAST 
_refine_hist.pdbx_number_atoms_protein        1302 
_refine_hist.pdbx_number_atoms_nucleic_acid   0 
_refine_hist.pdbx_number_atoms_ligand         0 
_refine_hist.number_atoms_solvent             33 
_refine_hist.number_atoms_total               1335 
_refine_hist.d_res_high                       2.50 
_refine_hist.d_res_low                        48.80 
# 
loop_
_refine_ls_restr.type 
_refine_ls_restr.dev_ideal 
_refine_ls_restr.dev_ideal_target 
_refine_ls_restr.weight 
_refine_ls_restr.number 
_refine_ls_restr.pdbx_refine_id 
_refine_ls_restr.pdbx_restraint_function 
r_bond_refined_d         0.032 0.022 ? 1278 'X-RAY DIFFRACTION' ? 
r_bond_other_d           0.002 0.020 ? 1212 'X-RAY DIFFRACTION' ? 
r_angle_refined_deg      2.490 1.971 ? 1714 'X-RAY DIFFRACTION' ? 
r_angle_other_deg        1.200 3.000 ? 2790 'X-RAY DIFFRACTION' ? 
r_dihedral_angle_1_deg   8.328 5.000 ? 166  'X-RAY DIFFRACTION' ? 
r_dihedral_angle_2_deg   ?     ?     ? ?    'X-RAY DIFFRACTION' ? 
r_dihedral_angle_3_deg   ?     ?     ? ?    'X-RAY DIFFRACTION' ? 
r_dihedral_angle_4_deg   ?     ?     ? ?    'X-RAY DIFFRACTION' ? 
r_chiral_restr           0.141 0.200 ? 198  'X-RAY DIFFRACTION' ? 
r_gen_planes_refined     0.010 0.020 ? 1418 'X-RAY DIFFRACTION' ? 
r_gen_planes_other       0.008 0.020 ? 255  'X-RAY DIFFRACTION' ? 
r_nbd_refined            0.264 0.200 ? 274  'X-RAY DIFFRACTION' ? 
r_nbd_other              0.258 0.200 ? 1353 'X-RAY DIFFRACTION' ? 
r_nbtor_refined          ?     ?     ? ?    'X-RAY DIFFRACTION' ? 
r_nbtor_other            0.107 0.200 ? 824  'X-RAY DIFFRACTION' ? 
r_xyhbond_nbd_refined    0.249 0.200 ? 43   'X-RAY DIFFRACTION' ? 
r_xyhbond_nbd_other      ?     ?     ? ?    'X-RAY DIFFRACTION' ? 
r_metal_ion_refined      ?     ?     ? ?    'X-RAY DIFFRACTION' ? 
r_metal_ion_other        ?     ?     ? ?    'X-RAY DIFFRACTION' ? 
r_symmetry_vdw_refined   0.233 0.200 ? 10   'X-RAY DIFFRACTION' ? 
r_symmetry_vdw_other     0.291 0.200 ? 54   'X-RAY DIFFRACTION' ? 
r_symmetry_hbond_refined 0.303 0.200 ? 7    'X-RAY DIFFRACTION' ? 
r_symmetry_hbond_other   ?     ?     ? ?    'X-RAY DIFFRACTION' ? 
r_mcbond_it              1.268 1.500 ? 829  'X-RAY DIFFRACTION' ? 
r_mcbond_other           ?     ?     ? ?    'X-RAY DIFFRACTION' ? 
r_mcangle_it             2.232 2.000 ? 1319 'X-RAY DIFFRACTION' ? 
r_scbond_it              3.149 3.000 ? 449  'X-RAY DIFFRACTION' ? 
r_scangle_it             5.223 4.500 ? 395  'X-RAY DIFFRACTION' ? 
r_rigid_bond_restr       ?     ?     ? ?    'X-RAY DIFFRACTION' ? 
r_sphericity_free        ?     ?     ? ?    'X-RAY DIFFRACTION' ? 
r_sphericity_bonded      ?     ?     ? ?    'X-RAY DIFFRACTION' ? 
# 
_refine_ls_shell.pdbx_total_number_of_bins_used   20 
_refine_ls_shell.d_res_high                       2.500 
_refine_ls_shell.d_res_low                        2.565 
_refine_ls_shell.number_reflns_R_work             398 
_refine_ls_shell.R_factor_R_work                  0.228 
_refine_ls_shell.percent_reflns_obs               ? 
_refine_ls_shell.R_factor_R_free                  0.311 
_refine_ls_shell.R_factor_R_free_error            ? 
_refine_ls_shell.percent_reflns_R_free            ? 
_refine_ls_shell.number_reflns_R_free             38 
_refine_ls_shell.redundancy_reflns_obs            ? 
_refine_ls_shell.number_reflns_all                ? 
_refine_ls_shell.number_reflns_obs                ? 
_refine_ls_shell.pdbx_refine_id                   'X-RAY DIFFRACTION' 
_refine_ls_shell.R_factor_all                     ? 
# 
_struct.entry_id                  1T4O 
_struct.title                     'Crystal structure of rnt1p dsRBD' 
_struct.pdbx_model_details        ? 
_struct.pdbx_CASP_flag            ? 
_struct.pdbx_model_type_details   ? 
# 
_struct_keywords.entry_id        1T4O 
_struct_keywords.pdbx_keywords   HYDROLASE 
_struct_keywords.text            'Rnt1p, dsRBD, RNA-binding, HYDROLASE' 
# 
loop_
_struct_asym.id 
_struct_asym.pdbx_blank_PDB_chainid_flag 
_struct_asym.pdbx_modified 
_struct_asym.entity_id 
_struct_asym.details 
A N N 1 ? 
B N N 1 ? 
C N N 2 ? 
D N N 2 ? 
# 
loop_
_struct_conf.conf_type_id 
_struct_conf.id 
_struct_conf.pdbx_PDB_helix_id 
_struct_conf.beg_label_comp_id 
_struct_conf.beg_label_asym_id 
_struct_conf.beg_label_seq_id 
_struct_conf.pdbx_beg_PDB_ins_code 
_struct_conf.end_label_comp_id 
_struct_conf.end_label_asym_id 
_struct_conf.end_label_seq_id 
_struct_conf.pdbx_end_PDB_ins_code 
_struct_conf.beg_auth_comp_id 
_struct_conf.beg_auth_asym_id 
_struct_conf.beg_auth_seq_id 
_struct_conf.end_auth_comp_id 
_struct_conf.end_auth_asym_id 
_struct_conf.end_auth_seq_id 
_struct_conf.pdbx_PDB_helix_class 
_struct_conf.details 
_struct_conf.pdbx_PDB_helix_length 
HELX_P HELX_P1 1 ASN A 9  ? GLY A 19 ? ASN A 369 GLY A 379 1 ? 11 
HELX_P HELX_P2 2 TYR A 20 ? ARG A 24 ? TYR A 380 ARG A 384 5 ? 5  
HELX_P HELX_P3 3 ASN A 59 ? ASP A 74 ? ASN A 419 ASP A 434 1 ? 16 
HELX_P HELX_P4 4 ASP A 74 ? ALA A 82 ? ASP A 434 ALA A 442 1 ? 9  
HELX_P HELX_P5 5 ASN B 9  ? GLY B 19 ? ASN B 369 GLY B 379 1 ? 11 
HELX_P HELX_P6 6 ASN B 59 ? ASP B 74 ? ASN B 419 ASP B 434 1 ? 16 
HELX_P HELX_P7 7 ASP B 74 ? ALA B 86 ? ASP B 434 ALA B 446 1 ? 13 
# 
_struct_conf_type.id          HELX_P 
_struct_conf_type.criteria    ? 
_struct_conf_type.reference   ? 
# 
loop_
_struct_sheet.id 
_struct_sheet.type 
_struct_sheet.number_strands 
_struct_sheet.details 
A ? 3 ? 
B ? 3 ? 
# 
loop_
_struct_sheet_order.sheet_id 
_struct_sheet_order.range_id_1 
_struct_sheet_order.range_id_2 
_struct_sheet_order.offset 
_struct_sheet_order.sense 
A 1 2 ? anti-parallel 
A 2 3 ? anti-parallel 
B 1 2 ? anti-parallel 
B 2 3 ? anti-parallel 
# 
loop_
_struct_sheet_range.sheet_id 
_struct_sheet_range.id 
_struct_sheet_range.beg_label_comp_id 
_struct_sheet_range.beg_label_asym_id 
_struct_sheet_range.beg_label_seq_id 
_struct_sheet_range.pdbx_beg_PDB_ins_code 
_struct_sheet_range.end_label_comp_id 
_struct_sheet_range.end_label_asym_id 
_struct_sheet_range.end_label_seq_id 
_struct_sheet_range.pdbx_end_PDB_ins_code 
_struct_sheet_range.beg_auth_comp_id 
_struct_sheet_range.beg_auth_asym_id 
_struct_sheet_range.beg_auth_seq_id 
_struct_sheet_range.end_auth_comp_id 
_struct_sheet_range.end_auth_asym_id 
_struct_sheet_range.end_auth_seq_id 
A 1 HIS A 26 ? LYS A 31 ? HIS A 386 LYS A 391 
A 2 SER A 40 ? ARG A 45 ? SER A 400 ARG A 405 
A 3 VAL A 51 ? GLY A 57 ? VAL A 411 GLY A 417 
B 1 HIS B 26 ? LYS B 31 ? HIS B 386 LYS B 391 
B 2 SER B 40 ? ARG B 45 ? SER B 400 ARG B 405 
B 3 VAL B 51 ? GLY B 57 ? VAL B 411 GLY B 417 
# 
loop_
_pdbx_struct_sheet_hbond.sheet_id 
_pdbx_struct_sheet_hbond.range_id_1 
_pdbx_struct_sheet_hbond.range_id_2 
_pdbx_struct_sheet_hbond.range_1_label_atom_id 
_pdbx_struct_sheet_hbond.range_1_label_comp_id 
_pdbx_struct_sheet_hbond.range_1_label_asym_id 
_pdbx_struct_sheet_hbond.range_1_label_seq_id 
_pdbx_struct_sheet_hbond.range_1_PDB_ins_code 
_pdbx_struct_sheet_hbond.range_1_auth_atom_id 
_pdbx_struct_sheet_hbond.range_1_auth_comp_id 
_pdbx_struct_sheet_hbond.range_1_auth_asym_id 
_pdbx_struct_sheet_hbond.range_1_auth_seq_id 
_pdbx_struct_sheet_hbond.range_2_label_atom_id 
_pdbx_struct_sheet_hbond.range_2_label_comp_id 
_pdbx_struct_sheet_hbond.range_2_label_asym_id 
_pdbx_struct_sheet_hbond.range_2_label_seq_id 
_pdbx_struct_sheet_hbond.range_2_PDB_ins_code 
_pdbx_struct_sheet_hbond.range_2_auth_atom_id 
_pdbx_struct_sheet_hbond.range_2_auth_comp_id 
_pdbx_struct_sheet_hbond.range_2_auth_asym_id 
_pdbx_struct_sheet_hbond.range_2_auth_seq_id 
A 1 2 N HIS A 26 ? N HIS A 386 O ARG A 45 ? O ARG A 405 
A 2 3 N VAL A 42 ? N VAL A 402 O GLY A 55 ? O GLY A 415 
B 1 2 N HIS B 26 ? N HIS B 386 O ARG B 45 ? O ARG B 405 
B 2 3 N CYS B 44 ? N CYS B 404 O LEU B 52 ? O LEU B 412 
# 
_atom_sites.entry_id                    1T4O 
_atom_sites.fract_transf_matrix[1][1]   -0.00884783 
_atom_sites.fract_transf_matrix[1][2]   0.01319596 
_atom_sites.fract_transf_matrix[1][3]   0.00150665 
_atom_sites.fract_transf_matrix[2][1]   -0.01020827 
_atom_sites.fract_transf_matrix[2][2]   -0.00766293 
_atom_sites.fract_transf_matrix[2][3]   0.00716737 
_atom_sites.fract_transf_matrix[3][1]   0.00190661 
_atom_sites.fract_transf_matrix[3][2]   0.01260132 
_atom_sites.fract_transf_matrix[3][3]   0.01618812 
_atom_sites.fract_transf_vector[1]      0.255430 
_atom_sites.fract_transf_vector[2]      0.059025 
_atom_sites.fract_transf_vector[3]      0.395263 
# 
loop_
_atom_type.symbol 
C 
N 
O 
S 
# 
loop_
_atom_site.group_PDB 
_atom_site.id 
_atom_site.type_symbol 
_atom_site.label_atom_id 
_atom_site.label_alt_id 
_atom_site.label_comp_id 
_atom_site.label_asym_id 
_atom_site.label_entity_id 
_atom_site.label_seq_id 
_atom_site.pdbx_PDB_ins_code 
_atom_site.Cartn_x 
_atom_site.Cartn_y 
_atom_site.Cartn_z 
_atom_site.occupancy 
_atom_site.B_iso_or_equiv 
_atom_site.pdbx_formal_charge 
_atom_site.auth_seq_id 
_atom_site.auth_comp_id 
_atom_site.auth_asym_id 
_atom_site.auth_atom_id 
_atom_site.pdbx_PDB_model_num 
ATOM   1    N N   . THR A 1 3  ? 19.901  0.867   -21.104 1.00 70.79 ? 363 THR A N   1 
ATOM   2    C CA  . THR A 1 3  ? 18.669  1.746   -20.962 1.00 71.09 ? 363 THR A CA  1 
ATOM   3    C C   . THR A 1 3  ? 17.446  1.156   -20.171 1.00 70.38 ? 363 THR A C   1 
ATOM   4    O O   . THR A 1 3  ? 16.745  0.204   -20.645 1.00 72.11 ? 363 THR A O   1 
ATOM   5    C CB  . THR A 1 3  ? 18.205  2.306   -22.326 1.00 70.88 ? 363 THR A CB  1 
ATOM   6    O OG1 . THR A 1 3  ? 17.411  3.482   -22.087 1.00 72.17 ? 363 THR A OG1 1 
ATOM   7    C CG2 . THR A 1 3  ? 17.253  1.318   -23.140 1.00 70.92 ? 363 THR A CG2 1 
ATOM   8    N N   . ASP A 1 4  ? 17.154  1.737   -18.995 1.00 68.36 ? 364 ASP A N   1 
ATOM   9    C CA  . ASP A 1 4  ? 16.084  1.195   -18.130 1.00 66.87 ? 364 ASP A CA  1 
ATOM   10   C C   . ASP A 1 4  ? 15.049  2.271   -17.782 1.00 65.40 ? 364 ASP A C   1 
ATOM   11   O O   . ASP A 1 4  ? 14.836  2.616   -16.619 1.00 64.01 ? 364 ASP A O   1 
ATOM   12   C CB  . ASP A 1 4  ? 16.705  0.575   -16.891 1.00 67.63 ? 364 ASP A CB  1 
ATOM   13   C CG  . ASP A 1 4  ? 15.963  -0.591  -16.391 1.00 67.52 ? 364 ASP A CG  1 
ATOM   14   O OD1 . ASP A 1 4  ? 15.110  -1.005  -17.140 1.00 73.32 ? 364 ASP A OD1 1 
ATOM   15   O OD2 . ASP A 1 4  ? 16.151  -1.175  -15.306 1.00 68.18 ? 364 ASP A OD2 1 
ATOM   16   N N   . LYS A 1 5  ? 14.412  2.769   -18.852 1.00 63.79 ? 365 LYS A N   1 
ATOM   17   C CA  . LYS A 1 5  ? 13.524  3.926   -18.828 1.00 63.07 ? 365 LYS A CA  1 
ATOM   18   C C   . LYS A 1 5  ? 12.200  3.610   -18.008 1.00 60.74 ? 365 LYS A C   1 
ATOM   19   O O   . LYS A 1 5  ? 11.712  2.471   -18.026 1.00 60.67 ? 365 LYS A O   1 
ATOM   20   C CB  . LYS A 1 5  ? 13.264  4.357   -20.279 1.00 63.83 ? 365 LYS A CB  1 
ATOM   21   C CG  . LYS A 1 5  ? 13.245  5.842   -20.547 1.00 66.82 ? 365 LYS A CG  1 
ATOM   22   C CD  . LYS A 1 5  ? 14.415  6.287   -21.508 1.00 70.57 ? 365 LYS A CD  1 
ATOM   23   C CE  . LYS A 1 5  ? 15.123  7.619   -20.988 1.00 71.81 ? 365 LYS A CE  1 
ATOM   24   N NZ  . LYS A 1 5  ? 14.562  8.141   -19.632 1.00 67.96 ? 365 LYS A NZ  1 
ATOM   25   N N   . LEU A 1 6  ? 11.673  4.584   -17.268 1.00 57.37 ? 366 LEU A N   1 
ATOM   26   C CA  . LEU A 1 6  ? 10.709  4.257   -16.215 1.00 55.89 ? 366 LEU A CA  1 
ATOM   27   C C   . LEU A 1 6  ? 10.107  5.533   -15.577 1.00 54.05 ? 366 LEU A C   1 
ATOM   28   O O   . LEU A 1 6  ? 10.824  6.489   -15.226 1.00 52.07 ? 366 LEU A O   1 
ATOM   29   C CB  . LEU A 1 6  ? 11.369  3.327   -15.181 1.00 55.84 ? 366 LEU A CB  1 
ATOM   30   C CG  . LEU A 1 6  ? 10.833  3.081   -13.774 1.00 56.12 ? 366 LEU A CG  1 
ATOM   31   C CD1 . LEU A 1 6  ? 10.549  1.647   -13.636 1.00 55.58 ? 366 LEU A CD1 1 
ATOM   32   C CD2 . LEU A 1 6  ? 10.892  3.062   -12.626 0.00 59.97 ? 366 LEU A CD2 1 
ATOM   33   N N   . ASP A 1 7  ? 8.769   5.539   -15.477 1.00 52.97 ? 367 ASP A N   1 
ATOM   34   C CA  . ASP A 1 7  ? 7.972   6.658   -14.902 1.00 51.69 ? 367 ASP A CA  1 
ATOM   35   C C   . ASP A 1 7  ? 7.816   6.325   -13.438 1.00 49.97 ? 367 ASP A C   1 
ATOM   36   O O   . ASP A 1 7  ? 7.209   5.281   -13.129 1.00 49.79 ? 367 ASP A O   1 
ATOM   37   C CB  . ASP A 1 7  ? 6.606   6.719   -15.574 1.00 52.21 ? 367 ASP A CB  1 
ATOM   38   C CG  . ASP A 1 7  ? 5.612   7.736   -14.910 1.00 54.69 ? 367 ASP A CG  1 
ATOM   39   O OD1 . ASP A 1 7  ? 5.984   8.616   -14.079 1.00 52.13 ? 367 ASP A OD1 1 
ATOM   40   O OD2 . ASP A 1 7  ? 4.392   7.716   -15.238 1.00 60.71 ? 367 ASP A OD2 1 
ATOM   41   N N   . MET A 1 8  ? 8.430   7.163   -12.582 1.00 46.82 ? 368 MET A N   1 
ATOM   42   C CA  . MET A 1 8  ? 8.538   6.925   -11.148 1.00 46.48 ? 368 MET A CA  1 
ATOM   43   C C   . MET A 1 8  ? 7.225   7.316   -10.431 1.00 44.83 ? 368 MET A C   1 
ATOM   44   O O   . MET A 1 8  ? 7.026   7.017   -9.259  1.00 43.09 ? 368 MET A O   1 
ATOM   45   C CB  . MET A 1 8  ? 9.701   7.744   -10.537 1.00 46.29 ? 368 MET A CB  1 
ATOM   46   C CG  . MET A 1 8  ? 11.032  7.471   -11.219 1.00 49.93 ? 368 MET A CG  1 
ATOM   47   S SD  . MET A 1 8  ? 11.581  5.649   -11.116 1.00 51.02 ? 368 MET A SD  1 
ATOM   48   C CE  . MET A 1 8  ? 11.386  4.813   -12.506 0.00 61.54 ? 368 MET A CE  1 
ATOM   49   N N   . ASN A 1 9  ? 6.391   8.057   -11.142 1.00 43.07 ? 369 ASN A N   1 
ATOM   50   C CA  . ASN A 1 9  ? 5.062   8.332   -10.681 1.00 42.83 ? 369 ASN A CA  1 
ATOM   51   C C   . ASN A 1 9  ? 4.021   7.237   -11.017 1.00 41.59 ? 369 ASN A C   1 
ATOM   52   O O   . ASN A 1 9  ? 2.953   7.338   -10.540 1.00 40.80 ? 369 ASN A O   1 
ATOM   53   C CB  . ASN A 1 9  ? 4.586   9.673   -11.227 1.00 41.97 ? 369 ASN A CB  1 
ATOM   54   C CG  . ASN A 1 9  ? 5.075   10.825  -10.420 1.00 43.26 ? 369 ASN A CG  1 
ATOM   55   O OD1 . ASN A 1 9  ? 5.157   11.934  -10.945 1.00 48.41 ? 369 ASN A OD1 1 
ATOM   56   N ND2 . ASN A 1 9  ? 5.385   10.604  -9.122  1.00 44.45 ? 369 ASN A ND2 1 
ATOM   57   N N   . ALA A 1 10 ? 4.315   6.193   -11.793 1.00 41.07 ? 370 ALA A N   1 
ATOM   58   C CA  . ALA A 1 10 ? 3.245   5.173   -12.131 1.00 39.50 ? 370 ALA A CA  1 
ATOM   59   C C   . ALA A 1 10 ? 2.396   4.596   -10.963 1.00 38.20 ? 370 ALA A C   1 
ATOM   60   O O   . ALA A 1 10 ? 1.200   4.370   -11.089 1.00 38.32 ? 370 ALA A O   1 
ATOM   61   C CB  . ALA A 1 10 ? 3.892   3.994   -12.835 1.00 38.23 ? 370 ALA A CB  1 
ATOM   62   N N   . LYS A 1 11 ? 3.020   4.242   -9.862  1.00 35.97 ? 371 LYS A N   1 
ATOM   63   C CA  . LYS A 1 11 ? 2.251   3.691   -8.824  1.00 35.56 ? 371 LYS A CA  1 
ATOM   64   C C   . LYS A 1 11 ? 1.236   4.682   -8.317  1.00 34.79 ? 371 LYS A C   1 
ATOM   65   O O   . LYS A 1 11 ? 0.075   4.381   -8.167  1.00 33.11 ? 371 LYS A O   1 
ATOM   66   C CB  . LYS A 1 11 ? 3.154   3.237   -7.690  1.00 36.69 ? 371 LYS A CB  1 
ATOM   67   C CG  . LYS A 1 11 ? 4.030   1.983   -8.070  1.00 39.13 ? 371 LYS A CG  1 
ATOM   68   C CD  . LYS A 1 11 ? 4.083   1.076   -6.912  1.00 44.30 ? 371 LYS A CD  1 
ATOM   69   C CE  . LYS A 1 11 ? 5.325   0.176   -6.878  1.00 46.17 ? 371 LYS A CE  1 
ATOM   70   N NZ  . LYS A 1 11 ? 5.261   -0.869  -5.740  1.00 45.79 ? 371 LYS A NZ  1 
ATOM   71   N N   . ARG A 1 12 ? 1.757   5.845   -8.002  1.00 36.10 ? 372 ARG A N   1 
ATOM   72   C CA  . ARG A 1 12 ? 1.049   6.952   -7.448  1.00 37.12 ? 372 ARG A CA  1 
ATOM   73   C C   . ARG A 1 12 ? -0.105  7.313   -8.428  1.00 36.55 ? 372 ARG A C   1 
ATOM   74   O O   . ARG A 1 12 ? -1.189  7.655   -8.060  1.00 34.18 ? 372 ARG A O   1 
ATOM   75   C CB  . ARG A 1 12 ? 2.015   8.135   -7.271  1.00 37.57 ? 372 ARG A CB  1 
ATOM   76   C CG  . ARG A 1 12 ? 2.749   8.437   -5.888  1.00 42.52 ? 372 ARG A CG  1 
ATOM   77   C CD  . ARG A 1 12 ? 4.243   8.682   -6.034  1.00 50.95 ? 372 ARG A CD  1 
ATOM   78   N NE  . ARG A 1 12 ? 4.740   9.656   -5.094  1.00 64.48 ? 372 ARG A NE  1 
ATOM   79   C CZ  . ARG A 1 12 ? 4.688   11.021  -5.261  1.00 76.66 ? 372 ARG A CZ  1 
ATOM   80   N NH1 . ARG A 1 12 ? 4.142   11.613  -6.356  1.00 78.34 ? 372 ARG A NH1 1 
ATOM   81   N NH2 . ARG A 1 12 ? 5.219   11.815  -4.314  1.00 78.21 ? 372 ARG A NH2 1 
ATOM   82   N N   . GLN A 1 13 ? 0.184   7.295   -9.708  1.00 38.98 ? 373 GLN A N   1 
ATOM   83   C CA  . GLN A 1 13 ? -0.763  7.690   -10.716 1.00 40.53 ? 373 GLN A CA  1 
ATOM   84   C C   . GLN A 1 13 ? -1.870  6.589   -10.748 1.00 39.46 ? 373 GLN A C   1 
ATOM   85   O O   . GLN A 1 13 ? -3.041  6.891   -10.508 1.00 40.88 ? 373 GLN A O   1 
ATOM   86   C CB  . GLN A 1 13 ? -0.029  7.858   -12.013 1.00 40.61 ? 373 GLN A CB  1 
ATOM   87   C CG  . GLN A 1 13 ? -0.871  8.273   -13.235 1.00 50.47 ? 373 GLN A CG  1 
ATOM   88   C CD  . GLN A 1 13 ? -1.838  9.532   -13.087 1.00 57.20 ? 373 GLN A CD  1 
ATOM   89   O OE1 . GLN A 1 13 ? -1.457  10.714  -13.348 1.00 63.14 ? 373 GLN A OE1 1 
ATOM   90   N NE2 . GLN A 1 13 ? -3.086  9.246   -12.723 1.00 59.67 ? 373 GLN A NE2 1 
ATOM   91   N N   . LEU A 1 14 ? -1.508  5.312   -10.874 1.00 37.03 ? 374 LEU A N   1 
ATOM   92   C CA  . LEU A 1 14 ? -2.540  4.286   -10.826 1.00 36.13 ? 374 LEU A CA  1 
ATOM   93   C C   . LEU A 1 14 ? -3.413  4.340   -9.517  1.00 35.10 ? 374 LEU A C   1 
ATOM   94   O O   . LEU A 1 14 ? -4.669  4.119   -9.553  1.00 31.86 ? 374 LEU A O   1 
ATOM   95   C CB  . LEU A 1 14 ? -1.906  2.915   -10.969 1.00 36.68 ? 374 LEU A CB  1 
ATOM   96   C CG  . LEU A 1 14 ? -2.792  1.716   -11.116 1.00 28.90 ? 374 LEU A CG  1 
ATOM   97   C CD1 . LEU A 1 14 ? -3.270  1.719   -12.526 1.00 28.90 ? 374 LEU A CD1 1 
ATOM   98   C CD2 . LEU A 1 14 ? -1.901  0.582   -10.866 1.00 30.24 ? 374 LEU A CD2 1 
ATOM   99   N N   . TYR A 1 15 ? -2.790  4.678   -8.416  1.00 33.20 ? 375 TYR A N   1 
ATOM   100  C CA  . TYR A 1 15 ? -3.501  4.522   -7.157  1.00 35.35 ? 375 TYR A CA  1 
ATOM   101  C C   . TYR A 1 15 ? -4.484  5.601   -7.102  1.00 35.82 ? 375 TYR A C   1 
ATOM   102  O O   . TYR A 1 15 ? -5.521  5.435   -6.587  1.00 34.54 ? 375 TYR A O   1 
ATOM   103  C CB  . TYR A 1 15 ? -2.607  4.635   -5.935  1.00 35.06 ? 375 TYR A CB  1 
ATOM   104  C CG  . TYR A 1 15 ? -3.195  3.863   -4.798  1.00 39.09 ? 375 TYR A CG  1 
ATOM   105  C CD1 . TYR A 1 15 ? -3.001  2.484   -4.659  1.00 40.23 ? 375 TYR A CD1 1 
ATOM   106  C CD2 . TYR A 1 15 ? -3.964  4.514   -3.836  1.00 42.37 ? 375 TYR A CD2 1 
ATOM   107  C CE1 . TYR A 1 15 ? -3.550  1.813   -3.576  1.00 37.54 ? 375 TYR A CE1 1 
ATOM   108  C CE2 . TYR A 1 15 ? -4.532  3.862   -2.803  1.00 36.46 ? 375 TYR A CE2 1 
ATOM   109  C CZ  . TYR A 1 15 ? -4.366  2.556   -2.656  1.00 37.87 ? 375 TYR A CZ  1 
ATOM   110  O OH  . TYR A 1 15 ? -5.017  2.011   -1.538  1.00 35.30 ? 375 TYR A OH  1 
ATOM   111  N N   . SER A 1 16 ? -4.068  6.777   -7.564  1.00 36.92 ? 376 SER A N   1 
ATOM   112  C CA  . SER A 1 16 ? -4.949  7.957   -7.616  1.00 36.84 ? 376 SER A CA  1 
ATOM   113  C C   . SER A 1 16 ? -6.224  7.731   -8.477  1.00 36.56 ? 376 SER A C   1 
ATOM   114  O O   . SER A 1 16 ? -7.194  8.437   -8.277  1.00 36.51 ? 376 SER A O   1 
ATOM   115  C CB  . SER A 1 16 ? -4.173  9.124   -8.200  1.00 35.13 ? 376 SER A CB  1 
ATOM   116  O OG  . SER A 1 16 ? -3.208  9.535   -7.237  1.00 38.65 ? 376 SER A OG  1 
ATOM   117  N N   . LEU A 1 17 ? -6.187  6.821   -9.453  1.00 37.26 ? 377 LEU A N   1 
ATOM   118  C CA  . LEU A 1 17 ? -7.303  6.626   -10.410 1.00 38.47 ? 377 LEU A CA  1 
ATOM   119  C C   . LEU A 1 17 ? -8.230  5.507   -9.821  1.00 39.26 ? 377 LEU A C   1 
ATOM   120  O O   . LEU A 1 17 ? -9.456  5.715   -9.593  1.00 38.57 ? 377 LEU A O   1 
ATOM   121  C CB  . LEU A 1 17 ? -6.771  6.207   -11.755 1.00 38.64 ? 377 LEU A CB  1 
ATOM   122  C CG  . LEU A 1 17 ? -6.725  7.006   -13.072 1.00 39.72 ? 377 LEU A CG  1 
ATOM   123  C CD1 . LEU A 1 17 ? -7.294  8.318   -13.075 1.00 34.00 ? 377 LEU A CD1 1 
ATOM   124  C CD2 . LEU A 1 17 ? -5.316  7.138   -13.595 1.00 43.52 ? 377 LEU A CD2 1 
ATOM   125  N N   . ILE A 1 18 ? -7.603  4.388   -9.434  1.00 38.86 ? 378 ILE A N   1 
ATOM   126  C CA  . ILE A 1 18 ? -8.332  3.214   -9.000  1.00 38.91 ? 378 ILE A CA  1 
ATOM   127  C C   . ILE A 1 18 ? -7.972  2.622   -7.720  1.00 38.46 ? 378 ILE A C   1 
ATOM   128  O O   . ILE A 1 18 ? -8.478  1.534   -7.460  1.00 41.80 ? 378 ILE A O   1 
ATOM   129  C CB  . ILE A 1 18 ? -8.236  2.041   -9.993  1.00 38.34 ? 378 ILE A CB  1 
ATOM   130  C CG1 . ILE A 1 18 ? -6.891  1.336   -9.891  1.00 38.19 ? 378 ILE A CG1 1 
ATOM   131  C CG2 . ILE A 1 18 ? -8.524  2.525   -11.363 1.00 40.37 ? 378 ILE A CG2 1 
ATOM   132  C CD1 . ILE A 1 18 ? -6.666  0.405   -10.965 1.00 38.57 ? 378 ILE A CD1 1 
ATOM   133  N N   . GLY A 1 19 ? -7.246  3.304   -6.878  1.00 36.82 ? 379 GLY A N   1 
ATOM   134  C CA  . GLY A 1 19 ? -6.899  2.739   -5.579  1.00 36.39 ? 379 GLY A CA  1 
ATOM   135  C C   . GLY A 1 19 ? -7.950  2.991   -4.525  1.00 37.81 ? 379 GLY A C   1 
ATOM   136  O O   . GLY A 1 19 ? -7.618  3.471   -3.477  1.00 39.10 ? 379 GLY A O   1 
ATOM   137  N N   . TYR A 1 20 ? -9.220  2.626   -4.739  1.00 38.36 ? 380 TYR A N   1 
ATOM   138  C CA  . TYR A 1 20 ? -10.193 2.508   -3.628  1.00 37.85 ? 380 TYR A CA  1 
ATOM   139  C C   . TYR A 1 20 ? -9.764  1.548   -2.564  1.00 39.84 ? 380 TYR A C   1 
ATOM   140  O O   . TYR A 1 20 ? -9.303  0.526   -2.869  1.00 40.19 ? 380 TYR A O   1 
ATOM   141  C CB  . TYR A 1 20 ? -11.535 2.022   -4.165  1.00 37.08 ? 380 TYR A CB  1 
ATOM   142  C CG  . TYR A 1 20 ? -12.058 2.918   -5.253  1.00 33.58 ? 380 TYR A CG  1 
ATOM   143  C CD1 . TYR A 1 20 ? -12.403 4.199   -4.995  1.00 32.40 ? 380 TYR A CD1 1 
ATOM   144  C CD2 . TYR A 1 20 ? -12.084 2.494   -6.564  1.00 34.99 ? 380 TYR A CD2 1 
ATOM   145  C CE1 . TYR A 1 20 ? -12.894 5.059   -6.044  1.00 34.82 ? 380 TYR A CE1 1 
ATOM   146  C CE2 . TYR A 1 20 ? -12.562 3.300   -7.607  1.00 36.37 ? 380 TYR A CE2 1 
ATOM   147  C CZ  . TYR A 1 20 ? -12.929 4.605   -7.345  1.00 36.57 ? 380 TYR A CZ  1 
ATOM   148  O OH  . TYR A 1 20 ? -13.361 5.419   -8.359  1.00 36.65 ? 380 TYR A OH  1 
ATOM   149  N N   . ALA A 1 21 ? -9.917  1.877   -1.281  1.00 44.64 ? 381 ALA A N   1 
ATOM   150  C CA  . ALA A 1 21 ? -9.671  0.930   -0.149  1.00 45.26 ? 381 ALA A CA  1 
ATOM   151  C C   . ALA A 1 21 ? -10.411 -0.398  -0.346  1.00 47.47 ? 381 ALA A C   1 
ATOM   152  O O   . ALA A 1 21 ? -9.807  -1.493  -0.129  1.00 48.57 ? 381 ALA A O   1 
ATOM   153  C CB  . ALA A 1 21 ? -10.105 1.587   1.192   1.00 44.39 ? 381 ALA A CB  1 
ATOM   154  N N   . SER A 1 22 ? -11.692 -0.330  -0.772  1.00 49.17 ? 382 SER A N   1 
ATOM   155  C CA  . SER A 1 22 ? -12.503 -1.581  -0.985  1.00 51.06 ? 382 SER A CA  1 
ATOM   156  C C   . SER A 1 22 ? -11.896 -2.610  -2.029  1.00 51.91 ? 382 SER A C   1 
ATOM   157  O O   . SER A 1 22 ? -12.156 -3.837  -2.017  1.00 51.96 ? 382 SER A O   1 
ATOM   158  C CB  . SER A 1 22 ? -13.904 -1.209  -1.433  1.00 50.58 ? 382 SER A CB  1 
ATOM   159  O OG  . SER A 1 22 ? -13.858 -0.884  -2.787  1.00 52.80 ? 382 SER A OG  1 
ATOM   160  N N   . LEU A 1 23 ? -11.053 -2.079  -2.908  1.00 52.50 ? 383 LEU A N   1 
ATOM   161  C CA  . LEU A 1 23 ? -10.376 -2.828  -3.963  1.00 52.68 ? 383 LEU A CA  1 
ATOM   162  C C   . LEU A 1 23 ? -9.044  -3.494  -3.568  1.00 51.66 ? 383 LEU A C   1 
ATOM   163  O O   . LEU A 1 23 ? -8.583  -4.395  -4.239  1.00 52.73 ? 383 LEU A O   1 
ATOM   164  C CB  . LEU A 1 23 ? -10.142 -1.872  -5.109  1.00 52.84 ? 383 LEU A CB  1 
ATOM   165  C CG  . LEU A 1 23 ? -10.399 -2.290  -6.533  1.00 55.22 ? 383 LEU A CG  1 
ATOM   166  C CD1 . LEU A 1 23 ? -11.389 -3.443  -6.627  1.00 56.41 ? 383 LEU A CD1 1 
ATOM   167  C CD2 . LEU A 1 23 ? -10.853 -1.037  -7.340  1.00 54.70 ? 383 LEU A CD2 1 
ATOM   168  N N   . ARG A 1 24 ? -8.421  -3.075  -2.501  1.00 50.55 ? 384 ARG A N   1 
ATOM   169  C CA  . ARG A 1 24 ? -7.220  -3.798  -1.999  1.00 50.41 ? 384 ARG A CA  1 
ATOM   170  C C   . ARG A 1 24 ? -6.113  -4.008  -3.027  1.00 49.06 ? 384 ARG A C   1 
ATOM   171  O O   . ARG A 1 24 ? -5.542  -5.106  -3.282  1.00 49.55 ? 384 ARG A O   1 
ATOM   172  C CB  . ARG A 1 24 ? -7.637  -5.084  -1.300  1.00 50.90 ? 384 ARG A CB  1 
ATOM   173  C CG  . ARG A 1 24 ? -8.787  -4.815  -0.332  1.00 55.94 ? 384 ARG A CG  1 
ATOM   174  C CD  . ARG A 1 24 ? -9.333  -6.040  0.331   1.00 58.58 ? 384 ARG A CD  1 
ATOM   175  N NE  . ARG A 1 24 ? -8.223  -6.950  0.461   1.00 62.98 ? 384 ARG A NE  1 
ATOM   176  C CZ  . ARG A 1 24 ? -8.224  -8.212  0.103   1.00 65.76 ? 384 ARG A CZ  1 
ATOM   177  N NH1 . ARG A 1 24 ? -9.321  -8.764  -0.433  1.00 69.34 ? 384 ARG A NH1 1 
ATOM   178  N NH2 . ARG A 1 24 ? -7.126  -8.935  0.334   1.00 64.63 ? 384 ARG A NH2 1 
ATOM   179  N N   . LEU A 1 25 ? -5.757  -2.888  -3.593  1.00 48.03 ? 385 LEU A N   1 
ATOM   180  C CA  . LEU A 1 25 ? -4.849  -2.870  -4.697  1.00 46.98 ? 385 LEU A CA  1 
ATOM   181  C C   . LEU A 1 25 ? -3.502  -3.149  -4.071  1.00 46.61 ? 385 LEU A C   1 
ATOM   182  O O   . LEU A 1 25 ? -3.131  -2.477  -3.110  1.00 47.12 ? 385 LEU A O   1 
ATOM   183  C CB  . LEU A 1 25 ? -4.950  -1.495  -5.377  1.00 46.16 ? 385 LEU A CB  1 
ATOM   184  C CG  . LEU A 1 25 ? -4.173  -1.528  -6.635  1.00 47.03 ? 385 LEU A CG  1 
ATOM   185  C CD1 . LEU A 1 25 ? -4.770  -0.521  -7.594  1.00 50.72 ? 385 LEU A CD1 1 
ATOM   186  C CD2 . LEU A 1 25 ? -2.711  -1.272  -6.248  1.00 49.44 ? 385 LEU A CD2 1 
ATOM   187  N N   . HIS A 1 26 ? -2.770  -4.145  -4.553  1.00 45.68 ? 386 HIS A N   1 
ATOM   188  C CA  . HIS A 1 26 ? -1.526  -4.509  -3.869  1.00 44.44 ? 386 HIS A CA  1 
ATOM   189  C C   . HIS A 1 26 ? -0.485  -5.065  -4.854  1.00 43.55 ? 386 HIS A C   1 
ATOM   190  O O   . HIS A 1 26 ? -0.844  -5.454  -5.895  1.00 41.87 ? 386 HIS A O   1 
ATOM   191  C CB  . HIS A 1 26 ? -1.834  -5.422  -2.691  1.00 45.11 ? 386 HIS A CB  1 
ATOM   192  C CG  . HIS A 1 26 ? -2.461  -6.739  -3.047  1.00 46.81 ? 386 HIS A CG  1 
ATOM   193  N ND1 . HIS A 1 26 ? -3.650  -6.850  -3.762  1.00 45.02 ? 386 HIS A ND1 1 
ATOM   194  C CD2 . HIS A 1 26 ? -2.083  -8.003  -2.729  1.00 45.72 ? 386 HIS A CD2 1 
ATOM   195  C CE1 . HIS A 1 26 ? -3.931  -8.134  -3.913  1.00 43.66 ? 386 HIS A CE1 1 
ATOM   196  N NE2 . HIS A 1 26 ? -2.979  -8.846  -3.329  1.00 46.27 ? 386 HIS A NE2 1 
ATOM   197  N N   . TYR A 1 27 ? 0.811   -4.917  -4.560  1.00 42.70 ? 387 TYR A N   1 
ATOM   198  C CA  . TYR A 1 27 ? 1.876   -5.400  -5.393  1.00 41.75 ? 387 TYR A CA  1 
ATOM   199  C C   . TYR A 1 27 ? 2.371   -6.691  -4.808  1.00 42.36 ? 387 TYR A C   1 
ATOM   200  O O   . TYR A 1 27 ? 2.460   -6.798  -3.638  1.00 44.61 ? 387 TYR A O   1 
ATOM   201  C CB  . TYR A 1 27 ? 2.939   -4.351  -5.440  1.00 41.01 ? 387 TYR A CB  1 
ATOM   202  C CG  . TYR A 1 27 ? 2.486   -3.233  -6.254  1.00 38.90 ? 387 TYR A CG  1 
ATOM   203  C CD1 . TYR A 1 27 ? 2.675   -3.227  -7.632  1.00 37.93 ? 387 TYR A CD1 1 
ATOM   204  C CD2 . TYR A 1 27 ? 1.736   -2.210  -5.678  1.00 36.85 ? 387 TYR A CD2 1 
ATOM   205  C CE1 . TYR A 1 27 ? 2.227   -2.175  -8.379  1.00 37.91 ? 387 TYR A CE1 1 
ATOM   206  C CE2 . TYR A 1 27 ? 1.199   -1.222  -6.403  1.00 35.22 ? 387 TYR A CE2 1 
ATOM   207  C CZ  . TYR A 1 27 ? 1.449   -1.153  -7.754  1.00 39.41 ? 387 TYR A CZ  1 
ATOM   208  O OH  . TYR A 1 27 ? 0.940   -0.049  -8.466  1.00 43.08 ? 387 TYR A OH  1 
ATOM   209  N N   . VAL A 1 28 ? 2.550   -7.759  -5.558  1.00 43.51 ? 388 VAL A N   1 
ATOM   210  C CA  . VAL A 1 28 ? 3.035   -8.996  -4.894  1.00 42.79 ? 388 VAL A CA  1 
ATOM   211  C C   . VAL A 1 28 ? 4.109   -9.570  -5.699  1.00 42.60 ? 388 VAL A C   1 
ATOM   212  O O   . VAL A 1 28 ? 4.012   -9.706  -6.891  1.00 40.82 ? 388 VAL A O   1 
ATOM   213  C CB  . VAL A 1 28 ? 1.988   -10.142 -4.478  1.00 43.19 ? 388 VAL A CB  1 
ATOM   214  C CG1 . VAL A 1 28 ? 0.523   -9.720  -4.457  1.00 43.34 ? 388 VAL A CG1 1 
ATOM   215  C CG2 . VAL A 1 28 ? 2.257   -11.560 -5.183  1.00 42.19 ? 388 VAL A CG2 1 
ATOM   216  N N   . THR A 1 29 ? 5.179   -9.906  -5.025  1.00 43.86 ? 389 THR A N   1 
ATOM   217  C CA  . THR A 1 29 ? 6.335   -10.406 -5.745  1.00 45.49 ? 389 THR A CA  1 
ATOM   218  C C   . THR A 1 29 ? 6.136   -11.842 -6.111  1.00 45.93 ? 389 THR A C   1 
ATOM   219  O O   . THR A 1 29 ? 6.045   -12.644 -5.219  1.00 44.68 ? 389 THR A O   1 
ATOM   220  C CB  . THR A 1 29 ? 7.565   -10.225 -4.912  1.00 44.56 ? 389 THR A CB  1 
ATOM   221  O OG1 . THR A 1 29 ? 8.062   -8.944  -5.219  1.00 50.07 ? 389 THR A OG1 1 
ATOM   222  C CG2 . THR A 1 29 ? 8.710   -11.083 -5.402  1.00 45.70 ? 389 THR A CG2 1 
ATOM   223  N N   . VAL A 1 30 ? 6.069   -12.169 -7.402  1.00 47.14 ? 390 VAL A N   1 
ATOM   224  C CA  . VAL A 1 30 ? 5.776   -13.568 -7.748  1.00 49.62 ? 390 VAL A CA  1 
ATOM   225  C C   . VAL A 1 30 ? 6.968   -14.441 -8.185  1.00 51.60 ? 390 VAL A C   1 
ATOM   226  O O   . VAL A 1 30 ? 6.830   -15.682 -8.394  1.00 51.93 ? 390 VAL A O   1 
ATOM   227  C CB  . VAL A 1 30 ? 4.561   -13.665 -8.751  1.00 48.41 ? 390 VAL A CB  1 
ATOM   228  C CG1 . VAL A 1 30 ? 3.436   -13.065 -8.094  1.00 52.12 ? 390 VAL A CG1 1 
ATOM   229  C CG2 . VAL A 1 30 ? 4.760   -12.933 -10.005 1.00 46.76 ? 390 VAL A CG2 1 
ATOM   230  N N   . LYS A 1 31 ? 8.100   -13.764 -8.369  1.00 54.06 ? 391 LYS A N   1 
ATOM   231  C CA  . LYS A 1 31 ? 9.409   -14.379 -8.551  1.00 55.02 ? 391 LYS A CA  1 
ATOM   232  C C   . LYS A 1 31 ? 10.317  -13.350 -8.004  1.00 55.24 ? 391 LYS A C   1 
ATOM   233  O O   . LYS A 1 31 ? 10.404  -12.279 -8.569  1.00 54.61 ? 391 LYS A O   1 
ATOM   234  C CB  . LYS A 1 31 ? 9.760   -14.646 -10.024 1.00 56.28 ? 391 LYS A CB  1 
ATOM   235  C CG  . LYS A 1 31 ? 11.226  -14.241 -10.421 1.00 56.67 ? 391 LYS A CG  1 
ATOM   236  C CD  . LYS A 1 31 ? 11.990  -15.300 -11.124 1.00 56.76 ? 391 LYS A CD  1 
ATOM   237  C CE  . LYS A 1 31 ? 13.453  -15.298 -10.723 1.00 61.29 ? 391 LYS A CE  1 
ATOM   238  N NZ  . LYS A 1 31 ? 14.155  -13.982 -10.963 1.00 62.88 ? 391 LYS A NZ  1 
ATOM   239  N N   . LYS A 1 32 ? 10.945  -13.694 -6.878  1.00 56.94 ? 392 LYS A N   1 
ATOM   240  C CA  . LYS A 1 32 ? 11.881  -12.852 -6.155  1.00 57.86 ? 392 LYS A CA  1 
ATOM   241  C C   . LYS A 1 32 ? 13.212  -13.134 -6.850  1.00 58.50 ? 392 LYS A C   1 
ATOM   242  O O   . LYS A 1 32 ? 13.396  -14.222 -7.327  1.00 58.67 ? 392 LYS A O   1 
ATOM   243  C CB  . LYS A 1 32 ? 11.887  -13.227 -4.635  1.00 57.86 ? 392 LYS A CB  1 
ATOM   244  C CG  . LYS A 1 32 ? 12.743  -12.285 -3.810  0.00 59.74 ? 392 LYS A CG  1 
ATOM   245  C CD  . LYS A 1 32 ? 12.599  -12.584 -2.328  0.00 65.61 ? 392 LYS A CD  1 
ATOM   246  C CE  . LYS A 1 32 ? 13.567  -11.756 -1.501  0.00 70.49 ? 392 LYS A CE  1 
ATOM   247  N NZ  . LYS A 1 32 ? 13.437  -12.038 -0.046  0.00 66.57 ? 392 LYS A NZ  1 
ATOM   248  N N   . PRO A 1 33 ? 14.134  -12.204 -6.946  1.00 58.82 ? 393 PRO A N   1 
ATOM   249  C CA  . PRO A 1 33 ? 15.329  -12.504 -7.731  1.00 60.25 ? 393 PRO A CA  1 
ATOM   250  C C   . PRO A 1 33 ? 16.352  -13.434 -6.964  1.00 60.56 ? 393 PRO A C   1 
ATOM   251  O O   . PRO A 1 33 ? 16.393  -13.499 -5.733  1.00 61.86 ? 393 PRO A O   1 
ATOM   252  C CB  . PRO A 1 33 ? 15.913  -11.088 -8.101  1.00 59.62 ? 393 PRO A CB  1 
ATOM   253  C CG  . PRO A 1 33 ? 15.523  -10.228 -6.973  1.00 59.73 ? 393 PRO A CG  1 
ATOM   254  C CD  . PRO A 1 33 ? 14.207  -10.880 -6.323  1.00 59.14 ? 393 PRO A CD  1 
ATOM   255  N N   . THR A 1 34 ? 17.194  -14.120 -7.725  1.00 60.16 ? 394 THR A N   1 
ATOM   256  C CA  . THR A 1 34 ? 18.164  -15.077 -7.182  1.00 59.17 ? 394 THR A CA  1 
ATOM   257  C C   . THR A 1 34 ? 19.486  -14.930 -7.918  1.00 58.99 ? 394 THR A C   1 
ATOM   258  O O   . THR A 1 34 ? 19.618  -14.204 -8.949  1.00 56.71 ? 394 THR A O   1 
ATOM   259  C CB  . THR A 1 34 ? 17.644  -16.598 -7.314  1.00 59.37 ? 394 THR A CB  1 
ATOM   260  O OG1 . THR A 1 34 ? 17.498  -17.010 -8.707  1.00 56.27 ? 394 THR A OG1 1 
ATOM   261  C CG2 . THR A 1 34 ? 16.269  -16.825 -6.606  1.00 55.08 ? 394 THR A CG2 1 
ATOM   262  N N   . ALA A 1 35 ? 20.466  -15.671 -7.405  1.00 59.70 ? 395 ALA A N   1 
ATOM   263  C CA  . ALA A 1 35 ? 21.773  -15.757 -8.099  1.00 59.73 ? 395 ALA A CA  1 
ATOM   264  C C   . ALA A 1 35 ? 21.602  -16.531 -9.391  1.00 59.54 ? 395 ALA A C   1 
ATOM   265  O O   . ALA A 1 35 ? 22.152  -16.129 -10.397 1.00 59.15 ? 395 ALA A O   1 
ATOM   266  C CB  . ALA A 1 35 ? 22.772  -16.387 -7.265  1.00 59.32 ? 395 ALA A CB  1 
ATOM   267  N N   . VAL A 1 36 ? 20.796  -17.610 -9.361  1.00 60.52 ? 396 VAL A N   1 
ATOM   268  C CA  . VAL A 1 36 ? 20.506  -18.380 -10.604 1.00 61.38 ? 396 VAL A CA  1 
ATOM   269  C C   . VAL A 1 36 ? 19.609  -17.589 -11.628 1.00 61.48 ? 396 VAL A C   1 
ATOM   270  O O   . VAL A 1 36 ? 19.852  -17.649 -12.868 1.00 63.31 ? 396 VAL A O   1 
ATOM   271  C CB  . VAL A 1 36 ? 20.002  -19.869 -10.361 1.00 61.22 ? 396 VAL A CB  1 
ATOM   272  C CG1 . VAL A 1 36 ? 19.797  -20.174 -8.933  1.00 62.52 ? 396 VAL A CG1 1 
ATOM   273  C CG2 . VAL A 1 36 ? 18.707  -20.178 -11.148 1.00 62.97 ? 396 VAL A CG2 1 
ATOM   274  N N   . ASP A 1 37 ? 18.582  -16.875 -11.134 1.00 60.53 ? 397 ASP A N   1 
ATOM   275  C CA  . ASP A 1 37 ? 17.866  -15.874 -11.958 1.00 59.56 ? 397 ASP A CA  1 
ATOM   276  C C   . ASP A 1 37 ? 17.650  -14.410 -11.388 1.00 58.87 ? 397 ASP A C   1 
ATOM   277  O O   . ASP A 1 37 ? 16.766  -14.200 -10.565 1.00 55.94 ? 397 ASP A O   1 
ATOM   278  C CB  . ASP A 1 37 ? 16.520  -16.433 -12.367 1.00 59.63 ? 397 ASP A CB  1 
ATOM   279  C CG  . ASP A 1 37 ? 15.861  -15.577 -13.392 1.00 57.75 ? 397 ASP A CG  1 
ATOM   280  O OD1 . ASP A 1 37 ? 16.602  -14.748 -14.005 1.00 59.69 ? 397 ASP A OD1 1 
ATOM   281  O OD2 . ASP A 1 37 ? 14.636  -15.658 -13.627 1.00 55.69 ? 397 ASP A OD2 1 
ATOM   282  N N   . PRO A 1 38 ? 18.441  -13.421 -11.855 1.00 58.38 ? 398 PRO A N   1 
ATOM   283  C CA  . PRO A 1 38 ? 18.362  -12.028 -11.320 1.00 59.12 ? 398 PRO A CA  1 
ATOM   284  C C   . PRO A 1 38 ? 17.026  -11.233 -11.498 1.00 58.15 ? 398 PRO A C   1 
ATOM   285  O O   . PRO A 1 38 ? 16.829  -10.230 -10.743 1.00 59.45 ? 398 PRO A O   1 
ATOM   286  C CB  . PRO A 1 38 ? 19.501  -11.285 -12.047 1.00 59.05 ? 398 PRO A CB  1 
ATOM   287  C CG  . PRO A 1 38 ? 19.786  -12.143 -13.291 1.00 59.36 ? 398 PRO A CG  1 
ATOM   288  C CD  . PRO A 1 38 ? 19.504  -13.559 -12.854 1.00 58.02 ? 398 PRO A CD  1 
ATOM   289  N N   . ASN A 1 39 ? 16.159  -11.657 -12.450 1.00 56.04 ? 399 ASN A N   1 
ATOM   290  C CA  . ASN A 1 39 ? 14.898  -10.984 -12.755 1.00 52.65 ? 399 ASN A CA  1 
ATOM   291  C C   . ASN A 1 39 ? 13.968  -11.030 -11.630 1.00 49.89 ? 399 ASN A C   1 
ATOM   292  O O   . ASN A 1 39 ? 13.958  -11.978 -10.867 1.00 46.97 ? 399 ASN A O   1 
ATOM   293  C CB  . ASN A 1 39 ? 14.242  -11.573 -13.969 1.00 53.46 ? 399 ASN A CB  1 
ATOM   294  C CG  . ASN A 1 39 ? 14.735  -10.914 -15.212 1.00 55.78 ? 399 ASN A CG  1 
ATOM   295  O OD1 . ASN A 1 39 ? 15.383  -9.813  -15.164 1.00 63.29 ? 399 ASN A OD1 1 
ATOM   296  N ND2 . ASN A 1 39 ? 14.543  -11.562 -16.286 1.00 47.98 ? 399 ASN A ND2 1 
ATOM   297  N N   . SER A 1 40 ? 13.256  -9.925  -11.475 1.00 47.92 ? 400 SER A N   1 
ATOM   298  C CA  . SER A 1 40 ? 12.183  -9.858  -10.496 1.00 47.54 ? 400 SER A CA  1 
ATOM   299  C C   . SER A 1 40 ? 10.873  -9.707  -11.270 1.00 46.40 ? 400 SER A C   1 
ATOM   300  O O   . SER A 1 40 ? 10.782  -8.966  -12.227 1.00 46.11 ? 400 SER A O   1 
ATOM   301  C CB  . SER A 1 40 ? 12.410  -8.711  -9.540  1.00 47.99 ? 400 SER A CB  1 
ATOM   302  O OG  . SER A 1 40 ? 13.783  -8.635  -9.152  1.00 46.34 ? 400 SER A OG  1 
ATOM   303  N N   . ILE A 1 41 ? 9.885   -10.498 -10.934 1.00 45.51 ? 401 ILE A N   1 
ATOM   304  C CA  . ILE A 1 41 ? 8.610   -10.291 -11.552 1.00 44.70 ? 401 ILE A CA  1 
ATOM   305  C C   . ILE A 1 41 ? 7.627   -9.963  -10.479 1.00 43.50 ? 401 ILE A C   1 
ATOM   306  O O   . ILE A 1 41 ? 7.562   -10.652 -9.486  1.00 43.96 ? 401 ILE A O   1 
ATOM   307  C CB  . ILE A 1 41 ? 8.209   -11.485 -12.386 1.00 44.18 ? 401 ILE A CB  1 
ATOM   308  C CG1 . ILE A 1 41 ? 9.205   -11.702 -13.530 1.00 44.02 ? 401 ILE A CG1 1 
ATOM   309  C CG2 . ILE A 1 41 ? 6.908   -11.217 -12.991 1.00 45.49 ? 401 ILE A CG2 1 
ATOM   310  C CD1 . ILE A 1 41 ? 9.365   -13.133 -13.891 1.00 44.24 ? 401 ILE A CD1 1 
ATOM   311  N N   . VAL A 1 42 ? 6.895   -8.885  -10.688 1.00 43.21 ? 402 VAL A N   1 
ATOM   312  C CA  . VAL A 1 42 ? 5.885   -8.399  -9.732  1.00 43.52 ? 402 VAL A CA  1 
ATOM   313  C C   . VAL A 1 42 ? 4.538   -8.201  -10.398 1.00 42.14 ? 402 VAL A C   1 
ATOM   314  O O   . VAL A 1 42 ? 4.503   -7.659  -11.462 1.00 42.65 ? 402 VAL A O   1 
ATOM   315  C CB  . VAL A 1 42 ? 6.340   -7.031  -9.103  1.00 42.91 ? 402 VAL A CB  1 
ATOM   316  C CG1 . VAL A 1 42 ? 5.414   -6.669  -8.071  1.00 43.47 ? 402 VAL A CG1 1 
ATOM   317  C CG2 . VAL A 1 42 ? 7.779   -7.100  -8.418  1.00 43.10 ? 402 VAL A CG2 1 
ATOM   318  N N   . GLU A 1 43 ? 3.448   -8.627  -9.786  1.00 42.37 ? 403 GLU A N   1 
ATOM   319  C CA  . GLU A 1 43 ? 2.084   -8.289  -10.293 1.00 43.16 ? 403 GLU A CA  1 
ATOM   320  C C   . GLU A 1 43 ? 1.375   -7.216  -9.481  1.00 42.09 ? 403 GLU A C   1 
ATOM   321  O O   . GLU A 1 43 ? 1.520   -7.129  -8.287  1.00 41.59 ? 403 GLU A O   1 
ATOM   322  C CB  . GLU A 1 43 ? 1.187   -9.496  -10.320 1.00 43.48 ? 403 GLU A CB  1 
ATOM   323  C CG  . GLU A 1 43 ? 1.778   -10.618 -11.146 1.00 45.17 ? 403 GLU A CG  1 
ATOM   324  C CD  . GLU A 1 43 ? 1.080   -11.932 -10.963 1.00 46.89 ? 403 GLU A CD  1 
ATOM   325  O OE1 . GLU A 1 43 ? 0.446   -12.166 -9.857  1.00 48.57 ? 403 GLU A OE1 1 
ATOM   326  O OE2 . GLU A 1 43 ? 1.254   -12.746 -11.917 1.00 49.67 ? 403 GLU A OE2 1 
ATOM   327  N N   . CYS A 1 44 ? 0.642   -6.362  -10.150 1.00 41.29 ? 404 CYS A N   1 
ATOM   328  C CA  . CYS A 1 44 ? -0.189  -5.408  -9.447  1.00 41.52 ? 404 CYS A CA  1 
ATOM   329  C C   . CYS A 1 44 ? -1.576  -6.082  -9.429  1.00 41.69 ? 404 CYS A C   1 
ATOM   330  O O   . CYS A 1 44 ? -2.083  -6.467  -10.508 1.00 40.78 ? 404 CYS A O   1 
ATOM   331  C CB  . CYS A 1 44 ? -0.207  -4.047  -10.238 1.00 42.04 ? 404 CYS A CB  1 
ATOM   332  S SG  . CYS A 1 44 ? -1.637  -3.076  -9.669  1.00 43.18 ? 404 CYS A SG  1 
ATOM   333  N N   . ARG A 1 45 ? -2.138  -6.324  -8.246  1.00 42.70 ? 405 ARG A N   1 
ATOM   334  C CA  . ARG A 1 45 ? -3.381  -7.111  -8.096  1.00 43.96 ? 405 ARG A CA  1 
ATOM   335  C C   . ARG A 1 45 ? -4.409  -6.336  -7.339  1.00 42.29 ? 405 ARG A C   1 
ATOM   336  O O   . ARG A 1 45 ? -4.051  -5.496  -6.569  1.00 40.31 ? 405 ARG A O   1 
ATOM   337  C CB  . ARG A 1 45 ? -3.148  -8.464  -7.338  1.00 44.86 ? 405 ARG A CB  1 
ATOM   338  C CG  . ARG A 1 45 ? -2.120  -9.409  -7.954  1.00 48.26 ? 405 ARG A CG  1 
ATOM   339  C CD  . ARG A 1 45 ? -2.213  -10.830 -7.380  1.00 49.72 ? 405 ARG A CD  1 
ATOM   340  N NE  . ARG A 1 45 ? -1.030  -11.634 -7.697  1.00 54.59 ? 405 ARG A NE  1 
ATOM   341  C CZ  . ARG A 1 45 ? -0.579  -12.670 -6.941  1.00 56.35 ? 405 ARG A CZ  1 
ATOM   342  N NH1 . ARG A 1 45 ? -1.162  -13.014 -5.789  1.00 53.39 ? 405 ARG A NH1 1 
ATOM   343  N NH2 . ARG A 1 45 ? 0.520   -13.315 -7.323  1.00 53.97 ? 405 ARG A NH2 1 
ATOM   344  N N   . VAL A 1 46 ? -5.670  -6.671  -7.561  1.00 43.12 ? 406 VAL A N   1 
ATOM   345  C CA  . VAL A 1 46 ? -6.764  -6.307  -6.685  1.00 44.97 ? 406 VAL A CA  1 
ATOM   346  C C   . VAL A 1 46 ? -7.073  -7.390  -5.673  1.00 46.28 ? 406 VAL A C   1 
ATOM   347  O O   . VAL A 1 46 ? -6.397  -8.418  -5.641  1.00 47.10 ? 406 VAL A O   1 
ATOM   348  C CB  . VAL A 1 46 ? -7.987  -5.863  -7.424  1.00 45.28 ? 406 VAL A CB  1 
ATOM   349  C CG1 . VAL A 1 46 ? -7.780  -4.370  -7.826  1.00 45.23 ? 406 VAL A CG1 1 
ATOM   350  C CG2 . VAL A 1 46 ? -8.247  -6.695  -8.617  1.00 46.29 ? 406 VAL A CG2 1 
ATOM   351  N N   . GLY A 1 47 ? -7.996  -7.130  -4.753  1.00 47.62 ? 407 GLY A N   1 
ATOM   352  C CA  . GLY A 1 47 ? -8.244  -8.094  -3.681  1.00 48.94 ? 407 GLY A CA  1 
ATOM   353  C C   . GLY A 1 47 ? -8.764  -9.485  -4.076  1.00 48.89 ? 407 GLY A C   1 
ATOM   354  O O   . GLY A 1 47 ? -8.418  -10.500 -3.508  1.00 49.12 ? 407 GLY A O   1 
ATOM   355  N N   . ASP A 1 48 ? -9.581  -9.519  -5.097  1.00 49.72 ? 408 ASP A N   1 
ATOM   356  C CA  . ASP A 1 48 ? -10.129 -10.743 -5.558  1.00 50.39 ? 408 ASP A CA  1 
ATOM   357  C C   . ASP A 1 48 ? -9.119  -11.529 -6.407  1.00 51.05 ? 408 ASP A C   1 
ATOM   358  O O   . ASP A 1 48 ? -9.554  -12.404 -7.131  1.00 52.59 ? 408 ASP A O   1 
ATOM   359  C CB  . ASP A 1 48 ? -11.392 -10.426 -6.386  1.00 50.45 ? 408 ASP A CB  1 
ATOM   360  C CG  . ASP A 1 48 ? -11.062 -10.168 -7.835  1.00 50.56 ? 408 ASP A CG  1 
ATOM   361  O OD1 . ASP A 1 48 ? -9.842  -10.107 -8.113  1.00 47.97 ? 408 ASP A OD1 1 
ATOM   362  O OD2 . ASP A 1 48 ? -11.920 -9.967  -8.733  1.00 48.27 ? 408 ASP A OD2 1 
ATOM   363  N N   . GLY A 1 49 ? -7.813  -11.179 -6.377  1.00 50.78 ? 409 GLY A N   1 
ATOM   364  C CA  . GLY A 1 49 ? -6.728  -11.764 -7.179  1.00 48.40 ? 409 GLY A CA  1 
ATOM   365  C C   . GLY A 1 49 ? -6.471  -11.349 -8.650  1.00 48.37 ? 409 GLY A C   1 
ATOM   366  O O   . GLY A 1 49 ? -5.366  -11.748 -9.199  1.00 47.87 ? 409 GLY A O   1 
ATOM   367  N N   . THR A 1 50 ? -7.392  -10.575 -9.305  1.00 46.00 ? 410 THR A N   1 
ATOM   368  C CA  . THR A 1 50 ? -7.232  -10.341 -10.726 1.00 44.66 ? 410 THR A CA  1 
ATOM   369  C C   . THR A 1 50 ? -6.029  -9.424  -10.895 1.00 44.98 ? 410 THR A C   1 
ATOM   370  O O   . THR A 1 50 ? -5.814  -8.573  -10.072 1.00 46.11 ? 410 THR A O   1 
ATOM   371  C CB  . THR A 1 50 ? -8.555  -9.923  -11.518 1.00 44.77 ? 410 THR A CB  1 
ATOM   372  O OG1 . THR A 1 50 ? -8.340  -8.858  -12.492 1.00 39.35 ? 410 THR A OG1 1 
ATOM   373  C CG2 . THR A 1 50 ? -9.673  -9.432  -10.649 1.00 44.79 ? 410 THR A CG2 1 
ATOM   374  N N   . VAL A 1 51 ? -5.208  -9.693  -11.917 1.00 43.27 ? 411 VAL A N   1 
ATOM   375  C CA  . VAL A 1 51 ? -3.944  -9.028  -12.173 1.00 42.55 ? 411 VAL A CA  1 
ATOM   376  C C   . VAL A 1 51 ? -4.088  -7.918  -13.223 1.00 42.83 ? 411 VAL A C   1 
ATOM   377  O O   . VAL A 1 51 ? -4.577  -8.172  -14.313 1.00 41.88 ? 411 VAL A O   1 
ATOM   378  C CB  . VAL A 1 51 ? -2.897  -10.036 -12.821 1.00 42.68 ? 411 VAL A CB  1 
ATOM   379  C CG1 . VAL A 1 51 ? -1.579  -9.357  -13.220 1.00 37.67 ? 411 VAL A CG1 1 
ATOM   380  C CG2 . VAL A 1 51 ? -2.587  -11.179 -11.858 1.00 45.44 ? 411 VAL A CG2 1 
ATOM   381  N N   . LEU A 1 52 ? -3.511  -6.748  -12.970 1.00 41.26 ? 412 LEU A N   1 
ATOM   382  C CA  . LEU A 1 52 ? -3.786  -5.603  -13.795 1.00 40.58 ? 412 LEU A CA  1 
ATOM   383  C C   . LEU A 1 52 ? -2.652  -5.166  -14.655 1.00 40.99 ? 412 LEU A C   1 
ATOM   384  O O   . LEU A 1 52 ? -2.903  -4.501  -15.679 1.00 41.94 ? 412 LEU A O   1 
ATOM   385  C CB  . LEU A 1 52 ? -4.142  -4.425  -12.954 1.00 40.08 ? 412 LEU A CB  1 
ATOM   386  C CG  . LEU A 1 52 ? -5.126  -4.655  -11.820 1.00 37.48 ? 412 LEU A CG  1 
ATOM   387  C CD1 . LEU A 1 52 ? -4.983  -3.460  -11.029 1.00 29.01 ? 412 LEU A CD1 1 
ATOM   388  C CD2 . LEU A 1 52 ? -6.638  -4.905  -12.314 1.00 38.20 ? 412 LEU A CD2 1 
ATOM   389  N N   . GLY A 1 53 ? -1.482  -5.698  -14.302 1.00 39.70 ? 413 GLY A N   1 
ATOM   390  C CA  . GLY A 1 53 ? -0.200  -5.214  -14.677 1.00 38.80 ? 413 GLY A CA  1 
ATOM   391  C C   . GLY A 1 53 ? 0.833   -6.204  -14.151 1.00 39.30 ? 413 GLY A C   1 
ATOM   392  O O   . GLY A 1 53 ? 0.797   -6.598  -12.980 1.00 38.39 ? 413 GLY A O   1 
ATOM   393  N N   . THR A 1 54 ? 1.785   -6.544  -15.010 1.00 40.03 ? 414 THR A N   1 
ATOM   394  C CA  . THR A 1 54 ? 2.911   -7.321  -14.623 1.00 42.21 ? 414 THR A CA  1 
ATOM   395  C C   . THR A 1 54 ? 4.222   -6.704  -15.020 1.00 44.34 ? 414 THR A C   1 
ATOM   396  O O   . THR A 1 54 ? 4.442   -6.223  -16.178 1.00 44.16 ? 414 THR A O   1 
ATOM   397  C CB  . THR A 1 54 ? 2.812   -8.642  -15.240 1.00 42.81 ? 414 THR A CB  1 
ATOM   398  O OG1 . THR A 1 54 ? 1.685   -9.334  -14.663 1.00 45.62 ? 414 THR A OG1 1 
ATOM   399  C CG2 . THR A 1 54 ? 4.013   -9.454  -14.866 1.00 42.54 ? 414 THR A CG2 1 
ATOM   400  N N   . GLY A 1 55 ? 5.135   -6.662  -14.067 1.00 46.60 ? 415 GLY A N   1 
ATOM   401  C CA  . GLY A 1 55 ? 6.387   -5.965  -14.378 1.00 48.21 ? 415 GLY A CA  1 
ATOM   402  C C   . GLY A 1 55 ? 7.574   -6.820  -14.174 1.00 48.90 ? 415 GLY A C   1 
ATOM   403  O O   . GLY A 1 55 ? 7.559   -7.726  -13.360 1.00 49.57 ? 415 GLY A O   1 
ATOM   404  N N   . VAL A 1 56 ? 8.644   -6.488  -14.843 1.00 50.90 ? 416 VAL A N   1 
ATOM   405  C CA  . VAL A 1 56 ? 9.859   -7.290  -14.721 1.00 52.29 ? 416 VAL A CA  1 
ATOM   406  C C   . VAL A 1 56 ? 11.044  -6.371  -14.772 1.00 53.44 ? 416 VAL A C   1 
ATOM   407  O O   . VAL A 1 56 ? 11.178  -5.586  -15.729 1.00 54.05 ? 416 VAL A O   1 
ATOM   408  C CB  . VAL A 1 56 ? 10.069  -8.220  -15.948 1.00 52.36 ? 416 VAL A CB  1 
ATOM   409  C CG1 . VAL A 1 56 ? 11.372  -9.041  -15.777 1.00 55.43 ? 416 VAL A CG1 1 
ATOM   410  C CG2 . VAL A 1 56 ? 8.866   -9.033  -16.262 1.00 52.49 ? 416 VAL A CG2 1 
ATOM   411  N N   . GLY A 1 57 ? 11.967  -6.520  -13.835 1.00 54.24 ? 417 GLY A N   1 
ATOM   412  C CA  . GLY A 1 57 ? 13.238  -5.828  -13.998 1.00 55.38 ? 417 GLY A CA  1 
ATOM   413  C C   . GLY A 1 57 ? 14.132  -6.228  -12.888 1.00 55.49 ? 417 GLY A C   1 
ATOM   414  O O   . GLY A 1 57 ? 13.738  -7.049  -12.086 1.00 55.66 ? 417 GLY A O   1 
ATOM   415  N N   . ARG A 1 58 ? 15.282  -5.587  -12.801 1.00 56.28 ? 418 ARG A N   1 
ATOM   416  C CA  . ARG A 1 58 ? 16.351  -6.027  -11.898 1.00 56.25 ? 418 ARG A CA  1 
ATOM   417  C C   . ARG A 1 58 ? 16.072  -5.996  -10.431 1.00 55.22 ? 418 ARG A C   1 
ATOM   418  O O   . ARG A 1 58 ? 16.644  -6.789  -9.732  1.00 57.89 ? 418 ARG A O   1 
ATOM   419  C CB  . ARG A 1 58 ? 17.681  -5.336  -12.169 1.00 57.16 ? 418 ARG A CB  1 
ATOM   420  C CG  . ARG A 1 58 ? 17.659  -3.845  -12.501 1.00 58.97 ? 418 ARG A CG  1 
ATOM   421  C CD  . ARG A 1 58 ? 19.021  -3.130  -12.216 1.00 60.13 ? 418 ARG A CD  1 
ATOM   422  N NE  . ARG A 1 58 ? 18.964  -2.152  -11.099 1.00 62.99 ? 418 ARG A NE  1 
ATOM   423  C CZ  . ARG A 1 58 ? 19.107  -0.813  -11.213 1.00 64.73 ? 418 ARG A CZ  1 
ATOM   424  N NH1 . ARG A 1 58 ? 19.264  -0.276  -12.400 1.00 64.83 ? 418 ARG A NH1 1 
ATOM   425  N NH2 . ARG A 1 58 ? 19.027  -0.001  -10.146 1.00 67.35 ? 418 ARG A NH2 1 
ATOM   426  N N   . ASN A 1 59 ? 15.177  -5.173  -9.934  1.00 53.90 ? 419 ASN A N   1 
ATOM   427  C CA  . ASN A 1 59 ? 14.758  -5.323  -8.551  1.00 52.78 ? 419 ASN A CA  1 
ATOM   428  C C   . ASN A 1 59 ? 13.192  -5.274  -8.375  1.00 52.18 ? 419 ASN A C   1 
ATOM   429  O O   . ASN A 1 59 ? 12.441  -5.069  -9.309  1.00 50.40 ? 419 ASN A O   1 
ATOM   430  C CB  . ASN A 1 59 ? 15.543  -4.312  -7.625  1.00 53.80 ? 419 ASN A CB  1 
ATOM   431  C CG  . ASN A 1 59 ? 15.079  -2.801  -7.800  1.00 53.48 ? 419 ASN A CG  1 
ATOM   432  O OD1 . ASN A 1 59 ? 13.923  -2.443  -7.592  1.00 60.09 ? 419 ASN A OD1 1 
ATOM   433  N ND2 . ASN A 1 59 ? 15.953  -1.989  -8.213  1.00 51.73 ? 419 ASN A ND2 1 
ATOM   434  N N   . ILE A 1 60 ? 12.721  -5.503  -7.162  1.00 51.86 ? 420 ILE A N   1 
ATOM   435  C CA  . ILE A 1 60 ? 11.312  -5.532  -6.912  1.00 52.38 ? 420 ILE A CA  1 
ATOM   436  C C   . ILE A 1 60 ? 10.693  -4.180  -7.160  1.00 52.73 ? 420 ILE A C   1 
ATOM   437  O O   . ILE A 1 60 ? 9.655   -4.113  -7.754  1.00 54.22 ? 420 ILE A O   1 
ATOM   438  C CB  . ILE A 1 60 ? 11.070  -5.945  -5.498  1.00 52.99 ? 420 ILE A CB  1 
ATOM   439  C CG1 . ILE A 1 60 ? 11.661  -7.347  -5.301  1.00 56.62 ? 420 ILE A CG1 1 
ATOM   440  C CG2 . ILE A 1 60 ? 9.609   -5.916  -5.178  1.00 54.66 ? 420 ILE A CG2 1 
ATOM   441  C CD1 . ILE A 1 60 ? 11.021  -8.180  -4.190  1.00 58.82 ? 420 ILE A CD1 1 
ATOM   442  N N   . LYS A 1 61 ? 11.298  -3.102  -6.673  1.00 53.28 ? 421 LYS A N   1 
ATOM   443  C CA  . LYS A 1 61 ? 10.766  -1.758  -6.839  1.00 52.74 ? 421 LYS A CA  1 
ATOM   444  C C   . LYS A 1 61 ? 10.618  -1.430  -8.294  1.00 51.17 ? 421 LYS A C   1 
ATOM   445  O O   . LYS A 1 61 ? 9.531   -1.033  -8.724  1.00 51.22 ? 421 LYS A O   1 
ATOM   446  C CB  . LYS A 1 61 ? 11.607  -0.676  -6.151  1.00 53.94 ? 421 LYS A CB  1 
ATOM   447  C CG  . LYS A 1 61 ? 11.386  -0.663  -4.575  1.00 58.46 ? 421 LYS A CG  1 
ATOM   448  C CD  . LYS A 1 61 ? 12.475  0.202   -3.936  0.00 67.36 ? 421 LYS A CD  1 
ATOM   449  C CE  . LYS A 1 61 ? 12.611  -0.038  -2.442  0.00 72.13 ? 421 LYS A CE  1 
ATOM   450  N NZ  . LYS A 1 61 ? 12.584  1.126   -1.203  1.00 66.21 ? 421 LYS A NZ  1 
ATOM   451  N N   . ILE A 1 62 ? 11.683  -1.560  -9.069  1.00 49.17 ? 422 ILE A N   1 
ATOM   452  C CA  . ILE A 1 62 ? 11.558  -1.275  -10.488 1.00 47.06 ? 422 ILE A CA  1 
ATOM   453  C C   . ILE A 1 62 ? 10.468  -2.154  -11.116 1.00 46.80 ? 422 ILE A C   1 
ATOM   454  O O   . ILE A 1 62 ? 9.736   -1.694  -11.956 1.00 49.37 ? 422 ILE A O   1 
ATOM   455  C CB  . ILE A 1 62 ? 12.918  -1.468  -11.216 1.00 47.22 ? 422 ILE A CB  1 
ATOM   456  C CG1 . ILE A 1 62 ? 13.960  -0.450  -10.747 1.00 48.18 ? 422 ILE A CG1 1 
ATOM   457  C CG2 . ILE A 1 62 ? 12.843  -1.330  -12.766 1.00 41.60 ? 422 ILE A CG2 1 
ATOM   458  C CD1 . ILE A 1 62 ? 15.312  -0.586  -11.614 1.00 47.87 ? 422 ILE A CD1 1 
ATOM   459  N N   . ALA A 1 63 ? 10.389  -3.433  -10.765 1.00 45.15 ? 423 ALA A N   1 
ATOM   460  C CA  . ALA A 1 63 ? 9.340   -4.309  -11.266 1.00 43.51 ? 423 ALA A CA  1 
ATOM   461  C C   . ALA A 1 63 ? 7.962   -3.836  -10.915 1.00 42.43 ? 423 ALA A C   1 
ATOM   462  O O   . ALA A 1 63 ? 7.029   -3.934  -11.718 1.00 43.10 ? 423 ALA A O   1 
ATOM   463  C CB  . ALA A 1 63 ? 9.509   -5.726  -10.640 1.00 44.15 ? 423 ALA A CB  1 
ATOM   464  N N   . GLY A 1 64 ? 7.771   -3.489  -9.667  1.00 40.71 ? 424 GLY A N   1 
ATOM   465  C CA  . GLY A 1 64 ? 6.449   -3.142  -9.243  1.00 42.66 ? 424 GLY A CA  1 
ATOM   466  C C   . GLY A 1 64 ? 5.994   -1.840  -9.950  1.00 44.45 ? 424 GLY A C   1 
ATOM   467  O O   . GLY A 1 64 ? 4.784   -1.705  -10.170 1.00 43.90 ? 424 GLY A O   1 
ATOM   468  N N   . ILE A 1 65 ? 6.962   -0.946  -10.334 1.00 43.88 ? 425 ILE A N   1 
ATOM   469  C CA  . ILE A 1 65 ? 6.677   0.290   -11.066 1.00 42.89 ? 425 ILE A CA  1 
ATOM   470  C C   . ILE A 1 65 ? 6.288   0.068   -12.465 1.00 42.44 ? 425 ILE A C   1 
ATOM   471  O O   . ILE A 1 65 ? 5.344   0.699   -12.913 1.00 40.76 ? 425 ILE A O   1 
ATOM   472  C CB  . ILE A 1 65 ? 7.794   1.337   -10.966 1.00 43.10 ? 425 ILE A CB  1 
ATOM   473  C CG1 . ILE A 1 65 ? 7.695   2.075   -9.590  1.00 46.11 ? 425 ILE A CG1 1 
ATOM   474  C CG2 . ILE A 1 65 ? 7.649   2.448   -12.019 1.00 41.03 ? 425 ILE A CG2 1 
ATOM   475  C CD1 . ILE A 1 65 ? 9.052   2.431   -9.044  1.00 47.60 ? 425 ILE A CD1 1 
ATOM   476  N N   . ARG A 1 66 ? 6.969   -0.837  -13.158 1.00 42.79 ? 426 ARG A N   1 
ATOM   477  C CA  . ARG A 1 66 ? 6.546   -1.236  -14.528 1.00 43.13 ? 426 ARG A CA  1 
ATOM   478  C C   . ARG A 1 66 ? 5.188   -1.873  -14.517 1.00 43.57 ? 426 ARG A C   1 
ATOM   479  O O   . ARG A 1 66 ? 4.449   -1.796  -15.532 1.00 43.78 ? 426 ARG A O   1 
ATOM   480  C CB  . ARG A 1 66 ? 7.449   -2.275  -15.199 1.00 43.74 ? 426 ARG A CB  1 
ATOM   481  C CG  . ARG A 1 66 ? 8.826   -1.923  -15.372 1.00 42.70 ? 426 ARG A CG  1 
ATOM   482  C CD  . ARG A 1 66 ? 9.481   -2.594  -16.571 1.00 41.44 ? 426 ARG A CD  1 
ATOM   483  N NE  . ARG A 1 66 ? 10.628  -1.805  -16.864 1.00 44.51 ? 426 ARG A NE  1 
ATOM   484  C CZ  . ARG A 1 66 ? 11.884  -2.012  -16.505 1.00 46.94 ? 426 ARG A CZ  1 
ATOM   485  N NH1 . ARG A 1 66 ? 12.345  -3.136  -15.917 1.00 52.15 ? 426 ARG A NH1 1 
ATOM   486  N NH2 . ARG A 1 66 ? 12.730  -1.091  -16.867 1.00 47.69 ? 426 ARG A NH2 1 
ATOM   487  N N   . ALA A 1 67 ? 4.863   -2.546  -13.414 1.00 43.88 ? 427 ALA A N   1 
ATOM   488  C CA  . ALA A 1 67 ? 3.608   -3.257  -13.384 1.00 43.84 ? 427 ALA A CA  1 
ATOM   489  C C   . ALA A 1 67 ? 2.465   -2.227  -13.435 1.00 45.12 ? 427 ALA A C   1 
ATOM   490  O O   . ALA A 1 67 ? 1.437   -2.497  -13.962 1.00 45.87 ? 427 ALA A O   1 
ATOM   491  C CB  . ALA A 1 67 ? 3.552   -4.102  -12.187 1.00 43.63 ? 427 ALA A CB  1 
ATOM   492  N N   . ALA A 1 68 ? 2.671   -1.019  -12.918 1.00 46.84 ? 428 ALA A N   1 
ATOM   493  C CA  . ALA A 1 68 ? 1.649   0.000   -12.839 1.00 46.85 ? 428 ALA A CA  1 
ATOM   494  C C   . ALA A 1 68 ? 1.671   0.759   -14.146 1.00 47.23 ? 428 ALA A C   1 
ATOM   495  O O   . ALA A 1 68 ? 0.640   1.196   -14.727 1.00 47.61 ? 428 ALA A O   1 
ATOM   496  C CB  . ALA A 1 68 ? 1.919   0.915   -11.654 1.00 47.01 ? 428 ALA A CB  1 
ATOM   497  N N   . GLU A 1 69 ? 2.878   0.882   -14.637 1.00 48.17 ? 429 GLU A N   1 
ATOM   498  C CA  . GLU A 1 69 ? 3.160   1.521   -15.907 1.00 47.56 ? 429 GLU A CA  1 
ATOM   499  C C   . GLU A 1 69 ? 2.314   0.797   -16.936 1.00 48.46 ? 429 GLU A C   1 
ATOM   500  O O   . GLU A 1 69 ? 1.696   1.427   -17.810 1.00 49.24 ? 429 GLU A O   1 
ATOM   501  C CB  . GLU A 1 69 ? 4.643   1.386   -16.198 1.00 47.41 ? 429 GLU A CB  1 
ATOM   502  C CG  . GLU A 1 69 ? 5.304   2.603   -16.835 1.00 48.91 ? 429 GLU A CG  1 
ATOM   503  C CD  . GLU A 1 69 ? 6.791   2.426   -17.059 1.00 47.06 ? 429 GLU A CD  1 
ATOM   504  O OE1 . GLU A 1 69 ? 7.318   1.302   -17.122 1.00 51.29 ? 429 GLU A OE1 1 
ATOM   505  O OE2 . GLU A 1 69 ? 7.451   3.422   -17.201 1.00 46.39 ? 429 GLU A OE2 1 
ATOM   506  N N   . ASN A 1 70 ? 2.233   -0.528  -16.767 1.00 48.41 ? 430 ASN A N   1 
ATOM   507  C CA  . ASN A 1 70 ? 1.593   -1.414  -17.716 1.00 47.76 ? 430 ASN A CA  1 
ATOM   508  C C   . ASN A 1 70 ? 0.062   -1.456  -17.485 1.00 47.74 ? 430 ASN A C   1 
ATOM   509  O O   . ASN A 1 70 ? -0.754  -1.607  -18.417 1.00 47.62 ? 430 ASN A O   1 
ATOM   510  C CB  . ASN A 1 70 ? 2.212   -2.824  -17.552 1.00 47.31 ? 430 ASN A CB  1 
ATOM   511  C CG  . ASN A 1 70 ? 3.587   -3.014  -18.297 1.00 47.11 ? 430 ASN A CG  1 
ATOM   512  O OD1 . ASN A 1 70 ? 4.070   -2.123  -19.040 1.00 47.55 ? 430 ASN A OD1 1 
ATOM   513  N ND2 . ASN A 1 70 ? 4.214   -4.178  -18.074 1.00 37.18 ? 430 ASN A ND2 1 
ATOM   514  N N   . ALA A 1 71 ? -0.317  -1.354  -16.215 1.00 47.39 ? 431 ALA A N   1 
ATOM   515  C CA  . ALA A 1 71 ? -1.713  -1.282  -15.820 1.00 46.71 ? 431 ALA A CA  1 
ATOM   516  C C   . ALA A 1 71 ? -2.294  0.040   -16.395 1.00 47.81 ? 431 ALA A C   1 
ATOM   517  O O   . ALA A 1 71 ? -3.380  0.049   -17.033 1.00 50.36 ? 431 ALA A O   1 
ATOM   518  C CB  . ALA A 1 71 ? -1.848  -1.370  -14.297 1.00 45.40 ? 431 ALA A CB  1 
ATOM   519  N N   . LEU A 1 72 ? -1.584  1.143   -16.196 1.00 46.95 ? 432 LEU A N   1 
ATOM   520  C CA  . LEU A 1 72 ? -1.969  2.410   -16.808 1.00 46.71 ? 432 LEU A CA  1 
ATOM   521  C C   . LEU A 1 72 ? -2.168  2.377   -18.335 1.00 47.38 ? 432 LEU A C   1 
ATOM   522  O O   . LEU A 1 72 ? -2.877  3.177   -18.887 1.00 48.37 ? 432 LEU A O   1 
ATOM   523  C CB  . LEU A 1 72 ? -0.906  3.485   -16.476 1.00 45.39 ? 432 LEU A CB  1 
ATOM   524  C CG  . LEU A 1 72 ? -0.945  3.964   -15.033 1.00 43.81 ? 432 LEU A CG  1 
ATOM   525  C CD1 . LEU A 1 72 ? 0.217   4.854   -14.568 1.00 40.81 ? 432 LEU A CD1 1 
ATOM   526  C CD2 . LEU A 1 72 ? -2.277  4.653   -14.827 1.00 45.39 ? 432 LEU A CD2 1 
ATOM   527  N N   . ARG A 1 73 ? -1.448  1.538   -19.048 1.00 49.05 ? 433 ARG A N   1 
ATOM   528  C CA  . ARG A 1 73 ? -1.618  1.504   -20.486 1.00 49.69 ? 433 ARG A CA  1 
ATOM   529  C C   . ARG A 1 73 ? -2.913  0.747   -20.909 1.00 49.17 ? 433 ARG A C   1 
ATOM   530  O O   . ARG A 1 73 ? -3.395  0.948   -21.973 1.00 48.22 ? 433 ARG A O   1 
ATOM   531  C CB  . ARG A 1 73 ? -0.389  0.924   -21.163 1.00 50.67 ? 433 ARG A CB  1 
ATOM   532  C CG  . ARG A 1 73 ? 0.881   1.776   -21.109 1.00 53.66 ? 433 ARG A CG  1 
ATOM   533  C CD  . ARG A 1 73 ? 2.258   0.879   -21.199 1.00 61.29 ? 433 ARG A CD  1 
ATOM   534  N NE  . ARG A 1 73 ? 2.905   1.194   -22.433 1.00 66.20 ? 433 ARG A NE  1 
ATOM   535  C CZ  . ARG A 1 73 ? 2.505   0.748   -23.592 1.00 74.06 ? 433 ARG A CZ  1 
ATOM   536  N NH1 . ARG A 1 73 ? 1.537   -0.153  -23.640 1.00 76.44 ? 433 ARG A NH1 1 
ATOM   537  N NH2 . ARG A 1 73 ? 3.108   1.154   -24.718 1.00 77.19 ? 433 ARG A NH2 1 
ATOM   538  N N   . ASP A 1 74 ? -3.483  -0.076  -20.036 1.00 48.92 ? 434 ASP A N   1 
ATOM   539  C CA  . ASP A 1 74 ? -4.670  -0.832  -20.338 1.00 48.55 ? 434 ASP A CA  1 
ATOM   540  C C   . ASP A 1 74 ? -5.951  -0.036  -20.000 1.00 48.13 ? 434 ASP A C   1 
ATOM   541  O O   . ASP A 1 74 ? -6.500  -0.152  -18.906 1.00 46.08 ? 434 ASP A O   1 
ATOM   542  C CB  . ASP A 1 74 ? -4.627  -2.106  -19.499 1.00 48.55 ? 434 ASP A CB  1 
ATOM   543  C CG  . ASP A 1 74 ? -5.635  -3.114  -19.925 1.00 51.29 ? 434 ASP A CG  1 
ATOM   544  O OD1 . ASP A 1 74 ? -6.760  -2.760  -20.432 1.00 57.89 ? 434 ASP A OD1 1 
ATOM   545  O OD2 . ASP A 1 74 ? -5.364  -4.316  -19.844 1.00 57.40 ? 434 ASP A OD2 1 
ATOM   546  N N   . LYS A 1 75 ? -6.457  0.708   -20.968 1.00 49.00 ? 435 LYS A N   1 
ATOM   547  C CA  . LYS A 1 75 ? -7.572  1.634   -20.728 1.00 50.29 ? 435 LYS A CA  1 
ATOM   548  C C   . LYS A 1 75 ? -8.947  0.966   -20.471 1.00 50.71 ? 435 LYS A C   1 
ATOM   549  O O   . LYS A 1 75 ? -9.714  1.490   -19.653 1.00 50.65 ? 435 LYS A O   1 
ATOM   550  C CB  . LYS A 1 75 ? -7.687  2.727   -21.821 1.00 49.93 ? 435 LYS A CB  1 
ATOM   551  C CG  . LYS A 1 75 ? -6.385  3.450   -22.218 1.00 51.85 ? 435 LYS A CG  1 
ATOM   552  C CD  . LYS A 1 75 ? -5.616  4.090   -21.024 1.00 54.74 ? 435 LYS A CD  1 
ATOM   553  C CE  . LYS A 1 75 ? -4.457  5.009   -21.463 1.00 54.31 ? 435 LYS A CE  1 
ATOM   554  N NZ  . LYS A 1 75 ? -3.748  5.491   -20.257 1.00 55.50 ? 435 LYS A NZ  1 
ATOM   555  N N   . LYS A 1 76 ? -9.262  -0.166  -21.112 1.00 51.25 ? 436 LYS A N   1 
ATOM   556  C CA  . LYS A 1 76 ? -10.493 -0.916  -20.754 1.00 52.11 ? 436 LYS A CA  1 
ATOM   557  C C   . LYS A 1 76 ? -10.407 -1.283  -19.270 1.00 51.18 ? 436 LYS A C   1 
ATOM   558  O O   . LYS A 1 76 ? -11.346 -1.040  -18.529 1.00 50.97 ? 436 LYS A O   1 
ATOM   559  C CB  . LYS A 1 76 ? -10.761 -2.188  -21.616 1.00 52.07 ? 436 LYS A CB  1 
ATOM   560  C CG  . LYS A 1 76 ? -11.223 -1.920  -23.088 1.00 54.10 ? 436 LYS A CG  1 
ATOM   561  C CD  . LYS A 1 76 ? -11.196 -2.944  -23.961 0.00 63.36 ? 436 LYS A CD  1 
ATOM   562  C CE  . LYS A 1 76 ? -11.326 -2.575  -25.429 0.00 70.29 ? 436 LYS A CE  1 
ATOM   563  N NZ  . LYS A 1 76 ? -11.723 -3.742  -26.261 0.00 72.54 ? 436 LYS A NZ  1 
ATOM   564  N N   . MET A 1 77 ? -9.281  -1.826  -18.825 1.00 50.19 ? 437 MET A N   1 
ATOM   565  C CA  . MET A 1 77 ? -9.169  -2.146  -17.388 1.00 50.81 ? 437 MET A CA  1 
ATOM   566  C C   . MET A 1 77 ? -9.412  -0.913  -16.422 1.00 50.85 ? 437 MET A C   1 
ATOM   567  O O   . MET A 1 77 ? -10.129 -1.006  -15.457 1.00 49.07 ? 437 MET A O   1 
ATOM   568  C CB  . MET A 1 77 ? -7.830  -2.816  -17.096 1.00 50.73 ? 437 MET A CB  1 
ATOM   569  C CG  . MET A 1 77 ? -7.625  -3.143  -15.625 1.00 52.08 ? 437 MET A CG  1 
ATOM   570  S SD  . MET A 1 77 ? -6.902  -1.710  -14.724 1.00 55.42 ? 437 MET A SD  1 
ATOM   571  C CE  . MET A 1 77 ? -6.889  -0.248  -14.936 0.00 56.13 ? 437 MET A CE  1 
ATOM   572  N N   . LEU A 1 78 ? -8.812  0.238   -16.737 1.00 51.66 ? 438 LEU A N   1 
ATOM   573  C CA  . LEU A 1 78 ? -8.980  1.438   -15.958 1.00 52.88 ? 438 LEU A CA  1 
ATOM   574  C C   . LEU A 1 78 ? -10.363 1.910   -16.000 1.00 53.60 ? 438 LEU A C   1 
ATOM   575  O O   . LEU A 1 78 ? -10.843 2.321   -14.971 1.00 54.39 ? 438 LEU A O   1 
ATOM   576  C CB  . LEU A 1 78 ? -8.140  2.571   -16.462 1.00 52.57 ? 438 LEU A CB  1 
ATOM   577  C CG  . LEU A 1 78 ? -6.647  2.369   -16.323 1.00 51.93 ? 438 LEU A CG  1 
ATOM   578  C CD1 . LEU A 1 78 ? -5.983  3.647   -16.857 1.00 48.34 ? 438 LEU A CD1 1 
ATOM   579  C CD2 . LEU A 1 78 ? -6.269  2.009   -14.865 1.00 50.84 ? 438 LEU A CD2 1 
ATOM   580  N N   . ASP A 1 79 ? -11.006 1.824   -17.161 1.00 54.76 ? 439 ASP A N   1 
ATOM   581  C CA  . ASP A 1 79 ? -12.393 2.220   -17.289 1.00 56.05 ? 439 ASP A CA  1 
ATOM   582  C C   . ASP A 1 79 ? -13.267 1.430   -16.349 1.00 55.98 ? 439 ASP A C   1 
ATOM   583  O O   . ASP A 1 79 ? -14.023 2.026   -15.570 1.00 57.93 ? 439 ASP A O   1 
ATOM   584  C CB  . ASP A 1 79 ? -12.916 2.114   -18.715 1.00 57.54 ? 439 ASP A CB  1 
ATOM   585  C CG  . ASP A 1 79 ? -14.241 2.793   -18.864 1.00 60.15 ? 439 ASP A CG  1 
ATOM   586  O OD1 . ASP A 1 79 ? -14.255 3.949   -18.455 1.00 67.08 ? 439 ASP A OD1 1 
ATOM   587  O OD2 . ASP A 1 79 ? -15.304 2.290   -19.336 1.00 65.25 ? 439 ASP A OD2 1 
ATOM   588  N N   . PHE A 1 80 ? -13.093 0.117   -16.342 1.00 55.54 ? 440 PHE A N   1 
ATOM   589  C CA  . PHE A 1 80 ? -13.832 -0.775  -15.462 1.00 55.55 ? 440 PHE A CA  1 
ATOM   590  C C   . PHE A 1 80 ? -13.601 -0.542  -13.973 1.00 55.98 ? 440 PHE A C   1 
ATOM   591  O O   . PHE A 1 80 ? -14.498 -0.333  -13.197 1.00 55.69 ? 440 PHE A O   1 
ATOM   592  C CB  . PHE A 1 80 ? -13.412 -2.208  -15.812 1.00 55.96 ? 440 PHE A CB  1 
ATOM   593  C CG  . PHE A 1 80 ? -14.169 -3.256  -15.073 1.00 56.59 ? 440 PHE A CG  1 
ATOM   594  C CD1 . PHE A 1 80 ? -15.290 -3.804  -15.608 1.00 59.13 ? 440 PHE A CD1 1 
ATOM   595  C CD2 . PHE A 1 80 ? -13.756 -3.680  -13.833 1.00 57.79 ? 440 PHE A CD2 1 
ATOM   596  C CE1 . PHE A 1 80 ? -16.005 -4.745  -14.904 1.00 61.73 ? 440 PHE A CE1 1 
ATOM   597  C CE2 . PHE A 1 80 ? -14.468 -4.632  -13.112 1.00 60.17 ? 440 PHE A CE2 1 
ATOM   598  C CZ  . PHE A 1 80 ? -15.591 -5.147  -13.639 1.00 61.45 ? 440 PHE A CZ  1 
ATOM   599  N N   . TYR A 1 81 ? -12.362 -0.626  -13.536 1.00 57.43 ? 441 TYR A N   1 
ATOM   600  C CA  . TYR A 1 81 ? -12.087 -0.465  -12.119 1.00 58.17 ? 441 TYR A CA  1 
ATOM   601  C C   . TYR A 1 81 ? -12.232 0.953   -11.504 1.00 59.95 ? 441 TYR A C   1 
ATOM   602  O O   . TYR A 1 81 ? -12.404 1.031   -10.273 1.00 61.36 ? 441 TYR A O   1 
ATOM   603  C CB  . TYR A 1 81 ? -10.708 -1.013  -11.789 1.00 57.51 ? 441 TYR A CB  1 
ATOM   604  C CG  . TYR A 1 81 ? -10.655 -2.507  -11.693 1.00 54.16 ? 441 TYR A CG  1 
ATOM   605  C CD1 . TYR A 1 81 ? -9.992  -3.237  -12.639 1.00 48.57 ? 441 TYR A CD1 1 
ATOM   606  C CD2 . TYR A 1 81 ? -11.253 -3.199  -10.657 1.00 51.68 ? 441 TYR A CD2 1 
ATOM   607  C CE1 . TYR A 1 81 ? -9.936  -4.586  -12.561 1.00 45.00 ? 441 TYR A CE1 1 
ATOM   608  C CE2 . TYR A 1 81 ? -11.147 -4.588  -10.602 1.00 52.01 ? 441 TYR A CE2 1 
ATOM   609  C CZ  . TYR A 1 81 ? -10.467 -5.223  -11.576 1.00 43.98 ? 441 TYR A CZ  1 
ATOM   610  O OH  . TYR A 1 81 ? -10.335 -6.534  -11.629 1.00 50.66 ? 441 TYR A OH  1 
ATOM   611  N N   . ALA A 1 82 ? -12.169 2.053   -12.265 1.00 60.72 ? 442 ALA A N   1 
ATOM   612  C CA  . ALA A 1 82 ? -12.785 3.300   -11.749 1.00 62.70 ? 442 ALA A CA  1 
ATOM   613  C C   . ALA A 1 82 ? -14.382 3.275   -11.746 1.00 64.03 ? 442 ALA A C   1 
ATOM   614  O O   . ALA A 1 82 ? -15.068 4.320   -11.800 1.00 65.75 ? 442 ALA A O   1 
ATOM   615  C CB  . ALA A 1 82 ? -12.241 4.486   -12.493 1.00 62.71 ? 442 ALA A CB  1 
ATOM   616  N N   . LYS A 1 83 ? -14.965 2.079   -11.654 1.00 64.98 ? 443 LYS A N   1 
ATOM   617  C CA  . LYS A 1 83 ? -16.425 1.861   -11.797 1.00 64.96 ? 443 LYS A CA  1 
ATOM   618  C C   . LYS A 1 83 ? -17.068 2.623   -13.039 1.00 64.37 ? 443 LYS A C   1 
ATOM   619  O O   . LYS A 1 83 ? -17.320 2.038   -14.157 1.00 62.59 ? 443 LYS A O   1 
ATOM   620  C CB  . LYS A 1 83 ? -17.114 2.115   -10.417 1.00 65.28 ? 443 LYS A CB  1 
ATOM   621  C CG  . LYS A 1 83 ? -16.344 1.567   -9.157  1.00 63.82 ? 443 LYS A CG  1 
ATOM   622  C CD  . LYS A 1 83 ? -16.473 2.650   -7.988  1.00 66.39 ? 443 LYS A CD  1 
ATOM   623  C CE  . LYS A 1 83 ? -16.050 2.124   -6.510  1.00 63.80 ? 443 LYS A CE  1 
ATOM   624  N NZ  . LYS A 1 83 ? -16.323 3.196   -5.526  1.00 57.67 ? 443 LYS A NZ  1 
ATOM   625  N N   . MET B 1 1  ? -0.482  -14.717 28.735  0.00 80.00 ? 361 MET B N   1 
ATOM   626  C CA  . MET B 1 1  ? -0.071  -15.640 27.638  0.00 78.63 ? 361 MET B CA  1 
ATOM   627  C C   . MET B 1 1  ? 1.316   -15.462 26.770  1.00 74.06 ? 361 MET B C   1 
ATOM   628  O O   . MET B 1 1  ? 0.869   -15.688 27.912  1.00 74.53 ? 361 MET B O   1 
ATOM   629  C CB  . MET B 1 1  ? -1.257  -16.125 26.772  0.00 80.00 ? 361 MET B CB  1 
ATOM   630  C CG  . MET B 1 1  ? -1.670  -15.717 26.744  1.00 70.56 ? 361 MET B CG  1 
ATOM   631  S SD  . MET B 1 1  ? -3.282  -15.710 25.879  1.00 73.65 ? 361 MET B SD  1 
ATOM   632  C CE  . MET B 1 1  ? -3.689  -17.376 25.849  1.00 70.12 ? 361 MET B CE  1 
ATOM   633  N N   . LYS B 1 2  ? 1.003   -14.374 26.070  1.00 73.50 ? 362 LYS B N   1 
ATOM   634  C CA  . LYS B 1 2  ? 1.847   -13.141 26.052  1.00 73.24 ? 362 LYS B CA  1 
ATOM   635  C C   . LYS B 1 2  ? 1.049   -11.778 25.988  1.00 70.52 ? 362 LYS B C   1 
ATOM   636  O O   . LYS B 1 2  ? -0.096  -11.731 25.576  1.00 69.94 ? 362 LYS B O   1 
ATOM   637  C CB  . LYS B 1 2  ? 2.854   -13.191 24.860  1.00 74.05 ? 362 LYS B CB  1 
ATOM   638  C CG  . LYS B 1 2  ? 2.295   -13.843 23.531  1.00 77.08 ? 362 LYS B CG  1 
ATOM   639  C CD  . LYS B 1 2  ? 2.846   -15.278 23.217  1.00 81.33 ? 362 LYS B CD  1 
ATOM   640  C CE  . LYS B 1 2  ? 2.047   -16.012 22.048  1.00 83.53 ? 362 LYS B CE  1 
ATOM   641  N NZ  . LYS B 1 2  ? 2.907   -16.990 21.245  1.00 83.89 ? 362 LYS B NZ  1 
ATOM   642  N N   . THR B 1 3  ? 1.677   -10.680 26.400  1.00 68.01 ? 363 THR B N   1 
ATOM   643  C CA  . THR B 1 3  ? 1.173   -9.316  26.118  1.00 65.91 ? 363 THR B CA  1 
ATOM   644  C C   . THR B 1 3  ? 0.918   -9.049  24.584  1.00 64.23 ? 363 THR B C   1 
ATOM   645  O O   . THR B 1 3  ? 1.658   -9.513  23.709  1.00 63.49 ? 363 THR B O   1 
ATOM   646  C CB  . THR B 1 3  ? 2.140   -8.242  26.746  1.00 65.22 ? 363 THR B CB  1 
ATOM   647  O OG1 . THR B 1 3  ? 3.220   -8.431  26.475  0.00 64.09 ? 363 THR B OG1 1 
ATOM   648  C CG2 . THR B 1 3  ? 1.725   -7.964  28.196  1.00 64.55 ? 363 THR B CG2 1 
ATOM   649  N N   . ASP B 1 4  ? -0.188  -8.385  24.265  1.00 62.42 ? 364 ASP B N   1 
ATOM   650  C CA  . ASP B 1 4  ? -0.413  -7.813  22.923  1.00 60.93 ? 364 ASP B CA  1 
ATOM   651  C C   . ASP B 1 4  ? -0.757  -6.337  23.134  1.00 60.22 ? 364 ASP B C   1 
ATOM   652  O O   . ASP B 1 4  ? -1.924  -5.911  22.971  1.00 58.89 ? 364 ASP B O   1 
ATOM   653  C CB  . ASP B 1 4  ? -1.496  -8.550  22.147  1.00 59.63 ? 364 ASP B CB  1 
ATOM   654  C CG  . ASP B 1 4  ? -1.337  -8.384  20.647  1.00 61.64 ? 364 ASP B CG  1 
ATOM   655  O OD1 . ASP B 1 4  ? -0.181  -8.377  20.125  1.00 67.19 ? 364 ASP B OD1 1 
ATOM   656  O OD2 . ASP B 1 4  ? -2.286  -8.295  19.869  1.00 60.08 ? 364 ASP B OD2 1 
ATOM   657  N N   . LYS B 1 5  ? 0.268   -5.598  23.591  1.00 58.93 ? 365 LYS B N   1 
ATOM   658  C CA  . LYS B 1 5  ? 0.129   -4.195  23.894  1.00 59.07 ? 365 LYS B CA  1 
ATOM   659  C C   . LYS B 1 5  ? -0.189  -3.350  22.591  1.00 58.33 ? 365 LYS B C   1 
ATOM   660  O O   . LYS B 1 5  ? 0.151   -3.735  21.455  1.00 58.64 ? 365 LYS B O   1 
ATOM   661  C CB  . LYS B 1 5  ? 1.346   -3.701  24.678  1.00 59.18 ? 365 LYS B CB  1 
ATOM   662  C CG  . LYS B 1 5  ? 1.051   -2.523  25.672  1.00 63.56 ? 365 LYS B CG  1 
ATOM   663  C CD  . LYS B 1 5  ? 0.442   -2.971  27.073  1.00 67.18 ? 365 LYS B CD  1 
ATOM   664  C CE  . LYS B 1 5  ? 1.496   -3.031  28.234  1.00 70.15 ? 365 LYS B CE  1 
ATOM   665  N NZ  . LYS B 1 5  ? 1.431   -1.879  29.262  1.00 69.99 ? 365 LYS B NZ  1 
ATOM   666  N N   . LEU B 1 6  ? -0.875  -2.222  22.782  1.00 56.19 ? 366 LEU B N   1 
ATOM   667  C CA  . LEU B 1 6  ? -1.514  -1.496  21.734  1.00 54.17 ? 366 LEU B CA  1 
ATOM   668  C C   . LEU B 1 6  ? -2.193  -0.246  22.254  1.00 53.74 ? 366 LEU B C   1 
ATOM   669  O O   . LEU B 1 6  ? -2.871  -0.178  23.314  1.00 52.42 ? 366 LEU B O   1 
ATOM   670  C CB  . LEU B 1 6  ? -2.536  -2.378  21.068  1.00 54.58 ? 366 LEU B CB  1 
ATOM   671  C CG  . LEU B 1 6  ? -3.287  -1.938  19.830  1.00 54.83 ? 366 LEU B CG  1 
ATOM   672  C CD1 . LEU B 1 6  ? -2.324  -1.929  18.692  1.00 58.46 ? 366 LEU B CD1 1 
ATOM   673  C CD2 . LEU B 1 6  ? -4.452  -2.839  19.430  1.00 54.22 ? 366 LEU B CD2 1 
ATOM   674  N N   . ASP B 1 7  ? -2.015  0.776   21.451  1.00 54.02 ? 367 ASP B N   1 
ATOM   675  C CA  . ASP B 1 7  ? -2.572  2.092   21.678  1.00 53.29 ? 367 ASP B CA  1 
ATOM   676  C C   . ASP B 1 7  ? -3.863  2.174   20.907  1.00 53.71 ? 367 ASP B C   1 
ATOM   677  O O   . ASP B 1 7  ? -3.841  2.291   19.699  1.00 51.26 ? 367 ASP B O   1 
ATOM   678  C CB  . ASP B 1 7  ? -1.567  3.050   21.111  1.00 53.66 ? 367 ASP B CB  1 
ATOM   679  C CG  . ASP B 1 7  ? -1.894  4.490   21.364  1.00 54.08 ? 367 ASP B CG  1 
ATOM   680  O OD1 . ASP B 1 7  ? -2.952  4.871   21.998  1.00 47.62 ? 367 ASP B OD1 1 
ATOM   681  O OD2 . ASP B 1 7  ? -1.040  5.279   20.864  1.00 53.74 ? 367 ASP B OD2 1 
ATOM   682  N N   . MET B 1 8  ? -4.982  2.064   21.626  1.00 54.85 ? 368 MET B N   1 
ATOM   683  C CA  . MET B 1 8  ? -6.285  2.150   21.023  1.00 55.54 ? 368 MET B CA  1 
ATOM   684  C C   . MET B 1 8  ? -6.573  3.538   20.432  1.00 55.21 ? 368 MET B C   1 
ATOM   685  O O   . MET B 1 8  ? -7.451  3.623   19.583  1.00 55.27 ? 368 MET B O   1 
ATOM   686  C CB  . MET B 1 8  ? -7.386  1.712   22.007  1.00 55.97 ? 368 MET B CB  1 
ATOM   687  C CG  . MET B 1 8  ? -7.309  0.228   22.417  1.00 57.70 ? 368 MET B CG  1 
ATOM   688  S SD  . MET B 1 8  ? -7.317  -1.135  21.179  1.00 58.61 ? 368 MET B SD  1 
ATOM   689  C CE  . MET B 1 8  ? -9.186  -1.057  20.603  1.00 58.62 ? 368 MET B CE  1 
ATOM   690  N N   . ASN B 1 9  ? -5.829  4.579   20.809  1.00 55.08 ? 369 ASN B N   1 
ATOM   691  C CA  . ASN B 1 9  ? -5.982  5.922   20.180  1.00 56.27 ? 369 ASN B CA  1 
ATOM   692  C C   . ASN B 1 9  ? -5.074  6.225   18.958  1.00 55.20 ? 369 ASN B C   1 
ATOM   693  O O   . ASN B 1 9  ? -5.033  7.351   18.517  1.00 54.82 ? 369 ASN B O   1 
ATOM   694  C CB  . ASN B 1 9  ? -5.764  7.090   21.198  1.00 57.56 ? 369 ASN B CB  1 
ATOM   695  C CG  . ASN B 1 9  ? -7.068  7.610   21.809  1.00 59.37 ? 369 ASN B CG  1 
ATOM   696  O OD1 . ASN B 1 9  ? -7.758  8.312   21.511  0.00 68.11 ? 369 ASN B OD1 1 
ATOM   697  N ND2 . ASN B 1 9  ? -7.861  6.678   22.335  1.00 60.73 ? 369 ASN B ND2 1 
ATOM   698  N N   . ALA B 1 10 ? -4.374  5.237   18.401  1.00 53.80 ? 370 ALA B N   1 
ATOM   699  C CA  . ALA B 1 10 ? -3.397  5.519   17.365  1.00 51.67 ? 370 ALA B CA  1 
ATOM   700  C C   . ALA B 1 10 ? -3.984  6.116   16.038  1.00 51.73 ? 370 ALA B C   1 
ATOM   701  O O   . ALA B 1 10 ? -3.485  7.120   15.518  1.00 51.44 ? 370 ALA B O   1 
ATOM   702  C CB  . ALA B 1 10 ? -2.556  4.329   17.124  1.00 49.99 ? 370 ALA B CB  1 
ATOM   703  N N   . LYS B 1 11 ? -5.006  5.484   15.472  1.00 51.35 ? 371 LYS B N   1 
ATOM   704  C CA  . LYS B 1 11 ? -5.667  6.006   14.296  1.00 50.41 ? 371 LYS B CA  1 
ATOM   705  C C   . LYS B 1 11 ? -6.072  7.488   14.503  1.00 51.22 ? 371 LYS B C   1 
ATOM   706  O O   . LYS B 1 11 ? -5.669  8.328   13.780  1.00 52.53 ? 371 LYS B O   1 
ATOM   707  C CB  . LYS B 1 11 ? -6.893  5.131   14.011  1.00 50.08 ? 371 LYS B CB  1 
ATOM   708  C CG  . LYS B 1 11 ? -6.566  3.762   13.421  1.00 48.11 ? 371 LYS B CG  1 
ATOM   709  C CD  . LYS B 1 11 ? -7.791  2.965   13.158  1.00 45.78 ? 371 LYS B CD  1 
ATOM   710  C CE  . LYS B 1 11 ? -7.571  1.932   12.049  1.00 46.53 ? 371 LYS B CE  1 
ATOM   711  N NZ  . LYS B 1 11 ? -8.868  1.796   11.357  1.00 50.38 ? 371 LYS B NZ  1 
ATOM   712  N N   . ARG B 1 12 ? -6.848  7.793   15.538  1.00 52.16 ? 372 ARG B N   1 
ATOM   713  C CA  . ARG B 1 12 ? -7.217  9.129   15.887  1.00 51.39 ? 372 ARG B CA  1 
ATOM   714  C C   . ARG B 1 12 ? -6.014  10.009  16.145  1.00 50.58 ? 372 ARG B C   1 
ATOM   715  O O   . ARG B 1 12 ? -6.056  11.156  15.768  1.00 52.20 ? 372 ARG B O   1 
ATOM   716  C CB  . ARG B 1 12 ? -8.097  9.128   17.114  1.00 52.89 ? 372 ARG B CB  1 
ATOM   717  C CG  . ARG B 1 12 ? -9.339  8.150   17.134  1.00 57.24 ? 372 ARG B CG  1 
ATOM   718  C CD  . ARG B 1 12 ? -9.646  7.458   18.545  1.00 63.49 ? 372 ARG B CD  1 
ATOM   719  N NE  . ARG B 1 12 ? -10.894 7.974   19.156  1.00 68.54 ? 372 ARG B NE  1 
ATOM   720  C CZ  . ARG B 1 12 ? -12.170 7.550   18.883  1.00 69.12 ? 372 ARG B CZ  1 
ATOM   721  N NH1 . ARG B 1 12 ? -12.455 6.553   18.020  1.00 66.61 ? 372 ARG B NH1 1 
ATOM   722  N NH2 . ARG B 1 12 ? -13.174 8.159   19.506  1.00 70.09 ? 372 ARG B NH2 1 
ATOM   723  N N   . GLN B 1 13 ? -4.945  9.560   16.781  1.00 48.37 ? 373 GLN B N   1 
ATOM   724  C CA  . GLN B 1 13 ? -3.817  10.481  16.962  1.00 48.14 ? 373 GLN B CA  1 
ATOM   725  C C   . GLN B 1 13 ? -3.192  10.779  15.588  1.00 47.38 ? 373 GLN B C   1 
ATOM   726  O O   . GLN B 1 13 ? -2.707  11.886  15.362  1.00 47.47 ? 373 GLN B O   1 
ATOM   727  C CB  . GLN B 1 13 ? -2.700  9.935   17.891  1.00 48.95 ? 373 GLN B CB  1 
ATOM   728  C CG  . GLN B 1 13 ? -1.691  10.983  18.638  1.00 51.52 ? 373 GLN B CG  1 
ATOM   729  C CD  . GLN B 1 13 ? -2.339  12.312  19.168  1.00 58.38 ? 373 GLN B CD  1 
ATOM   730  O OE1 . GLN B 1 13 ? -3.578  12.500  19.138  1.00 64.55 ? 373 GLN B OE1 1 
ATOM   731  N NE2 . GLN B 1 13 ? -1.505  13.211  19.655  1.00 60.49 ? 373 GLN B NE2 1 
ATOM   732  N N   . LEU B 1 14 ? -3.167  9.768   14.710  1.00 45.57 ? 374 LEU B N   1 
ATOM   733  C CA  . LEU B 1 14 ? -2.653  9.912   13.394  1.00 44.39 ? 374 LEU B CA  1 
ATOM   734  C C   . LEU B 1 14 ? -3.559  10.846  12.679  1.00 44.65 ? 374 LEU B C   1 
ATOM   735  O O   . LEU B 1 14 ? -3.141  11.868  12.247  1.00 44.30 ? 374 LEU B O   1 
ATOM   736  C CB  . LEU B 1 14 ? -2.559  8.623   12.629  1.00 43.08 ? 374 LEU B CB  1 
ATOM   737  C CG  . LEU B 1 14 ? -1.723  8.644   11.360  1.00 40.34 ? 374 LEU B CG  1 
ATOM   738  C CD1 . LEU B 1 14 ? -0.264  9.168   11.542  1.00 41.08 ? 374 LEU B CD1 1 
ATOM   739  C CD2 . LEU B 1 14 ? -1.669  7.305   10.754  1.00 39.66 ? 374 LEU B CD2 1 
ATOM   740  N N   . TYR B 1 15 ? -4.825  10.553  12.605  1.00 45.45 ? 375 TYR B N   1 
ATOM   741  C CA  . TYR B 1 15 ? -5.664  11.440  11.837  1.00 45.92 ? 375 TYR B CA  1 
ATOM   742  C C   . TYR B 1 15 ? -5.452  12.932  12.310  1.00 47.01 ? 375 TYR B C   1 
ATOM   743  O O   . TYR B 1 15 ? -5.482  13.864  11.485  1.00 46.77 ? 375 TYR B O   1 
ATOM   744  C CB  . TYR B 1 15 ? -7.148  10.999  11.850  1.00 44.66 ? 375 TYR B CB  1 
ATOM   745  C CG  . TYR B 1 15 ? -7.798  11.638  10.648  1.00 45.27 ? 375 TYR B CG  1 
ATOM   746  C CD1 . TYR B 1 15 ? -7.748  11.027  9.409   1.00 45.48 ? 375 TYR B CD1 1 
ATOM   747  C CD2 . TYR B 1 15 ? -8.348  12.927  10.709  1.00 42.66 ? 375 TYR B CD2 1 
ATOM   748  C CE1 . TYR B 1 15 ? -8.303  11.641  8.229   1.00 45.12 ? 375 TYR B CE1 1 
ATOM   749  C CE2 . TYR B 1 15 ? -8.914  13.568  9.495   1.00 45.83 ? 375 TYR B CE2 1 
ATOM   750  C CZ  . TYR B 1 15 ? -8.844  12.912  8.265   1.00 45.02 ? 375 TYR B CZ  1 
ATOM   751  O OH  . TYR B 1 15 ? -9.345  13.481  7.081   1.00 44.33 ? 375 TYR B OH  1 
ATOM   752  N N   . SER B 1 16 ? -5.192  13.167  13.598  1.00 47.40 ? 376 SER B N   1 
ATOM   753  C CA  . SER B 1 16 ? -5.285  14.532  14.065  1.00 48.81 ? 376 SER B CA  1 
ATOM   754  C C   . SER B 1 16 ? -4.023  15.292  13.961  1.00 47.94 ? 376 SER B C   1 
ATOM   755  O O   . SER B 1 16 ? -4.025  16.522  14.094  1.00 50.43 ? 376 SER B O   1 
ATOM   756  C CB  . SER B 1 16 ? -5.911  14.652  15.446  1.00 48.92 ? 376 SER B CB  1 
ATOM   757  O OG  . SER B 1 16 ? -4.999  14.169  16.351  1.00 52.83 ? 376 SER B OG  1 
ATOM   758  N N   . LEU B 1 17 ? -2.976  14.573  13.672  1.00 48.01 ? 377 LEU B N   1 
ATOM   759  C CA  . LEU B 1 17 ? -1.659  15.089  13.420  1.00 47.76 ? 377 LEU B CA  1 
ATOM   760  C C   . LEU B 1 17 ? -1.441  15.332  11.934  1.00 48.40 ? 377 LEU B C   1 
ATOM   761  O O   . LEU B 1 17 ? -0.581  16.133  11.591  1.00 49.75 ? 377 LEU B O   1 
ATOM   762  C CB  . LEU B 1 17 ? -0.620  14.028  13.828  1.00 47.91 ? 377 LEU B CB  1 
ATOM   763  C CG  . LEU B 1 17 ? 0.283   13.995  15.077  1.00 50.03 ? 377 LEU B CG  1 
ATOM   764  C CD1 . LEU B 1 17 ? 1.130   13.355  15.595  0.00 57.78 ? 377 LEU B CD1 1 
ATOM   765  C CD2 . LEU B 1 17 ? 0.387   15.359  15.848  1.00 51.25 ? 377 LEU B CD2 1 
ATOM   766  N N   . ILE B 1 18 ? -2.103  14.577  11.030  1.00 47.67 ? 378 ILE B N   1 
ATOM   767  C CA  . ILE B 1 18 ? -1.815  14.702  9.566   1.00 46.74 ? 378 ILE B CA  1 
ATOM   768  C C   . ILE B 1 18 ? -3.039  14.756  8.633   1.00 45.22 ? 378 ILE B C   1 
ATOM   769  O O   . ILE B 1 18 ? -2.927  15.113  7.482   1.00 43.32 ? 378 ILE B O   1 
ATOM   770  C CB  . ILE B 1 18 ? -0.883  13.594  9.060   1.00 47.98 ? 378 ILE B CB  1 
ATOM   771  C CG1 . ILE B 1 18 ? -1.512  12.171  9.223   1.00 47.16 ? 378 ILE B CG1 1 
ATOM   772  C CG2 . ILE B 1 18 ? 0.506   13.674  9.706   1.00 49.03 ? 378 ILE B CG2 1 
ATOM   773  C CD1 . ILE B 1 18 ? -0.708  11.046  8.314   1.00 48.42 ? 378 ILE B CD1 1 
ATOM   774  N N   . GLY B 1 19 ? -4.203  14.421  9.142   1.00 44.18 ? 379 GLY B N   1 
ATOM   775  C CA  . GLY B 1 19 ? -5.380  14.312  8.295   1.00 44.16 ? 379 GLY B CA  1 
ATOM   776  C C   . GLY B 1 19 ? -5.784  15.688  7.743   1.00 44.20 ? 379 GLY B C   1 
ATOM   777  O O   . GLY B 1 19 ? -5.647  16.718  8.462   1.00 45.25 ? 379 GLY B O   1 
ATOM   778  N N   . TYR B 1 20 ? -6.167  15.699  6.465   1.00 40.94 ? 380 TYR B N   1 
ATOM   779  C CA  . TYR B 1 20 ? -7.102  16.625  5.968   1.00 39.55 ? 380 TYR B CA  1 
ATOM   780  C C   . TYR B 1 20 ? -7.980  15.928  4.910   1.00 39.99 ? 380 TYR B C   1 
ATOM   781  O O   . TYR B 1 20 ? -7.656  14.865  4.372   1.00 40.43 ? 380 TYR B O   1 
ATOM   782  C CB  . TYR B 1 20 ? -6.346  17.807  5.398   1.00 39.01 ? 380 TYR B CB  1 
ATOM   783  C CG  . TYR B 1 20 ? -5.169  17.456  4.520   1.00 37.99 ? 380 TYR B CG  1 
ATOM   784  C CD1 . TYR B 1 20 ? -5.256  17.538  3.104   1.00 38.36 ? 380 TYR B CD1 1 
ATOM   785  C CD2 . TYR B 1 20 ? -3.945  17.094  5.067   1.00 39.92 ? 380 TYR B CD2 1 
ATOM   786  C CE1 . TYR B 1 20 ? -4.196  17.186  2.271   1.00 35.44 ? 380 TYR B CE1 1 
ATOM   787  C CE2 . TYR B 1 20 ? -2.828  16.744  4.223   1.00 36.84 ? 380 TYR B CE2 1 
ATOM   788  C CZ  . TYR B 1 20 ? -2.976  16.844  2.837   1.00 38.18 ? 380 TYR B CZ  1 
ATOM   789  O OH  . TYR B 1 20 ? -1.894  16.599  2.051   1.00 39.49 ? 380 TYR B OH  1 
ATOM   790  N N   . ALA B 1 21 ? -9.084  16.537  4.611   1.00 40.89 ? 381 ALA B N   1 
ATOM   791  C CA  . ALA B 1 21 ? -10.062 16.092  3.621   1.00 41.14 ? 381 ALA B CA  1 
ATOM   792  C C   . ALA B 1 21 ? -9.503  15.576  2.387   1.00 41.57 ? 381 ALA B C   1 
ATOM   793  O O   . ALA B 1 21 ? -10.028 14.663  1.857   1.00 44.18 ? 381 ALA B O   1 
ATOM   794  C CB  . ALA B 1 21 ? -11.080 17.273  3.289   1.00 41.47 ? 381 ALA B CB  1 
ATOM   795  N N   . SER B 1 22 ? -8.426  16.099  1.847   1.00 43.59 ? 382 SER B N   1 
ATOM   796  C CA  . SER B 1 22 ? -8.011  15.520  0.550   1.00 42.46 ? 382 SER B CA  1 
ATOM   797  C C   . SER B 1 22 ? -6.867  14.539  0.648   1.00 41.41 ? 382 SER B C   1 
ATOM   798  O O   . SER B 1 22 ? -6.429  13.922  -0.348  1.00 37.43 ? 382 SER B O   1 
ATOM   799  C CB  . SER B 1 22 ? -7.810  16.611  -0.509  1.00 42.44 ? 382 SER B CB  1 
ATOM   800  O OG  . SER B 1 22 ? -6.816  17.476  -0.074  1.00 48.14 ? 382 SER B OG  1 
ATOM   801  N N   . LEU B 1 23 ? -6.333  14.383  1.851   1.00 42.30 ? 383 LEU B N   1 
ATOM   802  C CA  . LEU B 1 23 ? -5.274  13.351  2.028   1.00 42.16 ? 383 LEU B CA  1 
ATOM   803  C C   . LEU B 1 23 ? -5.692  11.943  1.598   1.00 41.79 ? 383 LEU B C   1 
ATOM   804  O O   . LEU B 1 23 ? -4.885  11.245  1.013   1.00 41.22 ? 383 LEU B O   1 
ATOM   805  C CB  . LEU B 1 23 ? -4.774  13.325  3.419   1.00 41.79 ? 383 LEU B CB  1 
ATOM   806  C CG  . LEU B 1 23 ? -3.531  12.499  3.642   1.00 43.59 ? 383 LEU B CG  1 
ATOM   807  C CD1 . LEU B 1 23 ? -2.234  13.000  2.875   1.00 41.60 ? 383 LEU B CD1 1 
ATOM   808  C CD2 . LEU B 1 23 ? -3.344  12.526  5.135   1.00 43.10 ? 383 LEU B CD2 1 
ATOM   809  N N   . ARG B 1 24 ? -6.964  11.601  1.823   1.00 41.48 ? 384 ARG B N   1 
ATOM   810  C CA  . ARG B 1 24 ? -7.424  10.276  1.663   1.00 42.30 ? 384 ARG B CA  1 
ATOM   811  C C   . ARG B 1 24 ? -6.634  9.171   2.481   1.00 43.46 ? 384 ARG B C   1 
ATOM   812  O O   . ARG B 1 24 ? -6.330  8.076   1.943   1.00 44.34 ? 384 ARG B O   1 
ATOM   813  C CB  . ARG B 1 24 ? -7.434  9.953   0.170   1.00 42.61 ? 384 ARG B CB  1 
ATOM   814  C CG  . ARG B 1 24 ? -8.681  9.117   -0.249  1.00 42.21 ? 384 ARG B CG  1 
ATOM   815  C CD  . ARG B 1 24 ? -8.743  8.988   -1.824  1.00 46.92 ? 384 ARG B CD  1 
ATOM   816  N NE  . ARG B 1 24 ? -8.712  7.590   -2.129  1.00 46.88 ? 384 ARG B NE  1 
ATOM   817  C CZ  . ARG B 1 24 ? -7.818  6.896   -2.795  1.00 46.71 ? 384 ARG B CZ  1 
ATOM   818  N NH1 . ARG B 1 24 ? -6.819  7.415   -3.488  1.00 48.57 ? 384 ARG B NH1 1 
ATOM   819  N NH2 . ARG B 1 24 ? -8.052  5.605   -2.864  1.00 45.69 ? 384 ARG B NH2 1 
ATOM   820  N N   . LEU B 1 25 ? -6.370  9.422   3.769   1.00 43.46 ? 385 LEU B N   1 
ATOM   821  C CA  . LEU B 1 25 ? -5.840  8.397   4.712   1.00 43.50 ? 385 LEU B CA  1 
ATOM   822  C C   . LEU B 1 25 ? -6.781  7.188   4.774   1.00 42.15 ? 385 LEU B C   1 
ATOM   823  O O   . LEU B 1 25 ? -7.904  7.311   4.849   1.00 41.39 ? 385 LEU B O   1 
ATOM   824  C CB  . LEU B 1 25 ? -5.697  9.041   6.103   1.00 45.10 ? 385 LEU B CB  1 
ATOM   825  C CG  . LEU B 1 25 ? -5.053  8.449   7.349   1.00 46.54 ? 385 LEU B CG  1 
ATOM   826  C CD1 . LEU B 1 25 ? -3.685  8.332   7.022   1.00 51.17 ? 385 LEU B CD1 1 
ATOM   827  C CD2 . LEU B 1 25 ? -5.035  8.692   8.536   0.00 49.36 ? 385 LEU B CD2 1 
ATOM   828  N N   . HIS B 1 26 ? -6.287  5.998   4.628   1.00 42.44 ? 386 HIS B N   1 
ATOM   829  C CA  . HIS B 1 26 ? -7.111  4.828   4.611   1.00 41.87 ? 386 HIS B CA  1 
ATOM   830  C C   . HIS B 1 26 ? -6.277  3.605   4.960   1.00 40.30 ? 386 HIS B C   1 
ATOM   831  O O   . HIS B 1 26 ? -5.103  3.646   4.984   1.00 37.97 ? 386 HIS B O   1 
ATOM   832  C CB  . HIS B 1 26 ? -7.906  4.667   3.284   1.00 41.30 ? 386 HIS B CB  1 
ATOM   833  C CG  . HIS B 1 26 ? -7.072  4.458   2.072   1.00 42.44 ? 386 HIS B CG  1 
ATOM   834  N ND1 . HIS B 1 26 ? -6.223  5.420   1.583   1.00 42.67 ? 386 HIS B ND1 1 
ATOM   835  C CD2 . HIS B 1 26 ? -7.004  3.413   1.204   1.00 43.08 ? 386 HIS B CD2 1 
ATOM   836  C CE1 . HIS B 1 26 ? -5.613  4.936   0.505   1.00 43.56 ? 386 HIS B CE1 1 
ATOM   837  N NE2 . HIS B 1 26 ? -6.093  3.731   0.237   1.00 36.29 ? 386 HIS B NE2 1 
ATOM   838  N N   . TYR B 1 27 ? -6.967  2.549   5.316   1.00 41.41 ? 387 TYR B N   1 
ATOM   839  C CA  . TYR B 1 27 ? -6.375  1.321   5.813   1.00 42.12 ? 387 TYR B CA  1 
ATOM   840  C C   . TYR B 1 27 ? -6.839  0.306   4.849   1.00 44.64 ? 387 TYR B C   1 
ATOM   841  O O   . TYR B 1 27 ? -8.009  0.208   4.608   1.00 44.68 ? 387 TYR B O   1 
ATOM   842  C CB  . TYR B 1 27 ? -6.879  0.989   7.220   1.00 40.49 ? 387 TYR B CB  1 
ATOM   843  C CG  . TYR B 1 27 ? -6.379  2.031   8.206   1.00 37.22 ? 387 TYR B CG  1 
ATOM   844  C CD1 . TYR B 1 27 ? -5.084  1.902   8.755   1.00 34.60 ? 387 TYR B CD1 1 
ATOM   845  C CD2 . TYR B 1 27 ? -7.111  3.199   8.466   1.00 27.21 ? 387 TYR B CD2 1 
ATOM   846  C CE1 . TYR B 1 27 ? -4.536  2.894   9.593   1.00 31.19 ? 387 TYR B CE1 1 
ATOM   847  C CE2 . TYR B 1 27 ? -6.556  4.213   9.242   1.00 27.82 ? 387 TYR B CE2 1 
ATOM   848  C CZ  . TYR B 1 27 ? -5.272  4.033   9.842   1.00 31.14 ? 387 TYR B CZ  1 
ATOM   849  O OH  . TYR B 1 27 ? -4.687  4.949   10.703  1.00 34.35 ? 387 TYR B OH  1 
ATOM   850  N N   . VAL B 1 28 ? -5.915  -0.421  4.242   1.00 47.97 ? 388 VAL B N   1 
ATOM   851  C CA  . VAL B 1 28 ? -6.299  -1.581  3.438   1.00 50.00 ? 388 VAL B CA  1 
ATOM   852  C C   . VAL B 1 28 ? -5.584  -2.854  3.947   1.00 49.86 ? 388 VAL B C   1 
ATOM   853  O O   . VAL B 1 28 ? -4.435  -2.832  4.369   1.00 50.34 ? 388 VAL B O   1 
ATOM   854  C CB  . VAL B 1 28 ? -6.125  -1.334  1.860   1.00 50.54 ? 388 VAL B CB  1 
ATOM   855  C CG1 . VAL B 1 28 ? -5.740  0.063   1.546   1.00 50.81 ? 388 VAL B CG1 1 
ATOM   856  C CG2 . VAL B 1 28 ? -5.131  -2.283  1.267   1.00 51.19 ? 388 VAL B CG2 1 
ATOM   857  N N   . THR B 1 29 ? -6.298  -3.951  3.913   1.00 51.22 ? 389 THR B N   1 
ATOM   858  C CA  . THR B 1 29 ? -5.739  -5.261  4.249   1.00 51.90 ? 389 THR B CA  1 
ATOM   859  C C   . THR B 1 29 ? -4.899  -5.836  3.149   1.00 51.95 ? 389 THR B C   1 
ATOM   860  O O   . THR B 1 29 ? -5.409  -6.192  2.181   1.00 52.26 ? 389 THR B O   1 
ATOM   861  C CB  . THR B 1 29 ? -6.907  -6.200  4.499   1.00 52.70 ? 389 THR B CB  1 
ATOM   862  O OG1 . THR B 1 29 ? -7.472  -5.905  5.763   1.00 49.07 ? 389 THR B OG1 1 
ATOM   863  C CG2 . THR B 1 29 ? -6.430  -7.681  4.637   1.00 57.09 ? 389 THR B CG2 1 
ATOM   864  N N   . VAL B 1 30 ? -3.610  -5.960  3.301   1.00 54.04 ? 390 VAL B N   1 
ATOM   865  C CA  . VAL B 1 30 ? -2.836  -6.675  2.323   1.00 56.54 ? 390 VAL B CA  1 
ATOM   866  C C   . VAL B 1 30 ? -2.636  -8.205  2.606   1.00 58.84 ? 390 VAL B C   1 
ATOM   867  O O   . VAL B 1 30 ? -1.846  -8.866  1.920   1.00 56.34 ? 390 VAL B O   1 
ATOM   868  C CB  . VAL B 1 30 ? -1.490  -6.008  2.120   1.00 57.25 ? 390 VAL B CB  1 
ATOM   869  C CG1 . VAL B 1 30 ? -1.699  -4.562  1.545   1.00 56.42 ? 390 VAL B CG1 1 
ATOM   870  C CG2 . VAL B 1 30 ? -0.579  -6.075  3.447   1.00 57.48 ? 390 VAL B CG2 1 
ATOM   871  N N   . LYS B 1 31 ? -3.343  -8.710  3.632   1.00 61.93 ? 391 LYS B N   1 
ATOM   872  C CA  . LYS B 1 31 ? -3.291  -10.115 4.043   1.00 64.16 ? 391 LYS B CA  1 
ATOM   873  C C   . LYS B 1 31 ? -4.349  -10.493 5.091   1.00 65.11 ? 391 LYS B C   1 
ATOM   874  O O   . LYS B 1 31 ? -4.188  -10.165 6.249   1.00 63.73 ? 391 LYS B O   1 
ATOM   875  C CB  . LYS B 1 31 ? -1.909  -10.496 4.575   1.00 64.33 ? 391 LYS B CB  1 
ATOM   876  C CG  . LYS B 1 31 ? -1.507  -11.928 4.109   1.00 66.35 ? 391 LYS B CG  1 
ATOM   877  C CD  . LYS B 1 31 ? -0.722  -12.739 5.194   1.00 67.54 ? 391 LYS B CD  1 
ATOM   878  C CE  . LYS B 1 31 ? -1.580  -13.846 5.829   1.00 68.39 ? 391 LYS B CE  1 
ATOM   879  N NZ  . LYS B 1 31 ? -1.559  -13.807 7.308   1.00 68.95 ? 391 LYS B NZ  1 
ATOM   880  N N   . LYS B 1 32 ? -5.413  -11.189 4.664   1.00 67.23 ? 392 LYS B N   1 
ATOM   881  C CA  . LYS B 1 32 ? -6.451  -11.688 5.583   1.00 68.91 ? 392 LYS B CA  1 
ATOM   882  C C   . LYS B 1 32 ? -5.845  -12.797 6.496   1.00 71.62 ? 392 LYS B C   1 
ATOM   883  O O   . LYS B 1 32 ? -4.722  -13.306 6.241   1.00 71.28 ? 392 LYS B O   1 
ATOM   884  C CB  . LYS B 1 32 ? -7.696  -12.237 4.838   1.00 68.59 ? 392 LYS B CB  1 
ATOM   885  C CG  . LYS B 1 32 ? -8.561  -11.249 4.010   1.00 66.76 ? 392 LYS B CG  1 
ATOM   886  C CD  . LYS B 1 32 ? -9.692  -11.567 3.393   0.00 70.83 ? 392 LYS B CD  1 
ATOM   887  C CE  . LYS B 1 32 ? -10.342 -10.500 2.530   0.00 72.44 ? 392 LYS B CE  1 
ATOM   888  N NZ  . LYS B 1 32 ? -11.652 -10.949 1.984   0.00 73.10 ? 392 LYS B NZ  1 
ATOM   889  N N   . PRO B 1 33 ? -6.542  -13.106 7.609   1.00 74.69 ? 393 PRO B N   1 
ATOM   890  C CA  . PRO B 1 33 ? -6.175  -14.227 8.494   1.00 75.66 ? 393 PRO B CA  1 
ATOM   891  C C   . PRO B 1 33 ? -6.052  -15.582 7.778   1.00 76.75 ? 393 PRO B C   1 
ATOM   892  O O   . PRO B 1 33 ? -4.956  -16.183 7.866   1.00 76.16 ? 393 PRO B O   1 
ATOM   893  C CB  . PRO B 1 33 ? -7.329  -14.257 9.517   1.00 75.64 ? 393 PRO B CB  1 
ATOM   894  C CG  . PRO B 1 33 ? -7.783  -12.853 9.588   1.00 75.77 ? 393 PRO B CG  1 
ATOM   895  C CD  . PRO B 1 33 ? -7.695  -12.341 8.161   1.00 75.57 ? 393 PRO B CD  1 
ATOM   896  N N   . THR B 1 34 ? -7.120  -15.989 7.059   1.00 77.80 ? 394 THR B N   1 
ATOM   897  C CA  . THR B 1 34 ? -7.320  -17.376 6.534   1.00 79.50 ? 394 THR B CA  1 
ATOM   898  C C   . THR B 1 34 ? -7.526  -18.434 7.650   1.00 81.13 ? 394 THR B C   1 
ATOM   899  O O   . THR B 1 34 ? -7.643  -18.082 8.848   1.00 81.66 ? 394 THR B O   1 
ATOM   900  C CB  . THR B 1 34 ? -6.257  -17.884 5.416   1.00 79.08 ? 394 THR B CB  1 
ATOM   901  O OG1 . THR B 1 34 ? -4.935  -18.033 5.964   1.00 77.32 ? 394 THR B OG1 1 
ATOM   902  C CG2 . THR B 1 34 ? -6.162  -16.894 4.221   1.00 77.87 ? 394 THR B CG2 1 
ATOM   903  N N   . ALA B 1 35 ? -7.631  -19.713 7.246   1.00 82.91 ? 395 ALA B N   1 
ATOM   904  C CA  . ALA B 1 35 ? -8.009  -20.799 8.167   1.00 83.78 ? 395 ALA B CA  1 
ATOM   905  C C   . ALA B 1 35 ? -6.796  -21.634 8.506   1.00 84.77 ? 395 ALA B C   1 
ATOM   906  O O   . ALA B 1 35 ? -6.938  -22.715 9.066   1.00 85.56 ? 395 ALA B O   1 
ATOM   907  C CB  . ALA B 1 35 ? -9.121  -21.655 7.561   1.00 83.80 ? 395 ALA B CB  1 
ATOM   908  N N   . VAL B 1 36 ? -5.614  -21.087 8.186   1.00 86.36 ? 396 VAL B N   1 
ATOM   909  C CA  . VAL B 1 36 ? -4.304  -21.789 8.191   1.00 87.01 ? 396 VAL B CA  1 
ATOM   910  C C   . VAL B 1 36 ? -3.178  -20.860 8.627   1.00 87.39 ? 396 VAL B C   1 
ATOM   911  O O   . VAL B 1 36 ? -2.131  -21.333 9.097   1.00 87.36 ? 396 VAL B O   1 
ATOM   912  C CB  . VAL B 1 36 ? -3.922  -22.459 6.771   1.00 87.37 ? 396 VAL B CB  1 
ATOM   913  C CG1 . VAL B 1 36 ? -4.002  -21.462 5.542   1.00 86.43 ? 396 VAL B CG1 1 
ATOM   914  C CG2 . VAL B 1 36 ? -2.541  -23.179 6.850   1.00 87.27 ? 396 VAL B CG2 1 
ATOM   915  N N   . ASP B 1 37 ? -3.375  -19.560 8.349   1.00 87.75 ? 397 ASP B N   1 
ATOM   916  C CA  . ASP B 1 37 ? -2.758  -18.446 9.074   1.00 87.95 ? 397 ASP B CA  1 
ATOM   917  C C   . ASP B 1 37 ? -3.923  -18.007 10.009  1.00 87.89 ? 397 ASP B C   1 
ATOM   918  O O   . ASP B 1 37 ? -5.086  -18.257 9.682   1.00 88.52 ? 397 ASP B O   1 
ATOM   919  C CB  . ASP B 1 37 ? -2.274  -17.312 8.104   1.00 88.10 ? 397 ASP B CB  1 
ATOM   920  C CG  . ASP B 1 37 ? -1.835  -17.834 6.647   1.00 88.15 ? 397 ASP B CG  1 
ATOM   921  O OD1 . ASP B 1 37 ? -0.633  -18.198 6.477   1.00 84.16 ? 397 ASP B OD1 1 
ATOM   922  O OD2 . ASP B 1 37 ? -2.605  -17.848 5.620   1.00 84.33 ? 397 ASP B OD2 1 
ATOM   923  N N   . PRO B 1 38 ? -3.667  -17.492 11.210  1.00 87.47 ? 398 PRO B N   1 
ATOM   924  C CA  . PRO B 1 38 ? -4.663  -16.627 11.871  1.00 86.83 ? 398 PRO B CA  1 
ATOM   925  C C   . PRO B 1 38 ? -4.328  -15.090 11.695  1.00 86.00 ? 398 PRO B C   1 
ATOM   926  O O   . PRO B 1 38 ? -5.231  -14.238 11.946  1.00 85.39 ? 398 PRO B O   1 
ATOM   927  C CB  . PRO B 1 38 ? -4.568  -17.074 13.352  1.00 86.67 ? 398 PRO B CB  1 
ATOM   928  C CG  . PRO B 1 38 ? -3.125  -17.670 13.531  1.00 86.53 ? 398 PRO B CG  1 
ATOM   929  C CD  . PRO B 1 38 ? -2.533  -17.769 12.119  1.00 87.60 ? 398 PRO B CD  1 
ATOM   930  N N   . ASN B 1 39 ? -3.081  -14.788 11.247  1.00 83.91 ? 399 ASN B N   1 
ATOM   931  C CA  . ASN B 1 39 ? -2.480  -13.449 11.329  1.00 82.74 ? 399 ASN B CA  1 
ATOM   932  C C   . ASN B 1 39 ? -2.763  -12.522 10.096  1.00 80.96 ? 399 ASN B C   1 
ATOM   933  O O   . ASN B 1 39 ? -3.254  -12.953 9.019   1.00 81.04 ? 399 ASN B O   1 
ATOM   934  C CB  . ASN B 1 39 ? -0.974  -13.521 11.704  1.00 82.83 ? 399 ASN B CB  1 
ATOM   935  C CG  . ASN B 1 39 ? -0.747  -13.427 13.246  1.00 84.23 ? 399 ASN B CG  1 
ATOM   936  O OD1 . ASN B 1 39 ? -1.668  -13.660 14.028  1.00 86.32 ? 399 ASN B OD1 1 
ATOM   937  N ND2 . ASN B 1 39 ? 0.469   -13.069 13.668  1.00 83.05 ? 399 ASN B ND2 1 
ATOM   938  N N   . SER B 1 40 ? -2.502  -11.230 10.286  1.00 77.46 ? 400 SER B N   1 
ATOM   939  C CA  . SER B 1 40 ? -3.135  -10.204 9.453   1.00 74.23 ? 400 SER B CA  1 
ATOM   940  C C   . SER B 1 40 ? -2.152  -9.124  9.195   1.00 70.23 ? 400 SER B C   1 
ATOM   941  O O   . SER B 1 40 ? -1.428  -8.770  10.105  1.00 70.65 ? 400 SER B O   1 
ATOM   942  C CB  . SER B 1 40 ? -4.340  -9.618  10.191  1.00 74.95 ? 400 SER B CB  1 
ATOM   943  O OG  . SER B 1 40 ? -5.474  -9.548  9.339   1.00 76.79 ? 400 SER B OG  1 
ATOM   944  N N   . ILE B 1 41 ? -2.083  -8.639  7.959   1.00 65.35 ? 401 ILE B N   1 
ATOM   945  C CA  . ILE B 1 41 ? -1.301  -7.444  7.612   1.00 61.02 ? 401 ILE B CA  1 
ATOM   946  C C   . ILE B 1 41 ? -2.188  -6.362  6.965   1.00 57.55 ? 401 ILE B C   1 
ATOM   947  O O   . ILE B 1 41 ? -3.049  -6.640  6.096   1.00 57.08 ? 401 ILE B O   1 
ATOM   948  C CB  . ILE B 1 41 ? -0.069  -7.792  6.742   1.00 60.84 ? 401 ILE B CB  1 
ATOM   949  C CG1 . ILE B 1 41 ? 0.542   -9.128  7.199   1.00 59.08 ? 401 ILE B CG1 1 
ATOM   950  C CG2 . ILE B 1 41 ? 0.956   -6.648  6.835   1.00 61.86 ? 401 ILE B CG2 1 
ATOM   951  C CD1 . ILE B 1 41 ? 1.603   -9.714  6.260   1.00 56.62 ? 401 ILE B CD1 1 
ATOM   952  N N   . VAL B 1 42 ? -2.026  -5.148  7.501   1.00 54.47 ? 402 VAL B N   1 
ATOM   953  C CA  . VAL B 1 42 ? -2.789  -3.924  7.160   1.00 51.45 ? 402 VAL B CA  1 
ATOM   954  C C   . VAL B 1 42 ? -1.802  -2.778  6.867   1.00 49.05 ? 402 VAL B C   1 
ATOM   955  O O   . VAL B 1 42 ? -0.865  -2.533  7.612   1.00 46.64 ? 402 VAL B O   1 
ATOM   956  C CB  . VAL B 1 42 ? -3.788  -3.520  8.247   1.00 50.74 ? 402 VAL B CB  1 
ATOM   957  C CG1 . VAL B 1 42 ? -4.333  -2.166  7.971   1.00 52.90 ? 402 VAL B CG1 1 
ATOM   958  C CG2 . VAL B 1 42 ? -4.947  -4.481  8.309   1.00 51.15 ? 402 VAL B CG2 1 
ATOM   959  N N   . GLU B 1 43 ? -1.998  -2.156  5.709   1.00 47.67 ? 403 GLU B N   1 
ATOM   960  C CA  . GLU B 1 43 ? -1.251  -0.993  5.334   1.00 46.31 ? 403 GLU B CA  1 
ATOM   961  C C   . GLU B 1 43 ? -2.049  0.258   5.639   1.00 45.60 ? 403 GLU B C   1 
ATOM   962  O O   . GLU B 1 43 ? -3.308  0.275   5.452   1.00 45.36 ? 403 GLU B O   1 
ATOM   963  C CB  . GLU B 1 43 ? -0.878  -1.121  3.889   1.00 47.48 ? 403 GLU B CB  1 
ATOM   964  C CG  . GLU B 1 43 ? 0.578   -1.649  3.748   1.00 48.51 ? 403 GLU B CG  1 
ATOM   965  C CD  . GLU B 1 43 ? 1.063   -2.032  2.374   1.00 49.13 ? 403 GLU B CD  1 
ATOM   966  O OE1 . GLU B 1 43 ? 0.490   -1.686  1.317   1.00 54.32 ? 403 GLU B OE1 1 
ATOM   967  O OE2 . GLU B 1 43 ? 2.127   -2.688  2.364   1.00 52.21 ? 403 GLU B OE2 1 
ATOM   968  N N   . CYS B 1 44 ? -1.369  1.233   6.284   1.00 43.52 ? 404 CYS B N   1 
ATOM   969  C CA  . CYS B 1 44 ? -1.909  2.571   6.506   1.00 41.43 ? 404 CYS B CA  1 
ATOM   970  C C   . CYS B 1 44 ? -1.516  3.446   5.300   1.00 40.06 ? 404 CYS B C   1 
ATOM   971  O O   . CYS B 1 44 ? -0.342  3.726   5.110   1.00 37.23 ? 404 CYS B O   1 
ATOM   972  C CB  . CYS B 1 44 ? -1.415  3.209   7.792   1.00 41.00 ? 404 CYS B CB  1 
ATOM   973  S SG  . CYS B 1 44 ? -1.959  4.988   7.958   1.00 41.19 ? 404 CYS B SG  1 
ATOM   974  N N   . ARG B 1 45 ? -2.483  3.824   4.445   1.00 38.78 ? 405 ARG B N   1 
ATOM   975  C CA  . ARG B 1 45 ? -2.091  4.560   3.260   1.00 37.30 ? 405 ARG B CA  1 
ATOM   976  C C   . ARG B 1 45 ? -2.758  5.919   3.009   1.00 36.86 ? 405 ARG B C   1 
ATOM   977  O O   . ARG B 1 45 ? -3.781  6.261   3.573   1.00 34.87 ? 405 ARG B O   1 
ATOM   978  C CB  . ARG B 1 45 ? -2.366  3.722   2.081   1.00 37.54 ? 405 ARG B CB  1 
ATOM   979  C CG  . ARG B 1 45 ? -1.852  2.374   2.049   1.00 38.81 ? 405 ARG B CG  1 
ATOM   980  C CD  . ARG B 1 45 ? -2.368  1.697   0.784   1.00 42.32 ? 405 ARG B CD  1 
ATOM   981  N NE  . ARG B 1 45 ? -1.947  0.314   0.636   1.00 41.30 ? 405 ARG B NE  1 
ATOM   982  C CZ  . ARG B 1 45 ? -2.462  -0.544  -0.253  1.00 43.00 ? 405 ARG B CZ  1 
ATOM   983  N NH1 . ARG B 1 45 ? -3.405  -0.154  -1.097  1.00 42.42 ? 405 ARG B NH1 1 
ATOM   984  N NH2 . ARG B 1 45 ? -1.987  -1.783  -0.335  1.00 42.65 ? 405 ARG B NH2 1 
ATOM   985  N N   . VAL B 1 46 ? -2.154  6.713   2.122   1.00 36.94 ? 406 VAL B N   1 
ATOM   986  C CA  . VAL B 1 46 ? -2.788  7.946   1.689   1.00 35.44 ? 406 VAL B CA  1 
ATOM   987  C C   . VAL B 1 46 ? -3.175  7.786   0.217   1.00 35.21 ? 406 VAL B C   1 
ATOM   988  O O   . VAL B 1 46 ? -2.904  6.731   -0.402  1.00 34.92 ? 406 VAL B O   1 
ATOM   989  C CB  . VAL B 1 46 ? -1.917  9.097   1.944   1.00 34.35 ? 406 VAL B CB  1 
ATOM   990  C CG1 . VAL B 1 46 ? -1.790  9.281   3.421   1.00 34.68 ? 406 VAL B CG1 1 
ATOM   991  C CG2 . VAL B 1 46 ? -0.554  8.913   1.363   1.00 35.80 ? 406 VAL B CG2 1 
ATOM   992  C CA  . GLY B 1 47 ? -4.398  8.939   -1.587  1.00 35.20 ? 407 GLY B CA  1 
ATOM   993  C C   . GLY B 1 47 ? -3.533  8.560   -2.830  1.00 35.31 ? 407 GLY B C   1 
ATOM   994  O O   . GLY B 1 47 ? -4.145  8.063   -3.817  1.00 33.79 ? 407 GLY B O   1 
ATOM   995  N N   . ASP B 1 48 ? -2.205  8.783   -2.805  1.00 33.23 ? 408 ASP B N   1 
ATOM   996  C CA  . ASP B 1 48 ? -1.408  8.244   -3.863  1.00 34.38 ? 408 ASP B CA  1 
ATOM   997  C C   . ASP B 1 48 ? -0.872  6.874   -3.624  1.00 35.15 ? 408 ASP B C   1 
ATOM   998  O O   . ASP B 1 48 ? -0.019  6.386   -4.369  1.00 34.87 ? 408 ASP B O   1 
ATOM   999  C CB  . ASP B 1 48 ? -0.239  9.146   -4.199  1.00 35.26 ? 408 ASP B CB  1 
ATOM   1000 C CG  . ASP B 1 48 ? 0.716   9.301   -3.097  1.00 36.65 ? 408 ASP B CG  1 
ATOM   1001 O OD1 . ASP B 1 48 ? 0.510   8.720   -2.029  1.00 41.32 ? 408 ASP B OD1 1 
ATOM   1002 O OD2 . ASP B 1 48 ? 1.750   10.003  -3.228  1.00 48.63 ? 408 ASP B OD2 1 
ATOM   1003 N N   . GLY B 1 49 ? -1.326  6.185   -2.606  1.00 36.21 ? 409 GLY B N   1 
ATOM   1004 C CA  . GLY B 1 49 ? -0.764  4.818   -2.436  1.00 35.53 ? 409 GLY B CA  1 
ATOM   1005 C C   . GLY B 1 49 ? 0.374   4.757   -1.471  1.00 34.14 ? 409 GLY B C   1 
ATOM   1006 O O   . GLY B 1 49 ? 0.630   3.702   -0.993  1.00 33.40 ? 409 GLY B O   1 
ATOM   1007 N N   . THR B 1 50 ? 0.990   5.873   -1.108  1.00 35.24 ? 410 THR B N   1 
ATOM   1008 C CA  . THR B 1 50 ? 2.150   5.822   -0.174  1.00 36.46 ? 410 THR B CA  1 
ATOM   1009 C C   . THR B 1 50 ? 1.769   5.168   1.173   1.00 37.10 ? 410 THR B C   1 
ATOM   1010 O O   . THR B 1 50 ? 0.679   5.366   1.739   1.00 38.89 ? 410 THR B O   1 
ATOM   1011 C CB  . THR B 1 50 ? 2.713   7.220   0.069   1.00 37.90 ? 410 THR B CB  1 
ATOM   1012 O OG1 . THR B 1 50 ? 2.843   7.921   -1.177  1.00 36.84 ? 410 THR B OG1 1 
ATOM   1013 C CG2 . THR B 1 50 ? 4.142   7.198   0.687   1.00 35.95 ? 410 THR B CG2 1 
ATOM   1014 N N   . VAL B 1 51 ? 2.652   4.304   1.639   1.00 37.68 ? 411 VAL B N   1 
ATOM   1015 C CA  . VAL B 1 51 ? 2.469   3.482   2.866   1.00 35.87 ? 411 VAL B CA  1 
ATOM   1016 C C   . VAL B 1 51 ? 3.092   4.210   3.981   1.00 37.00 ? 411 VAL B C   1 
ATOM   1017 O O   . VAL B 1 51 ? 4.303   4.472   3.955   1.00 37.10 ? 411 VAL B O   1 
ATOM   1018 C CB  . VAL B 1 51 ? 3.043   2.045   2.675   1.00 34.61 ? 411 VAL B CB  1 
ATOM   1019 C CG1 . VAL B 1 51 ? 2.824   1.171   3.912   1.00 32.40 ? 411 VAL B CG1 1 
ATOM   1020 C CG2 . VAL B 1 51 ? 2.257   1.453   1.503   1.00 31.44 ? 411 VAL B CG2 1 
ATOM   1021 N N   . LEU B 1 52 ? 2.256   4.658   4.911   1.00 38.69 ? 412 LEU B N   1 
ATOM   1022 C CA  . LEU B 1 52 ? 2.754   5.266   6.164   1.00 40.18 ? 412 LEU B CA  1 
ATOM   1023 C C   . LEU B 1 52 ? 3.189   4.300   7.241   1.00 41.43 ? 412 LEU B C   1 
ATOM   1024 O O   . LEU B 1 52 ? 4.029   4.638   8.047   1.00 43.50 ? 412 LEU B O   1 
ATOM   1025 C CB  . LEU B 1 52 ? 1.762   6.298   6.747   1.00 40.29 ? 412 LEU B CB  1 
ATOM   1026 C CG  . LEU B 1 52 ? 1.123   7.311   5.727   1.00 36.65 ? 412 LEU B CG  1 
ATOM   1027 C CD1 . LEU B 1 52 ? 0.261   8.362   6.454   1.00 34.28 ? 412 LEU B CD1 1 
ATOM   1028 C CD2 . LEU B 1 52 ? 2.169   7.947   4.835   1.00 33.61 ? 412 LEU B CD2 1 
ATOM   1029 N N   . GLY B 1 53 ? 2.634   3.103   7.249   1.00 41.18 ? 413 GLY B N   1 
ATOM   1030 C CA  . GLY B 1 53 ? 2.630   2.277   8.432   1.00 40.86 ? 413 GLY B CA  1 
ATOM   1031 C C   . GLY B 1 53 ? 2.129   0.934   8.028   1.00 41.36 ? 413 GLY B C   1 
ATOM   1032 O O   . GLY B 1 53 ? 1.232   0.875   7.240   1.00 41.01 ? 413 GLY B O   1 
ATOM   1033 N N   . THR B 1 54 ? 2.734   -0.150  8.528   1.00 42.87 ? 414 THR B N   1 
ATOM   1034 C CA  . THR B 1 54 ? 2.287   -1.519  8.266   1.00 42.71 ? 414 THR B CA  1 
ATOM   1035 C C   . THR B 1 54 ? 2.199   -2.115  9.582   1.00 44.00 ? 414 THR B C   1 
ATOM   1036 O O   . THR B 1 54 ? 3.126   -1.935  10.379  1.00 42.27 ? 414 THR B O   1 
ATOM   1037 C CB  . THR B 1 54 ? 3.316   -2.257  7.482   1.00 43.26 ? 414 THR B CB  1 
ATOM   1038 O OG1 . THR B 1 54 ? 3.445   -1.670  6.183   1.00 44.28 ? 414 THR B OG1 1 
ATOM   1039 C CG2 . THR B 1 54 ? 2.908   -3.752  7.225   1.00 45.94 ? 414 THR B CG2 1 
ATOM   1040 N N   . GLY B 1 55 ? 1.087   -2.799  9.846   1.00 46.52 ? 415 GLY B N   1 
ATOM   1041 C CA  . GLY B 1 55 ? 0.929   -3.539  11.070  1.00 49.43 ? 415 GLY B CA  1 
ATOM   1042 C C   . GLY B 1 55 ? 0.514   -5.023  10.904  1.00 52.61 ? 415 GLY B C   1 
ATOM   1043 O O   . GLY B 1 55 ? -0.280  -5.367  9.999   1.00 54.07 ? 415 GLY B O   1 
ATOM   1044 N N   . VAL B 1 56 ? 1.016   -5.910  11.793  1.00 53.88 ? 416 VAL B N   1 
ATOM   1045 C CA  . VAL B 1 56 ? 0.548   -7.312  11.868  1.00 54.15 ? 416 VAL B CA  1 
ATOM   1046 C C   . VAL B 1 56 ? -0.181  -7.489  13.186  1.00 55.46 ? 416 VAL B C   1 
ATOM   1047 O O   . VAL B 1 56 ? 0.324   -7.063  14.194  1.00 57.41 ? 416 VAL B O   1 
ATOM   1048 C CB  . VAL B 1 56 ? 1.664   -8.360  11.757  1.00 52.70 ? 416 VAL B CB  1 
ATOM   1049 C CG1 . VAL B 1 56 ? 1.083   -9.649  11.235  0.00 58.08 ? 416 VAL B CG1 1 
ATOM   1050 C CG2 . VAL B 1 56 ? 2.738   -7.877  10.864  1.00 52.58 ? 416 VAL B CG2 1 
ATOM   1051 N N   . GLY B 1 57 ? -1.329  -8.124  13.166  1.00 56.71 ? 417 GLY B N   1 
ATOM   1052 C CA  . GLY B 1 57 ? -2.144  -8.339  14.324  1.00 59.19 ? 417 GLY B CA  1 
ATOM   1053 C C   . GLY B 1 57 ? -2.949  -9.644  14.206  1.00 61.97 ? 417 GLY B C   1 
ATOM   1054 O O   . GLY B 1 57 ? -3.010  -10.261 13.133  1.00 61.90 ? 417 GLY B O   1 
ATOM   1055 N N   . ARG B 1 58 ? -3.556  -10.066 15.339  1.00 64.88 ? 418 ARG B N   1 
ATOM   1056 C CA  . ARG B 1 58 ? -4.301  -11.332 15.385  1.00 65.78 ? 418 ARG B CA  1 
ATOM   1057 C C   . ARG B 1 58 ? -5.727  -11.072 14.848  1.00 66.68 ? 418 ARG B C   1 
ATOM   1058 O O   . ARG B 1 58 ? -6.480  -12.019 14.580  1.00 67.98 ? 418 ARG B O   1 
ATOM   1059 C CB  . ARG B 1 58 ? -4.171  -12.069 16.772  1.00 66.11 ? 418 ARG B CB  1 
ATOM   1060 C CG  . ARG B 1 58 ? -5.487  -12.464 17.543  1.00 65.13 ? 418 ARG B CG  1 
ATOM   1061 C CD  . ARG B 1 58 ? -5.509  -11.963 18.969  1.00 67.41 ? 418 ARG B CD  1 
ATOM   1062 N NE  . ARG B 1 58 ? -6.793  -11.404 19.451  1.00 70.28 ? 418 ARG B NE  1 
ATOM   1063 C CZ  . ARG B 1 58 ? -6.888  -10.502 20.440  1.00 72.45 ? 418 ARG B CZ  1 
ATOM   1064 N NH1 . ARG B 1 58 ? -5.758  -10.002 20.997  1.00 74.44 ? 418 ARG B NH1 1 
ATOM   1065 N NH2 . ARG B 1 58 ? -8.090  -10.073 20.851  1.00 71.14 ? 418 ARG B NH2 1 
ATOM   1066 N N   . ASN B 1 59 ? -6.087  -9.815  14.611  1.00 66.28 ? 419 ASN B N   1 
ATOM   1067 C CA  . ASN B 1 59 ? -7.208  -9.561  13.715  1.00 66.19 ? 419 ASN B CA  1 
ATOM   1068 C C   . ASN B 1 59 ? -6.920  -8.312  12.817  1.00 66.05 ? 419 ASN B C   1 
ATOM   1069 O O   . ASN B 1 59 ? -5.745  -7.898  12.742  1.00 67.22 ? 419 ASN B O   1 
ATOM   1070 C CB  . ASN B 1 59 ? -8.514  -9.568  14.497  1.00 65.52 ? 419 ASN B CB  1 
ATOM   1071 C CG  . ASN B 1 59 ? -8.585  -8.486  15.513  1.00 67.63 ? 419 ASN B CG  1 
ATOM   1072 O OD1 . ASN B 1 59 ? -8.780  -7.333  15.158  1.00 70.93 ? 419 ASN B OD1 1 
ATOM   1073 N ND2 . ASN B 1 59 ? -8.445  -8.832  16.791  1.00 63.34 ? 419 ASN B ND2 1 
ATOM   1074 N N   . ILE B 1 60 ? -7.910  -7.830  12.044  1.00 64.70 ? 420 ILE B N   1 
ATOM   1075 C CA  . ILE B 1 60 ? -7.733  -6.707  11.096  1.00 63.34 ? 420 ILE B CA  1 
ATOM   1076 C C   . ILE B 1 60 ? -7.819  -5.379  11.772  1.00 62.51 ? 420 ILE B C   1 
ATOM   1077 O O   . ILE B 1 60 ? -7.184  -4.444  11.330  1.00 61.40 ? 420 ILE B O   1 
ATOM   1078 C CB  . ILE B 1 60 ? -8.834  -6.658  10.011  1.00 62.88 ? 420 ILE B CB  1 
ATOM   1079 C CG1 . ILE B 1 60 ? -8.685  -7.789  9.000   1.00 62.23 ? 420 ILE B CG1 1 
ATOM   1080 C CG2 . ILE B 1 60 ? -9.254  -5.373  9.302   0.00 63.54 ? 420 ILE B CG2 1 
ATOM   1081 C CD1 . ILE B 1 60 ? -10.029 -8.223  8.417   1.00 60.50 ? 420 ILE B CD1 1 
ATOM   1082 N N   . LYS B 1 61 ? -8.713  -5.281  12.758  1.00 62.18 ? 421 LYS B N   1 
ATOM   1083 C CA  . LYS B 1 61 ? -8.833  -4.102  13.603  1.00 61.93 ? 421 LYS B CA  1 
ATOM   1084 C C   . LYS B 1 61 ? -7.539  -3.815  14.367  1.00 60.35 ? 421 LYS B C   1 
ATOM   1085 O O   . LYS B 1 61 ? -7.177  -2.676  14.540  1.00 62.26 ? 421 LYS B O   1 
ATOM   1086 C CB  . LYS B 1 61 ? -10.049 -4.226  14.525  1.00 62.24 ? 421 LYS B CB  1 
ATOM   1087 C CG  . LYS B 1 61 ? -10.355 -3.023  15.469  1.00 66.18 ? 421 LYS B CG  1 
ATOM   1088 C CD  . LYS B 1 61 ? -11.838 -2.399  15.308  1.00 70.23 ? 421 LYS B CD  1 
ATOM   1089 C CE  . LYS B 1 61 ? -11.855 -0.800  15.354  1.00 71.77 ? 421 LYS B CE  1 
ATOM   1090 N NZ  . LYS B 1 61 ? -10.860 -0.054  14.416  1.00 68.59 ? 421 LYS B NZ  1 
ATOM   1091 N N   . ILE B 1 62 ? -6.800  -4.831  14.755  1.00 58.78 ? 422 ILE B N   1 
ATOM   1092 C CA  . ILE B 1 62 ? -5.551  -4.673  15.516  1.00 56.72 ? 422 ILE B CA  1 
ATOM   1093 C C   . ILE B 1 62 ? -4.430  -4.412  14.557  1.00 54.98 ? 422 ILE B C   1 
ATOM   1094 O O   . ILE B 1 62 ? -3.669  -3.503  14.738  1.00 55.85 ? 422 ILE B O   1 
ATOM   1095 C CB  . ILE B 1 62 ? -5.213  -6.002  16.304  1.00 56.75 ? 422 ILE B CB  1 
ATOM   1096 C CG1 . ILE B 1 62 ? -6.195  -6.245  17.461  1.00 57.87 ? 422 ILE B CG1 1 
ATOM   1097 C CG2 . ILE B 1 62 ? -3.717  -6.074  16.788  1.00 56.01 ? 422 ILE B CG2 1 
ATOM   1098 C CD1 . ILE B 1 62 ? -5.796  -7.534  18.309  1.00 58.23 ? 422 ILE B CD1 1 
ATOM   1099 N N   . ALA B 1 63 ? -4.264  -5.249  13.558  1.00 52.34 ? 423 ALA B N   1 
ATOM   1100 C CA  . ALA B 1 63 ? -3.311  -4.906  12.527  1.00 52.44 ? 423 ALA B CA  1 
ATOM   1101 C C   . ALA B 1 63 ? -3.439  -3.352  12.037  1.00 51.47 ? 423 ALA B C   1 
ATOM   1102 O O   . ALA B 1 63 ? -2.439  -2.612  11.889  1.00 50.27 ? 423 ALA B O   1 
ATOM   1103 C CB  . ALA B 1 63 ? -3.450  -5.901  11.349  1.00 51.77 ? 423 ALA B CB  1 
ATOM   1104 N N   . GLY B 1 64 ? -4.676  -2.923  11.830  1.00 49.90 ? 424 GLY B N   1 
ATOM   1105 C CA  . GLY B 1 64 ? -4.992  -1.567  11.433  1.00 51.35 ? 424 GLY B CA  1 
ATOM   1106 C C   . GLY B 1 64 ? -4.507  -0.521  12.391  1.00 51.22 ? 424 GLY B C   1 
ATOM   1107 O O   . GLY B 1 64 ? -3.834  0.416   12.018  1.00 49.61 ? 424 GLY B O   1 
ATOM   1108 N N   . ILE B 1 65 ? -4.776  -0.762  13.664  1.00 52.21 ? 425 ILE B N   1 
ATOM   1109 C CA  . ILE B 1 65 ? -4.318  0.132   14.674  1.00 51.54 ? 425 ILE B CA  1 
ATOM   1110 C C   . ILE B 1 65 ? -2.791  0.100   14.837  1.00 51.54 ? 425 ILE B C   1 
ATOM   1111 O O   . ILE B 1 65 ? -2.151  1.153   14.971  1.00 51.48 ? 425 ILE B O   1 
ATOM   1112 C CB  . ILE B 1 65 ? -5.052  -0.113  15.963  1.00 52.23 ? 425 ILE B CB  1 
ATOM   1113 C CG1 . ILE B 1 65 ? -6.582  0.039   15.752  1.00 50.00 ? 425 ILE B CG1 1 
ATOM   1114 C CG2 . ILE B 1 65 ? -4.465  0.859   17.000  1.00 51.82 ? 425 ILE B CG2 1 
ATOM   1115 C CD1 . ILE B 1 65 ? -7.480  -0.503  16.916  1.00 46.58 ? 425 ILE B CD1 1 
ATOM   1116 N N   . ARG B 1 66 ? -2.181  -1.070  14.754  1.00 51.54 ? 426 ARG B N   1 
ATOM   1117 C CA  . ARG B 1 66 ? -0.687  -1.178  14.818  1.00 50.95 ? 426 ARG B CA  1 
ATOM   1118 C C   . ARG B 1 66 ? 0.019   -0.431  13.643  1.00 50.66 ? 426 ARG B C   1 
ATOM   1119 O O   . ARG B 1 66 ? 1.176   0.046   13.823  1.00 49.13 ? 426 ARG B O   1 
ATOM   1120 C CB  . ARG B 1 66 ? -0.281  -2.662  14.719  1.00 51.19 ? 426 ARG B CB  1 
ATOM   1121 C CG  . ARG B 1 66 ? 1.074   -3.060  15.185  1.00 52.47 ? 426 ARG B CG  1 
ATOM   1122 C CD  . ARG B 1 66 ? 1.023   -3.547  16.719  1.00 54.95 ? 426 ARG B CD  1 
ATOM   1123 N NE  . ARG B 1 66 ? 0.698   -4.938  16.661  1.00 53.28 ? 426 ARG B NE  1 
ATOM   1124 C CZ  . ARG B 1 66 ? 0.096   -5.636  17.579  1.00 52.34 ? 426 ARG B CZ  1 
ATOM   1125 N NH1 . ARG B 1 66 ? -0.270  -5.156  18.765  1.00 50.17 ? 426 ARG B NH1 1 
ATOM   1126 N NH2 . ARG B 1 66 ? -0.122  -6.884  17.278  1.00 54.46 ? 426 ARG B NH2 1 
ATOM   1127 N N   . ALA B 1 67 ? -0.629  -0.457  12.444  1.00 48.86 ? 427 ALA B N   1 
ATOM   1128 C CA  . ALA B 1 67 ? -0.145  0.247   11.238  1.00 48.76 ? 427 ALA B CA  1 
ATOM   1129 C C   . ALA B 1 67 ? -0.045  1.756   11.513  1.00 48.68 ? 427 ALA B C   1 
ATOM   1130 O O   . ALA B 1 67 ? 0.951   2.348   11.214  1.00 48.49 ? 427 ALA B O   1 
ATOM   1131 C CB  . ALA B 1 67 ? -1.091  0.018   10.024  1.00 48.51 ? 427 ALA B CB  1 
ATOM   1132 N N   . ALA B 1 68 ? -1.106  2.328   12.074  1.00 48.83 ? 428 ALA B N   1 
ATOM   1133 C CA  . ALA B 1 68 ? -1.140  3.699   12.512  1.00 49.88 ? 428 ALA B CA  1 
ATOM   1134 C C   . ALA B 1 68 ? -0.105  3.959   13.560  1.00 50.60 ? 428 ALA B C   1 
ATOM   1135 O O   . ALA B 1 68 ? 0.628   4.941   13.482  1.00 51.35 ? 428 ALA B O   1 
ATOM   1136 C CB  . ALA B 1 68 ? -2.526  4.042   13.064  1.00 50.42 ? 428 ALA B CB  1 
ATOM   1137 N N   . GLU B 1 69 ? -0.085  3.072   14.546  1.00 52.01 ? 429 GLU B N   1 
ATOM   1138 C CA  . GLU B 1 69 ? 0.876   3.037   15.631  1.00 51.83 ? 429 GLU B CA  1 
ATOM   1139 C C   . GLU B 1 69 ? 2.289   3.087   15.079  1.00 52.68 ? 429 GLU B C   1 
ATOM   1140 O O   . GLU B 1 69 ? 3.099   3.915   15.533  1.00 53.51 ? 429 GLU B O   1 
ATOM   1141 C CB  . GLU B 1 69 ? 0.628   1.789   16.482  1.00 51.51 ? 429 GLU B CB  1 
ATOM   1142 C CG  . GLU B 1 69 ? 1.052   1.902   17.908  1.00 52.07 ? 429 GLU B CG  1 
ATOM   1143 C CD  . GLU B 1 69 ? 0.814   0.659   18.751  1.00 53.49 ? 429 GLU B CD  1 
ATOM   1144 O OE1 . GLU B 1 69 ? 1.234   -0.440  18.321  1.00 56.08 ? 429 GLU B OE1 1 
ATOM   1145 O OE2 . GLU B 1 69 ? 0.258   0.806   19.876  1.00 51.42 ? 429 GLU B OE2 1 
ATOM   1146 N N   . ASN B 1 70 ? 2.600   2.290   14.072  1.00 53.77 ? 430 ASN B N   1 
ATOM   1147 C CA  . ASN B 1 70 ? 3.956   2.291   13.580  1.00 55.28 ? 430 ASN B CA  1 
ATOM   1148 C C   . ASN B 1 70 ? 4.160   3.482   12.640  1.00 56.37 ? 430 ASN B C   1 
ATOM   1149 O O   . ASN B 1 70 ? 5.264   4.048   12.552  1.00 57.82 ? 430 ASN B O   1 
ATOM   1150 C CB  . ASN B 1 70 ? 4.368   1.004   12.862  1.00 56.40 ? 430 ASN B CB  1 
ATOM   1151 C CG  . ASN B 1 70 ? 4.368   -0.301  13.776  1.00 61.40 ? 430 ASN B CG  1 
ATOM   1152 O OD1 . ASN B 1 70 ? 4.676   -0.318  15.010  1.00 64.37 ? 430 ASN B OD1 1 
ATOM   1153 N ND2 . ASN B 1 70 ? 3.997   -1.417  13.119  1.00 62.17 ? 430 ASN B ND2 1 
ATOM   1154 N N   . ALA B 1 71 ? 3.143   3.929   11.938  1.00 56.02 ? 431 ALA B N   1 
ATOM   1155 C CA  . ALA B 1 71 ? 3.341   5.147   11.173  1.00 56.26 ? 431 ALA B CA  1 
ATOM   1156 C C   . ALA B 1 71 ? 3.759   6.328   12.083  1.00 57.39 ? 431 ALA B C   1 
ATOM   1157 O O   . ALA B 1 71 ? 4.515   7.178   11.682  1.00 56.75 ? 431 ALA B O   1 
ATOM   1158 C CB  . ALA B 1 71 ? 2.138   5.473   10.473  1.00 55.91 ? 431 ALA B CB  1 
ATOM   1159 N N   . LEU B 1 72 ? 3.188   6.358   13.295  1.00 59.08 ? 432 LEU B N   1 
ATOM   1160 C CA  . LEU B 1 72 ? 3.351   7.395   14.341  1.00 59.15 ? 432 LEU B CA  1 
ATOM   1161 C C   . LEU B 1 72 ? 4.815   7.598   14.847  1.00 61.53 ? 432 LEU B C   1 
ATOM   1162 O O   . LEU B 1 72 ? 5.169   8.683   15.291  1.00 62.21 ? 432 LEU B O   1 
ATOM   1163 C CB  . LEU B 1 72 ? 2.500   6.972   15.511  1.00 57.75 ? 432 LEU B CB  1 
ATOM   1164 C CG  . LEU B 1 72 ? 1.352   7.781   16.024  1.00 56.11 ? 432 LEU B CG  1 
ATOM   1165 C CD1 . LEU B 1 72 ? 1.018   8.815   15.002  1.00 58.42 ? 432 LEU B CD1 1 
ATOM   1166 C CD2 . LEU B 1 72 ? 0.104   6.983   16.441  1.00 48.85 ? 432 LEU B CD2 1 
ATOM   1167 N N   . ARG B 1 73 ? 5.611   6.537   14.784  1.00 63.54 ? 433 ARG B N   1 
ATOM   1168 C CA  . ARG B 1 73 ? 7.048   6.543   14.961  1.00 66.29 ? 433 ARG B CA  1 
ATOM   1169 C C   . ARG B 1 73 ? 7.849   7.412   13.928  1.00 68.30 ? 433 ARG B C   1 
ATOM   1170 O O   . ARG B 1 73 ? 8.635   8.260   14.345  1.00 71.00 ? 433 ARG B O   1 
ATOM   1171 C CB  . ARG B 1 73 ? 7.551   5.064   14.964  1.00 66.87 ? 433 ARG B CB  1 
ATOM   1172 C CG  . ARG B 1 73 ? 6.970   4.205   16.153  1.00 67.51 ? 433 ARG B CG  1 
ATOM   1173 C CD  . ARG B 1 73 ? 7.198   2.657   16.104  1.00 70.48 ? 433 ARG B CD  1 
ATOM   1174 N NE  . ARG B 1 73 ? 6.798   2.008   17.373  1.00 70.49 ? 433 ARG B NE  1 
ATOM   1175 C CZ  . ARG B 1 73 ? 5.831   1.090   17.519  1.00 69.86 ? 433 ARG B CZ  1 
ATOM   1176 N NH1 . ARG B 1 73 ? 6.963   0.110   16.332  0.00 79.03 ? 433 ARG B NH1 1 
ATOM   1177 N NH2 . ARG B 1 73 ? 6.429   0.281   18.558  0.00 79.82 ? 433 ARG B NH2 1 
ATOM   1178 N N   . ASP B 1 74 ? 7.675   7.232   12.618  1.00 69.57 ? 434 ASP B N   1 
ATOM   1179 C CA  . ASP B 1 74 ? 8.400   8.037   11.590  1.00 69.83 ? 434 ASP B CA  1 
ATOM   1180 C C   . ASP B 1 74 ? 7.942   9.479   11.644  1.00 69.56 ? 434 ASP B C   1 
ATOM   1181 O O   . ASP B 1 74 ? 6.872   9.829   11.104  1.00 69.59 ? 434 ASP B O   1 
ATOM   1182 C CB  . ASP B 1 74 ? 8.221   7.447   10.146  1.00 70.51 ? 434 ASP B CB  1 
ATOM   1183 C CG  . ASP B 1 74 ? 8.284   8.519   8.978   1.00 70.91 ? 434 ASP B CG  1 
ATOM   1184 O OD1 . ASP B 1 74 ? 7.797   8.202   7.858   1.00 71.62 ? 434 ASP B OD1 1 
ATOM   1185 O OD2 . ASP B 1 74 ? 8.784   9.666   9.050   1.00 71.38 ? 434 ASP B OD2 1 
ATOM   1186 N N   . LYS B 1 75 ? 8.788   10.334  12.241  1.00 68.84 ? 435 LYS B N   1 
ATOM   1187 C CA  . LYS B 1 75 ? 8.388   11.692  12.578  1.00 67.34 ? 435 LYS B CA  1 
ATOM   1188 C C   . LYS B 1 75 ? 8.645   12.692  11.459  1.00 66.36 ? 435 LYS B C   1 
ATOM   1189 O O   . LYS B 1 75 ? 7.919   13.700  11.353  1.00 66.30 ? 435 LYS B O   1 
ATOM   1190 C CB  . LYS B 1 75 ? 9.003   12.104  13.914  1.00 67.73 ? 435 LYS B CB  1 
ATOM   1191 C CG  . LYS B 1 75 ? 8.935   11.429  15.064  0.00 74.88 ? 435 LYS B CG  1 
ATOM   1192 C CD  . LYS B 1 75 ? 7.732   11.150  16.376  1.00 96.34 ? 435 LYS B CD  1 
ATOM   1193 C CE  . LYS B 1 75 ? 8.803   10.665  17.367  1.00 98.47 ? 435 LYS B CE  1 
ATOM   1194 N NZ  . LYS B 1 75 ? 9.512   11.789  18.127  1.00 98.42 ? 435 LYS B NZ  1 
ATOM   1195 N N   . LYS B 1 76 ? 9.582   12.397  10.550  1.00 66.11 ? 436 LYS B N   1 
ATOM   1196 C CA  . LYS B 1 76 ? 9.764   13.279  9.350   1.00 65.55 ? 436 LYS B CA  1 
ATOM   1197 C C   . LYS B 1 76 ? 8.449   13.455  8.540   1.00 64.65 ? 436 LYS B C   1 
ATOM   1198 O O   . LYS B 1 76 ? 8.094   14.573  8.097   1.00 64.34 ? 436 LYS B O   1 
ATOM   1199 C CB  . LYS B 1 76 ? 10.906  12.809  8.474   1.00 65.40 ? 436 LYS B CB  1 
ATOM   1200 C CG  . LYS B 1 76 ? 12.214  12.624  9.081   0.00 74.35 ? 436 LYS B CG  1 
ATOM   1201 C CD  . LYS B 1 76 ? 13.292  12.305  8.059   0.00 77.39 ? 436 LYS B CD  1 
ATOM   1202 C CE  . LYS B 1 76 ? 14.655  12.177  8.718   0.00 80.00 ? 436 LYS B CE  1 
ATOM   1203 N NZ  . LYS B 1 76 ? 14.916  12.333  8.148   1.00 62.19 ? 436 LYS B NZ  1 
ATOM   1204 N N   . MET B 1 77 ? 7.686   12.357  8.461   1.00 63.91 ? 437 MET B N   1 
ATOM   1205 C CA  . MET B 1 77 ? 6.387   12.304  7.779   1.00 62.53 ? 437 MET B CA  1 
ATOM   1206 C C   . MET B 1 77 ? 5.336   13.168  8.441   1.00 63.55 ? 437 MET B C   1 
ATOM   1207 O O   . MET B 1 77 ? 4.581   13.893  7.756   1.00 63.54 ? 437 MET B O   1 
ATOM   1208 C CB  . MET B 1 77 ? 5.914   10.859  7.728   1.00 61.29 ? 437 MET B CB  1 
ATOM   1209 C CG  . MET B 1 77 ? 4.681   10.643  6.929   1.00 59.84 ? 437 MET B CG  1 
ATOM   1210 S SD  . MET B 1 77 ? 3.171   10.728  7.992   1.00 62.84 ? 437 MET B SD  1 
ATOM   1211 C CE  . MET B 1 77 ? 3.604   9.252   9.118   1.00 59.68 ? 437 MET B CE  1 
ATOM   1212 N N   . LEU B 1 78 ? 5.288   13.108  9.773   1.00 64.45 ? 438 LEU B N   1 
ATOM   1213 C CA  . LEU B 1 78 ? 4.208   13.757  10.530  1.00 65.03 ? 438 LEU B CA  1 
ATOM   1214 C C   . LEU B 1 78 ? 4.374   15.229  10.410  1.00 66.06 ? 438 LEU B C   1 
ATOM   1215 O O   . LEU B 1 78 ? 3.389   15.989  10.304  1.00 65.56 ? 438 LEU B O   1 
ATOM   1216 C CB  . LEU B 1 78 ? 4.212   13.366  12.036  1.00 64.97 ? 438 LEU B CB  1 
ATOM   1217 C CG  . LEU B 1 78 ? 4.379   11.871  12.344  1.00 63.25 ? 438 LEU B CG  1 
ATOM   1218 C CD1 . LEU B 1 78 ? 4.377   11.680  13.821  1.00 60.29 ? 438 LEU B CD1 1 
ATOM   1219 C CD2 . LEU B 1 78 ? 3.230   11.089  11.689  1.00 61.83 ? 438 LEU B CD2 1 
ATOM   1220 N N   . ASP B 1 79 ? 5.645   15.611  10.434  1.00 67.24 ? 439 ASP B N   1 
ATOM   1221 C CA  . ASP B 1 79 ? 6.027   16.961  10.104  1.00 68.21 ? 439 ASP B CA  1 
ATOM   1222 C C   . ASP B 1 79 ? 5.655   17.301  8.610   1.00 67.02 ? 439 ASP B C   1 
ATOM   1223 O O   . ASP B 1 79 ? 4.952   18.341  8.357   1.00 67.52 ? 439 ASP B O   1 
ATOM   1224 C CB  . ASP B 1 79 ? 7.517   17.190  10.472  1.00 69.19 ? 439 ASP B CB  1 
ATOM   1225 C CG  . ASP B 1 79 ? 7.835   18.666  10.800  1.00 72.33 ? 439 ASP B CG  1 
ATOM   1226 O OD1 . ASP B 1 79 ? 6.913   19.476  11.218  1.00 72.10 ? 439 ASP B OD1 1 
ATOM   1227 O OD2 . ASP B 1 79 ? 9.023   19.068  10.641  1.00 75.07 ? 439 ASP B OD2 1 
ATOM   1228 N N   . PHE B 1 80 ? 6.032   16.461  7.630   1.00 65.35 ? 440 PHE B N   1 
ATOM   1229 C CA  . PHE B 1 80 ? 5.554   16.754  6.256   1.00 64.66 ? 440 PHE B CA  1 
ATOM   1230 C C   . PHE B 1 80 ? 4.031   17.110  6.153   1.00 63.96 ? 440 PHE B C   1 
ATOM   1231 O O   . PHE B 1 80 ? 3.668   18.224  5.613   1.00 63.40 ? 440 PHE B O   1 
ATOM   1232 C CB  . PHE B 1 80 ? 5.805   15.641  5.258   1.00 64.81 ? 440 PHE B CB  1 
ATOM   1233 C CG  . PHE B 1 80 ? 5.314   15.993  3.850   1.00 64.95 ? 440 PHE B CG  1 
ATOM   1234 C CD1 . PHE B 1 80 ? 5.953   17.006  3.098   1.00 65.11 ? 440 PHE B CD1 1 
ATOM   1235 C CD2 . PHE B 1 80 ? 4.186   15.347  3.279   1.00 66.19 ? 440 PHE B CD2 1 
ATOM   1236 C CE1 . PHE B 1 80 ? 5.497   17.335  1.764   1.00 64.24 ? 440 PHE B CE1 1 
ATOM   1237 C CE2 . PHE B 1 80 ? 3.730   15.676  1.942   1.00 67.18 ? 440 PHE B CE2 1 
ATOM   1238 C CZ  . PHE B 1 80 ? 4.386   16.689  1.204   1.00 63.57 ? 440 PHE B CZ  1 
ATOM   1239 N N   . TYR B 1 81 ? 3.180   16.167  6.642   1.00 61.62 ? 441 TYR B N   1 
ATOM   1240 C CA  . TYR B 1 81 ? 1.760   16.312  6.505   1.00 60.49 ? 441 TYR B CA  1 
ATOM   1241 C C   . TYR B 1 81 ? 1.246   17.340  7.474   1.00 61.22 ? 441 TYR B C   1 
ATOM   1242 O O   . TYR B 1 81 ? 0.202   17.888  7.207   1.00 60.79 ? 441 TYR B O   1 
ATOM   1243 C CB  . TYR B 1 81 ? 0.971   15.005  6.579   1.00 60.14 ? 441 TYR B CB  1 
ATOM   1244 C CG  . TYR B 1 81 ? 1.240   14.032  5.439   1.00 57.15 ? 441 TYR B CG  1 
ATOM   1245 C CD1 . TYR B 1 81 ? 2.143   12.932  5.594   1.00 51.58 ? 441 TYR B CD1 1 
ATOM   1246 C CD2 . TYR B 1 81 ? 0.654   14.209  4.197   1.00 54.61 ? 441 TYR B CD2 1 
ATOM   1247 C CE1 . TYR B 1 81 ? 2.454   12.101  4.541   1.00 47.51 ? 441 TYR B CE1 1 
ATOM   1248 C CE2 . TYR B 1 81 ? 0.939   13.308  3.151   1.00 50.52 ? 441 TYR B CE2 1 
ATOM   1249 C CZ  . TYR B 1 81 ? 1.828   12.289  3.344   1.00 47.64 ? 441 TYR B CZ  1 
ATOM   1250 O OH  . TYR B 1 81 ? 2.068   11.442  2.296   1.00 54.78 ? 441 TYR B OH  1 
ATOM   1251 N N   . ALA B 1 82 ? 1.996   17.665  8.531   1.00 63.32 ? 442 ALA B N   1 
ATOM   1252 C CA  . ALA B 1 82 ? 1.682   18.785  9.455   1.00 64.16 ? 442 ALA B CA  1 
ATOM   1253 C C   . ALA B 1 82 ? 1.570   20.133  8.683   1.00 66.21 ? 442 ALA B C   1 
ATOM   1254 O O   . ALA B 1 82 ? 0.503   20.800  8.665   1.00 65.88 ? 442 ALA B O   1 
ATOM   1255 C CB  . ALA B 1 82 ? 2.579   18.827  10.611  0.00 57.81 ? 442 ALA B CB  1 
ATOM   1256 N N   . LYS B 1 83 ? 2.654   20.507  7.995   1.00 67.59 ? 443 LYS B N   1 
ATOM   1257 C CA  . LYS B 1 83 ? 2.713   21.815  7.304   1.00 68.40 ? 443 LYS B CA  1 
ATOM   1258 C C   . LYS B 1 83 ? 1.658   21.876  6.151   1.00 68.31 ? 443 LYS B C   1 
ATOM   1259 O O   . LYS B 1 83 ? 0.903   22.854  6.045   1.00 67.26 ? 443 LYS B O   1 
ATOM   1260 C CB  . LYS B 1 83 ? 4.155   22.124  6.814   1.00 68.54 ? 443 LYS B CB  1 
ATOM   1261 C CG  . LYS B 1 83 ? 5.246   22.097  7.925   1.00 68.94 ? 443 LYS B CG  1 
ATOM   1262 C CD  . LYS B 1 83 ? 5.213   23.332  8.871   1.00 70.05 ? 443 LYS B CD  1 
ATOM   1263 C CE  . LYS B 1 83 ? 6.271   23.358  9.618   0.00 59.07 ? 443 LYS B CE  1 
ATOM   1264 N NZ  . LYS B 1 83 ? 6.210   24.607  10.424  0.00 65.87 ? 443 LYS B NZ  1 
ATOM   1265 N N   . GLN B 1 84 ? 1.595   20.814  5.326   1.00 68.51 ? 444 GLN B N   1 
ATOM   1266 C CA  . GLN B 1 84 ? 0.510   20.655  4.334   1.00 68.12 ? 444 GLN B CA  1 
ATOM   1267 C C   . GLN B 1 84 ? -0.854  20.976  4.934   1.00 67.55 ? 444 GLN B C   1 
ATOM   1268 O O   . GLN B 1 84 ? -1.608  21.773  4.392   1.00 66.27 ? 444 GLN B O   1 
ATOM   1269 C CB  . GLN B 1 84 ? 0.501   19.260  3.748   1.00 68.21 ? 444 GLN B CB  1 
ATOM   1270 C CG  . GLN B 1 84 ? 1.215   19.193  2.366   1.00 68.48 ? 444 GLN B CG  1 
ATOM   1271 C CD  . GLN B 1 84 ? 1.678   17.786  2.063   1.00 71.94 ? 444 GLN B CD  1 
ATOM   1272 O OE1 . GLN B 1 84 ? 0.870   16.820  2.087   1.00 77.21 ? 444 GLN B OE1 1 
ATOM   1273 N NE2 . GLN B 1 84 ? 1.983   17.803  0.677   0.00 77.84 ? 444 GLN B NE2 1 
ATOM   1274 N N   . ARG B 1 85 ? -1.110  20.365  6.084   1.00 67.15 ? 445 ARG B N   1 
ATOM   1275 C CA  . ARG B 1 85 ? -2.386  20.425  6.792   1.00 66.67 ? 445 ARG B CA  1 
ATOM   1276 C C   . ARG B 1 85 ? -2.888  21.861  6.986   1.00 67.96 ? 445 ARG B C   1 
ATOM   1277 O O   . ARG B 1 85 ? -4.078  22.129  6.932   1.00 65.86 ? 445 ARG B O   1 
ATOM   1278 C CB  . ARG B 1 85 ? -2.203  19.807  8.162   1.00 65.76 ? 445 ARG B CB  1 
ATOM   1279 C CG  . ARG B 1 85 ? -3.234  18.913  8.579   1.00 63.66 ? 445 ARG B CG  1 
ATOM   1280 C CD  . ARG B 1 85 ? -2.923  18.238  9.903   1.00 60.77 ? 445 ARG B CD  1 
ATOM   1281 N NE  . ARG B 1 85 ? -4.088  18.367  10.747  1.00 60.33 ? 445 ARG B NE  1 
ATOM   1282 C CZ  . ARG B 1 85 ? -4.228  19.311  11.670  1.00 61.01 ? 445 ARG B CZ  1 
ATOM   1283 N NH1 . ARG B 1 85 ? -3.922  19.590  11.998  0.00 33.25 ? 445 ARG B NH1 1 
ATOM   1284 N NH2 . ARG B 1 85 ? -5.423  19.415  12.249  1.00 64.01 ? 445 ARG B NH2 1 
ATOM   1285 N N   . ALA B 1 86 ? -1.973  22.767  7.287   1.00 69.84 ? 446 ALA B N   1 
ATOM   1286 C CA  . ALA B 1 86 ? -2.337  24.135  7.576   1.00 71.87 ? 446 ALA B CA  1 
ATOM   1287 C C   . ALA B 1 86 ? -1.877  25.125  6.477   1.00 73.78 ? 446 ALA B C   1 
ATOM   1288 O O   . ALA B 1 86 ? -1.542  26.250  6.798   1.00 74.28 ? 446 ALA B O   1 
ATOM   1289 C CB  . ALA B 1 86 ? -1.767  24.521  8.937   1.00 71.83 ? 446 ALA B CB  1 
ATOM   1290 N N   . ALA B 1 87 ? -1.880  24.710  5.202   1.00 76.39 ? 447 ALA B N   1 
ATOM   1291 C CA  . ALA B 1 87 ? -1.405  25.519  4.047   1.00 78.64 ? 447 ALA B CA  1 
ATOM   1292 C C   . ALA B 1 87 ? 0.150   25.627  3.872   1.00 80.37 ? 447 ALA B C   1 
ATOM   1293 O O   . ALA B 1 87 ? 0.894   26.041  4.803   1.00 80.60 ? 447 ALA B O   1 
ATOM   1294 C CB  . ALA B 1 87 ? -2.092  26.958  4.020   1.00 78.83 ? 447 ALA B CB  1 
ATOM   1295 N N   . ILE B 1 88 ? 0.603   25.249  2.654   1.00 81.93 ? 448 ILE B N   1 
ATOM   1296 C CA  . ILE B 1 88 ? 2.046   25.213  2.209   1.00 82.64 ? 448 ILE B CA  1 
ATOM   1297 C C   . ILE B 1 88 ? 3.082   24.929  3.353   1.00 82.43 ? 448 ILE B C   1 
ATOM   1298 O O   . ILE B 1 88 ? 3.192   23.787  3.842   1.00 80.83 ? 448 ILE B O   1 
ATOM   1299 C CB  . ILE B 1 88 ? 2.441   26.498  1.262   1.00 82.85 ? 448 ILE B CB  1 
ATOM   1300 C CG1 . ILE B 1 88 ? 1.564   26.532  -0.045  1.00 82.14 ? 448 ILE B CG1 1 
ATOM   1301 C CG2 . ILE B 1 88 ? 4.023   26.591  1.003   1.00 83.03 ? 448 ILE B CG2 1 
ATOM   1302 C CD1 . ILE B 1 88 ? 2.260   27.048  -1.411  1.00 81.80 ? 448 ILE B CD1 1 
HETATM 1303 O O   . HOH C 2 .  ? 5.010   5.722   -8.302  1.00 39.51 ? 4   HOH A O   1 
HETATM 1304 O O   . HOH C 2 .  ? 12.909  -14.812 -15.355 1.00 43.73 ? 5   HOH A O   1 
HETATM 1305 O O   . HOH C 2 .  ? -1.186  -14.218 -10.435 1.00 53.64 ? 6   HOH A O   1 
HETATM 1306 O O   . HOH C 2 .  ? -3.449  -13.698 -9.199  1.00 67.02 ? 7   HOH A O   1 
HETATM 1307 O O   . HOH C 2 .  ? -12.400 -7.533  -9.931  1.00 53.93 ? 8   HOH A O   1 
HETATM 1308 O O   . HOH C 2 .  ? -5.697  -12.171 -13.718 1.00 51.19 ? 9   HOH A O   1 
HETATM 1309 O O   . HOH C 2 .  ? -7.975  -4.995  -21.519 1.00 58.03 ? 10  HOH A O   1 
HETATM 1310 O O   . HOH C 2 .  ? -0.199  1.800   -7.043  1.00 38.77 ? 18  HOH A O   1 
HETATM 1311 O O   . HOH C 2 .  ? 14.644  2.049   -21.706 1.00 63.07 ? 19  HOH A O   1 
HETATM 1312 O O   . HOH C 2 .  ? 12.536  -16.651 -6.919  1.00 54.89 ? 21  HOH A O   1 
HETATM 1313 O O   . HOH C 2 .  ? 7.760   -0.855  -6.898  1.00 51.95 ? 22  HOH A O   1 
HETATM 1314 O O   . HOH C 2 .  ? -13.856 2.052   -0.154  1.00 64.00 ? 23  HOH A O   1 
HETATM 1315 O O   . HOH C 2 .  ? 0.373   1.502   -4.303  1.00 35.89 ? 24  HOH A O   1 
HETATM 1316 O O   . HOH C 2 .  ? 1.091   -3.390  -1.967  1.00 44.21 ? 25  HOH A O   1 
HETATM 1317 O O   . HOH C 2 .  ? -13.813 3.254   -1.509  1.00 41.49 ? 27  HOH A O   1 
HETATM 1318 O O   . HOH C 2 .  ? 24.931  -0.548  -17.493 1.00 50.47 ? 28  HOH A O   1 
HETATM 1319 O O   . HOH C 2 .  ? 2.315   3.391   -26.994 1.00 51.08 ? 29  HOH A O   1 
HETATM 1320 O O   . HOH C 2 .  ? -4.573  12.217  -10.492 1.00 53.39 ? 30  HOH A O   1 
HETATM 1321 O O   . HOH C 2 .  ? 0.924   -7.378  -0.745  1.00 40.05 ? 31  HOH A O   1 
HETATM 1322 O O   . HOH C 2 .  ? 1.093   -15.466 -5.229  1.00 48.25 ? 32  HOH A O   1 
HETATM 1323 O O   . HOH C 2 .  ? 22.511  -0.022  -22.592 1.00 58.21 ? 36  HOH A O   1 
HETATM 1324 O O   . HOH D 2 .  ? -2.755  12.331  -1.474  1.00 48.72 ? 11  HOH B O   1 
HETATM 1325 O O   . HOH D 2 .  ? -7.000  10.188  -3.146  1.00 53.87 ? 12  HOH B O   1 
HETATM 1326 O O   . HOH D 2 .  ? -8.326  11.810  4.740   1.00 36.83 ? 13  HOH B O   1 
HETATM 1327 O O   . HOH D 2 .  ? 1.734   4.392   -4.742  1.00 39.12 ? 14  HOH B O   1 
HETATM 1328 O O   . HOH D 2 .  ? 0.118   -10.606 18.579  1.00 56.09 ? 15  HOH B O   1 
HETATM 1329 O O   . HOH D 2 .  ? -0.559  -16.126 9.824   1.00 60.96 ? 16  HOH B O   1 
HETATM 1330 O O   . HOH D 2 .  ? 0.303   -15.982 7.231   1.00 86.67 ? 17  HOH B O   1 
HETATM 1331 O O   . HOH D 2 .  ? -0.299  -17.465 11.514  1.00 69.86 ? 20  HOH B O   1 
HETATM 1332 O O   . HOH D 2 .  ? 0.494   12.532  -5.258  1.00 63.68 ? 26  HOH B O   1 
HETATM 1333 O O   . HOH D 2 .  ? -11.658 -8.812  20.713  1.00 56.47 ? 33  HOH B O   1 
HETATM 1334 O O   . HOH D 2 .  ? -13.190 2.043   17.411  1.00 53.23 ? 34  HOH B O   1 
HETATM 1335 O O   . HOH D 2 .  ? -12.346 -0.018  19.276  1.00 41.99 ? 35  HOH B O   1 
# 
loop_
_pdbx_poly_seq_scheme.asym_id 
_pdbx_poly_seq_scheme.entity_id 
_pdbx_poly_seq_scheme.seq_id 
_pdbx_poly_seq_scheme.mon_id 
_pdbx_poly_seq_scheme.ndb_seq_num 
_pdbx_poly_seq_scheme.pdb_seq_num 
_pdbx_poly_seq_scheme.auth_seq_num 
_pdbx_poly_seq_scheme.pdb_mon_id 
_pdbx_poly_seq_scheme.auth_mon_id 
_pdbx_poly_seq_scheme.pdb_strand_id 
_pdbx_poly_seq_scheme.pdb_ins_code 
_pdbx_poly_seq_scheme.hetero 
A 1 1   MET 1   361 ?   ?   ?   A . n 
A 1 2   LYS 2   362 ?   ?   ?   A . n 
A 1 3   THR 3   363 363 THR THR A . n 
A 1 4   ASP 4   364 364 ASP ASP A . n 
A 1 5   LYS 5   365 365 LYS LYS A . n 
A 1 6   LEU 6   366 366 LEU LEU A . n 
A 1 7   ASP 7   367 367 ASP ASP A . n 
A 1 8   MET 8   368 368 MET MET A . n 
A 1 9   ASN 9   369 369 ASN ASN A . n 
A 1 10  ALA 10  370 370 ALA ALA A . n 
A 1 11  LYS 11  371 371 LYS LYS A . n 
A 1 12  ARG 12  372 372 ARG ARG A . n 
A 1 13  GLN 13  373 373 GLN GLN A . n 
A 1 14  LEU 14  374 374 LEU LEU A . n 
A 1 15  TYR 15  375 375 TYR TYR A . n 
A 1 16  SER 16  376 376 SER SER A . n 
A 1 17  LEU 17  377 377 LEU LEU A . n 
A 1 18  ILE 18  378 378 ILE ILE A . n 
A 1 19  GLY 19  379 379 GLY GLY A . n 
A 1 20  TYR 20  380 380 TYR TYR A . n 
A 1 21  ALA 21  381 381 ALA ALA A . n 
A 1 22  SER 22  382 382 SER SER A . n 
A 1 23  LEU 23  383 383 LEU LEU A . n 
A 1 24  ARG 24  384 384 ARG ARG A . n 
A 1 25  LEU 25  385 385 LEU LEU A . n 
A 1 26  HIS 26  386 386 HIS HIS A . n 
A 1 27  TYR 27  387 387 TYR TYR A . n 
A 1 28  VAL 28  388 388 VAL VAL A . n 
A 1 29  THR 29  389 389 THR THR A . n 
A 1 30  VAL 30  390 390 VAL VAL A . n 
A 1 31  LYS 31  391 391 LYS LYS A . n 
A 1 32  LYS 32  392 392 LYS LYS A . n 
A 1 33  PRO 33  393 393 PRO PRO A . n 
A 1 34  THR 34  394 394 THR THR A . n 
A 1 35  ALA 35  395 395 ALA ALA A . n 
A 1 36  VAL 36  396 396 VAL VAL A . n 
A 1 37  ASP 37  397 397 ASP ASP A . n 
A 1 38  PRO 38  398 398 PRO PRO A . n 
A 1 39  ASN 39  399 399 ASN ASN A . n 
A 1 40  SER 40  400 400 SER SER A . n 
A 1 41  ILE 41  401 401 ILE ILE A . n 
A 1 42  VAL 42  402 402 VAL VAL A . n 
A 1 43  GLU 43  403 403 GLU GLU A . n 
A 1 44  CYS 44  404 404 CYS CYS A . n 
A 1 45  ARG 45  405 405 ARG ARG A . n 
A 1 46  VAL 46  406 406 VAL VAL A . n 
A 1 47  GLY 47  407 407 GLY GLY A . n 
A 1 48  ASP 48  408 408 ASP ASP A . n 
A 1 49  GLY 49  409 409 GLY GLY A . n 
A 1 50  THR 50  410 410 THR THR A . n 
A 1 51  VAL 51  411 411 VAL VAL A . n 
A 1 52  LEU 52  412 412 LEU LEU A . n 
A 1 53  GLY 53  413 413 GLY GLY A . n 
A 1 54  THR 54  414 414 THR THR A . n 
A 1 55  GLY 55  415 415 GLY GLY A . n 
A 1 56  VAL 56  416 416 VAL VAL A . n 
A 1 57  GLY 57  417 417 GLY GLY A . n 
A 1 58  ARG 58  418 418 ARG ARG A . n 
A 1 59  ASN 59  419 419 ASN ASN A . n 
A 1 60  ILE 60  420 420 ILE ILE A . n 
A 1 61  LYS 61  421 421 LYS LYS A . n 
A 1 62  ILE 62  422 422 ILE ILE A . n 
A 1 63  ALA 63  423 423 ALA ALA A . n 
A 1 64  GLY 64  424 424 GLY GLY A . n 
A 1 65  ILE 65  425 425 ILE ILE A . n 
A 1 66  ARG 66  426 426 ARG ARG A . n 
A 1 67  ALA 67  427 427 ALA ALA A . n 
A 1 68  ALA 68  428 428 ALA ALA A . n 
A 1 69  GLU 69  429 429 GLU GLU A . n 
A 1 70  ASN 70  430 430 ASN ASN A . n 
A 1 71  ALA 71  431 431 ALA ALA A . n 
A 1 72  LEU 72  432 432 LEU LEU A . n 
A 1 73  ARG 73  433 433 ARG ARG A . n 
A 1 74  ASP 74  434 434 ASP ASP A . n 
A 1 75  LYS 75  435 435 LYS LYS A . n 
A 1 76  LYS 76  436 436 LYS LYS A . n 
A 1 77  MET 77  437 437 MET MET A . n 
A 1 78  LEU 78  438 438 LEU LEU A . n 
A 1 79  ASP 79  439 439 ASP ASP A . n 
A 1 80  PHE 80  440 440 PHE PHE A . n 
A 1 81  TYR 81  441 441 TYR TYR A . n 
A 1 82  ALA 82  442 442 ALA ALA A . n 
A 1 83  LYS 83  443 443 LYS LYS A . n 
A 1 84  GLN 84  444 ?   ?   ?   A . n 
A 1 85  ARG 85  445 ?   ?   ?   A . n 
A 1 86  ALA 86  446 ?   ?   ?   A . n 
A 1 87  ALA 87  447 ?   ?   ?   A . n 
A 1 88  ILE 88  448 ?   ?   ?   A . n 
A 1 89  PRO 89  449 ?   ?   ?   A . n 
A 1 90  ARG 90  450 ?   ?   ?   A . n 
A 1 91  SER 91  451 ?   ?   ?   A . n 
A 1 92  GLU 92  452 ?   ?   ?   A . n 
A 1 93  SER 93  453 ?   ?   ?   A . n 
A 1 94  VAL 94  454 ?   ?   ?   A . n 
A 1 95  LEU 95  455 ?   ?   ?   A . n 
A 1 96  LYS 96  456 ?   ?   ?   A . n 
A 1 97  ASP 97  457 ?   ?   ?   A . n 
A 1 98  PRO 98  458 ?   ?   ?   A . n 
A 1 99  SER 99  459 ?   ?   ?   A . n 
A 1 100 GLN 100 460 ?   ?   ?   A . n 
A 1 101 LYS 101 461 ?   ?   ?   A . n 
A 1 102 ASN 102 462 ?   ?   ?   A . n 
A 1 103 LYS 103 463 ?   ?   ?   A . n 
A 1 104 LYS 104 464 ?   ?   ?   A . n 
A 1 105 ARG 105 465 ?   ?   ?   A . n 
A 1 106 LYS 106 466 ?   ?   ?   A . n 
A 1 107 PHE 107 467 ?   ?   ?   A . n 
A 1 108 SER 108 468 ?   ?   ?   A . n 
A 1 109 ASP 109 469 ?   ?   ?   A . n 
A 1 110 THR 110 470 ?   ?   ?   A . n 
A 1 111 SER 111 471 ?   ?   ?   A . n 
A 1 112 HIS 112 472 ?   ?   ?   A . n 
A 1 113 HIS 113 473 ?   ?   ?   A . n 
A 1 114 HIS 114 474 ?   ?   ?   A . n 
A 1 115 HIS 115 475 ?   ?   ?   A . n 
A 1 116 HIS 116 476 ?   ?   ?   A . n 
A 1 117 HIS 117 477 ?   ?   ?   A . n 
B 1 1   MET 1   361 361 MET MET B . n 
B 1 2   LYS 2   362 362 LYS LYS B . n 
B 1 3   THR 3   363 363 THR THR B . n 
B 1 4   ASP 4   364 364 ASP ASP B . n 
B 1 5   LYS 5   365 365 LYS LYS B . n 
B 1 6   LEU 6   366 366 LEU LEU B . n 
B 1 7   ASP 7   367 367 ASP ASP B . n 
B 1 8   MET 8   368 368 MET MET B . n 
B 1 9   ASN 9   369 369 ASN ASN B . n 
B 1 10  ALA 10  370 370 ALA ALA B . n 
B 1 11  LYS 11  371 371 LYS LYS B . n 
B 1 12  ARG 12  372 372 ARG ARG B . n 
B 1 13  GLN 13  373 373 GLN GLN B . n 
B 1 14  LEU 14  374 374 LEU LEU B . n 
B 1 15  TYR 15  375 375 TYR TYR B . n 
B 1 16  SER 16  376 376 SER SER B . n 
B 1 17  LEU 17  377 377 LEU LEU B . n 
B 1 18  ILE 18  378 378 ILE ILE B . n 
B 1 19  GLY 19  379 379 GLY GLY B . n 
B 1 20  TYR 20  380 380 TYR TYR B . n 
B 1 21  ALA 21  381 381 ALA ALA B . n 
B 1 22  SER 22  382 382 SER SER B . n 
B 1 23  LEU 23  383 383 LEU LEU B . n 
B 1 24  ARG 24  384 384 ARG ARG B . n 
B 1 25  LEU 25  385 385 LEU LEU B . n 
B 1 26  HIS 26  386 386 HIS HIS B . n 
B 1 27  TYR 27  387 387 TYR TYR B . n 
B 1 28  VAL 28  388 388 VAL VAL B . n 
B 1 29  THR 29  389 389 THR THR B . n 
B 1 30  VAL 30  390 390 VAL VAL B . n 
B 1 31  LYS 31  391 391 LYS LYS B . n 
B 1 32  LYS 32  392 392 LYS LYS B . n 
B 1 33  PRO 33  393 393 PRO PRO B . n 
B 1 34  THR 34  394 394 THR THR B . n 
B 1 35  ALA 35  395 395 ALA ALA B . n 
B 1 36  VAL 36  396 396 VAL VAL B . n 
B 1 37  ASP 37  397 397 ASP ASP B . n 
B 1 38  PRO 38  398 398 PRO PRO B . n 
B 1 39  ASN 39  399 399 ASN ASN B . n 
B 1 40  SER 40  400 400 SER SER B . n 
B 1 41  ILE 41  401 401 ILE ILE B . n 
B 1 42  VAL 42  402 402 VAL VAL B . n 
B 1 43  GLU 43  403 403 GLU GLU B . n 
B 1 44  CYS 44  404 404 CYS CYS B . n 
B 1 45  ARG 45  405 405 ARG ARG B . n 
B 1 46  VAL 46  406 406 VAL VAL B . n 
B 1 47  GLY 47  407 407 GLY GLY B . n 
B 1 48  ASP 48  408 408 ASP ASP B . n 
B 1 49  GLY 49  409 409 GLY GLY B . n 
B 1 50  THR 50  410 410 THR THR B . n 
B 1 51  VAL 51  411 411 VAL VAL B . n 
B 1 52  LEU 52  412 412 LEU LEU B . n 
B 1 53  GLY 53  413 413 GLY GLY B . n 
B 1 54  THR 54  414 414 THR THR B . n 
B 1 55  GLY 55  415 415 GLY GLY B . n 
B 1 56  VAL 56  416 416 VAL VAL B . n 
B 1 57  GLY 57  417 417 GLY GLY B . n 
B 1 58  ARG 58  418 418 ARG ARG B . n 
B 1 59  ASN 59  419 419 ASN ASN B . n 
B 1 60  ILE 60  420 420 ILE ILE B . n 
B 1 61  LYS 61  421 421 LYS LYS B . n 
B 1 62  ILE 62  422 422 ILE ILE B . n 
B 1 63  ALA 63  423 423 ALA ALA B . n 
B 1 64  GLY 64  424 424 GLY GLY B . n 
B 1 65  ILE 65  425 425 ILE ILE B . n 
B 1 66  ARG 66  426 426 ARG ARG B . n 
B 1 67  ALA 67  427 427 ALA ALA B . n 
B 1 68  ALA 68  428 428 ALA ALA B . n 
B 1 69  GLU 69  429 429 GLU GLU B . n 
B 1 70  ASN 70  430 430 ASN ASN B . n 
B 1 71  ALA 71  431 431 ALA ALA B . n 
B 1 72  LEU 72  432 432 LEU LEU B . n 
B 1 73  ARG 73  433 433 ARG ARG B . n 
B 1 74  ASP 74  434 434 ASP ASP B . n 
B 1 75  LYS 75  435 435 LYS LYS B . n 
B 1 76  LYS 76  436 436 LYS LYS B . n 
B 1 77  MET 77  437 437 MET MET B . n 
B 1 78  LEU 78  438 438 LEU LEU B . n 
B 1 79  ASP 79  439 439 ASP ASP B . n 
B 1 80  PHE 80  440 440 PHE PHE B . n 
B 1 81  TYR 81  441 441 TYR TYR B . n 
B 1 82  ALA 82  442 442 ALA ALA B . n 
B 1 83  LYS 83  443 443 LYS LYS B . n 
B 1 84  GLN 84  444 444 GLN GLN B . n 
B 1 85  ARG 85  445 445 ARG ARG B . n 
B 1 86  ALA 86  446 446 ALA ALA B . n 
B 1 87  ALA 87  447 447 ALA ALA B . n 
B 1 88  ILE 88  448 448 ILE ILE B . n 
B 1 89  PRO 89  449 ?   ?   ?   B . n 
B 1 90  ARG 90  450 ?   ?   ?   B . n 
B 1 91  SER 91  451 ?   ?   ?   B . n 
B 1 92  GLU 92  452 ?   ?   ?   B . n 
B 1 93  SER 93  453 ?   ?   ?   B . n 
B 1 94  VAL 94  454 ?   ?   ?   B . n 
B 1 95  LEU 95  455 ?   ?   ?   B . n 
B 1 96  LYS 96  456 ?   ?   ?   B . n 
B 1 97  ASP 97  457 ?   ?   ?   B . n 
B 1 98  PRO 98  458 ?   ?   ?   B . n 
B 1 99  SER 99  459 ?   ?   ?   B . n 
B 1 100 GLN 100 460 ?   ?   ?   B . n 
B 1 101 LYS 101 461 ?   ?   ?   B . n 
B 1 102 ASN 102 462 ?   ?   ?   B . n 
B 1 103 LYS 103 463 ?   ?   ?   B . n 
B 1 104 LYS 104 464 ?   ?   ?   B . n 
B 1 105 ARG 105 465 ?   ?   ?   B . n 
B 1 106 LYS 106 466 ?   ?   ?   B . n 
B 1 107 PHE 107 467 ?   ?   ?   B . n 
B 1 108 SER 108 468 ?   ?   ?   B . n 
B 1 109 ASP 109 469 ?   ?   ?   B . n 
B 1 110 THR 110 470 ?   ?   ?   B . n 
B 1 111 SER 111 471 ?   ?   ?   B . n 
B 1 112 HIS 112 472 ?   ?   ?   B . n 
B 1 113 HIS 113 473 ?   ?   ?   B . n 
B 1 114 HIS 114 474 ?   ?   ?   B . n 
B 1 115 HIS 115 475 ?   ?   ?   B . n 
B 1 116 HIS 116 476 ?   ?   ?   B . n 
B 1 117 HIS 117 477 ?   ?   ?   B . n 
# 
loop_
_pdbx_nonpoly_scheme.asym_id 
_pdbx_nonpoly_scheme.entity_id 
_pdbx_nonpoly_scheme.mon_id 
_pdbx_nonpoly_scheme.ndb_seq_num 
_pdbx_nonpoly_scheme.pdb_seq_num 
_pdbx_nonpoly_scheme.auth_seq_num 
_pdbx_nonpoly_scheme.pdb_mon_id 
_pdbx_nonpoly_scheme.auth_mon_id 
_pdbx_nonpoly_scheme.pdb_strand_id 
_pdbx_nonpoly_scheme.pdb_ins_code 
C 2 HOH 1  4  4  HOH HOH A . 
C 2 HOH 2  5  5  HOH HOH A . 
C 2 HOH 3  6  6  HOH HOH A . 
C 2 HOH 4  7  7  HOH HOH A . 
C 2 HOH 5  8  8  HOH HOH A . 
C 2 HOH 6  9  9  HOH HOH A . 
C 2 HOH 7  10 10 HOH HOH A . 
C 2 HOH 8  18 18 HOH HOH A . 
C 2 HOH 9  19 19 HOH HOH A . 
C 2 HOH 10 21 21 HOH HOH A . 
C 2 HOH 11 22 22 HOH HOH A . 
C 2 HOH 12 23 23 HOH HOH A . 
C 2 HOH 13 24 24 HOH HOH A . 
C 2 HOH 14 25 25 HOH HOH A . 
C 2 HOH 15 27 27 HOH HOH A . 
C 2 HOH 16 28 28 HOH HOH A . 
C 2 HOH 17 29 29 HOH HOH A . 
C 2 HOH 18 30 30 HOH HOH A . 
C 2 HOH 19 31 31 HOH HOH A . 
C 2 HOH 20 32 32 HOH HOH A . 
C 2 HOH 21 36 36 HOH HOH A . 
D 2 HOH 1  11 11 HOH HOH B . 
D 2 HOH 2  12 12 HOH HOH B . 
D 2 HOH 3  13 13 HOH HOH B . 
D 2 HOH 4  14 14 HOH HOH B . 
D 2 HOH 5  15 15 HOH HOH B . 
D 2 HOH 6  16 16 HOH HOH B . 
D 2 HOH 7  17 17 HOH HOH B . 
D 2 HOH 8  20 20 HOH HOH B . 
D 2 HOH 9  26 26 HOH HOH B . 
D 2 HOH 10 33 33 HOH HOH B . 
D 2 HOH 11 34 34 HOH HOH B . 
D 2 HOH 12 35 35 HOH HOH B . 
# 
loop_
_pdbx_struct_assembly.id 
_pdbx_struct_assembly.details 
_pdbx_struct_assembly.method_details 
_pdbx_struct_assembly.oligomeric_details 
_pdbx_struct_assembly.oligomeric_count 
1 author_defined_assembly ? monomeric 1 
2 author_defined_assembly ? monomeric 1 
# 
loop_
_pdbx_struct_assembly_gen.assembly_id 
_pdbx_struct_assembly_gen.oper_expression 
_pdbx_struct_assembly_gen.asym_id_list 
1 1 A,C 
2 1 B,D 
# 
_pdbx_struct_oper_list.id                   1 
_pdbx_struct_oper_list.type                 'identity operation' 
_pdbx_struct_oper_list.name                 1_555 
_pdbx_struct_oper_list.symmetry_operation   x,y,z 
_pdbx_struct_oper_list.matrix[1][1]         1.0000000000 
_pdbx_struct_oper_list.matrix[1][2]         0.0000000000 
_pdbx_struct_oper_list.matrix[1][3]         0.0000000000 
_pdbx_struct_oper_list.vector[1]            0.0000000000 
_pdbx_struct_oper_list.matrix[2][1]         0.0000000000 
_pdbx_struct_oper_list.matrix[2][2]         1.0000000000 
_pdbx_struct_oper_list.matrix[2][3]         0.0000000000 
_pdbx_struct_oper_list.vector[2]            0.0000000000 
_pdbx_struct_oper_list.matrix[3][1]         0.0000000000 
_pdbx_struct_oper_list.matrix[3][2]         0.0000000000 
_pdbx_struct_oper_list.matrix[3][3]         1.0000000000 
_pdbx_struct_oper_list.vector[3]            0.0000000000 
# 
loop_
_pdbx_audit_revision_history.ordinal 
_pdbx_audit_revision_history.data_content_type 
_pdbx_audit_revision_history.major_revision 
_pdbx_audit_revision_history.minor_revision 
_pdbx_audit_revision_history.revision_date 
1 'Structure model' 1 0 2004-06-22 
2 'Structure model' 1 1 2008-04-30 
3 'Structure model' 1 2 2011-07-13 
4 'Structure model' 1 3 2023-08-23 
# 
_pdbx_audit_revision_details.ordinal             1 
_pdbx_audit_revision_details.revision_ordinal    1 
_pdbx_audit_revision_details.data_content_type   'Structure model' 
_pdbx_audit_revision_details.provider            repository 
_pdbx_audit_revision_details.type                'Initial release' 
_pdbx_audit_revision_details.description         ? 
_pdbx_audit_revision_details.details             ? 
# 
loop_
_pdbx_audit_revision_group.ordinal 
_pdbx_audit_revision_group.revision_ordinal 
_pdbx_audit_revision_group.data_content_type 
_pdbx_audit_revision_group.group 
1 2 'Structure model' 'Version format compliance' 
2 3 'Structure model' 'Version format compliance' 
3 4 'Structure model' 'Data collection'           
4 4 'Structure model' 'Database references'       
5 4 'Structure model' 'Refinement description'    
# 
loop_
_pdbx_audit_revision_category.ordinal 
_pdbx_audit_revision_category.revision_ordinal 
_pdbx_audit_revision_category.data_content_type 
_pdbx_audit_revision_category.category 
1 4 'Structure model' chem_comp_atom                
2 4 'Structure model' chem_comp_bond                
3 4 'Structure model' database_2                    
4 4 'Structure model' pdbx_initial_refinement_model 
5 4 'Structure model' struct_ref_seq_dif            
# 
loop_
_pdbx_audit_revision_item.ordinal 
_pdbx_audit_revision_item.revision_ordinal 
_pdbx_audit_revision_item.data_content_type 
_pdbx_audit_revision_item.item 
1 4 'Structure model' '_database_2.pdbx_DOI'                
2 4 'Structure model' '_database_2.pdbx_database_accession' 
3 4 'Structure model' '_struct_ref_seq_dif.details'         
# 
loop_
_software.name 
_software.classification 
_software.version 
_software.citation_id 
_software.pdbx_ordinal 
REFMAC refinement       5.1.24    ? 1 
MOSFLM 'data reduction' .         ? 2 
CCP4   'data scaling'   '(SCALA)' ? 3 
AMoRE  phasing          .         ? 4 
# 
loop_
_pdbx_validate_close_contact.id 
_pdbx_validate_close_contact.PDB_model_num 
_pdbx_validate_close_contact.auth_atom_id_1 
_pdbx_validate_close_contact.auth_asym_id_1 
_pdbx_validate_close_contact.auth_comp_id_1 
_pdbx_validate_close_contact.auth_seq_id_1 
_pdbx_validate_close_contact.PDB_ins_code_1 
_pdbx_validate_close_contact.label_alt_id_1 
_pdbx_validate_close_contact.auth_atom_id_2 
_pdbx_validate_close_contact.auth_asym_id_2 
_pdbx_validate_close_contact.auth_comp_id_2 
_pdbx_validate_close_contact.auth_seq_id_2 
_pdbx_validate_close_contact.PDB_ins_code_2 
_pdbx_validate_close_contact.label_alt_id_2 
_pdbx_validate_close_contact.dist 
1 1 O  A HOH 23  ? ? O A HOH 27  ? ? 1.81 
2 1 NZ A LYS 391 ? ? O A ASN 399 ? ? 2.02 
3 1 O  B HOH 16  ? ? O B HOH 20  ? ? 2.17 
# 
_pdbx_validate_symm_contact.id                1 
_pdbx_validate_symm_contact.PDB_model_num     1 
_pdbx_validate_symm_contact.auth_atom_id_1    OE1 
_pdbx_validate_symm_contact.auth_asym_id_1    A 
_pdbx_validate_symm_contact.auth_comp_id_1    GLN 
_pdbx_validate_symm_contact.auth_seq_id_1     373 
_pdbx_validate_symm_contact.PDB_ins_code_1    ? 
_pdbx_validate_symm_contact.label_alt_id_1    ? 
_pdbx_validate_symm_contact.site_symmetry_1   1_555 
_pdbx_validate_symm_contact.auth_atom_id_2    N 
_pdbx_validate_symm_contact.auth_asym_id_2    B 
_pdbx_validate_symm_contact.auth_comp_id_2    MET 
_pdbx_validate_symm_contact.auth_seq_id_2     361 
_pdbx_validate_symm_contact.PDB_ins_code_2    ? 
_pdbx_validate_symm_contact.label_alt_id_2    ? 
_pdbx_validate_symm_contact.site_symmetry_2   4_546 
_pdbx_validate_symm_contact.dist              1.20 
# 
loop_
_pdbx_validate_rmsd_bond.id 
_pdbx_validate_rmsd_bond.PDB_model_num 
_pdbx_validate_rmsd_bond.auth_atom_id_1 
_pdbx_validate_rmsd_bond.auth_asym_id_1 
_pdbx_validate_rmsd_bond.auth_comp_id_1 
_pdbx_validate_rmsd_bond.auth_seq_id_1 
_pdbx_validate_rmsd_bond.PDB_ins_code_1 
_pdbx_validate_rmsd_bond.label_alt_id_1 
_pdbx_validate_rmsd_bond.auth_atom_id_2 
_pdbx_validate_rmsd_bond.auth_asym_id_2 
_pdbx_validate_rmsd_bond.auth_comp_id_2 
_pdbx_validate_rmsd_bond.auth_seq_id_2 
_pdbx_validate_rmsd_bond.PDB_ins_code_2 
_pdbx_validate_rmsd_bond.label_alt_id_2 
_pdbx_validate_rmsd_bond.bond_value 
_pdbx_validate_rmsd_bond.bond_target_value 
_pdbx_validate_rmsd_bond.bond_deviation 
_pdbx_validate_rmsd_bond.bond_standard_deviation 
_pdbx_validate_rmsd_bond.linker_flag 
1  1 CG  A LEU 366 ? ? CD2 A LEU 366 ? ? 1.150 1.514 -0.364 0.037 N 
2  1 CE  A LYS 421 ? ? NZ  A LYS 421 ? ? 1.700 1.486 0.214  0.025 N 
3  1 CE1 A TYR 441 ? ? CZ  A TYR 441 ? ? 1.288 1.381 -0.093 0.013 N 
4  1 CB  B MET 361 ? ? CG  B MET 361 ? ? 0.581 1.509 -0.928 0.032 N 
5  1 CB  B THR 363 ? ? OG1 B THR 363 ? ? 1.129 1.428 -0.299 0.020 N 
6  1 CG  B ASN 369 ? ? OD1 B ASN 369 ? ? 1.028 1.235 -0.207 0.022 N 
7  1 CE2 B TYR 375 ? ? CD2 B TYR 375 ? ? 1.485 1.389 0.096  0.015 N 
8  1 CG  B LEU 377 ? ? CD1 B LEU 377 ? ? 1.181 1.514 -0.333 0.037 N 
9  1 CG  B LEU 385 ? ? CD2 B LEU 385 ? ? 1.212 1.514 -0.302 0.037 N 
10 1 CZ  B ARG 433 ? ? NH1 B ARG 433 ? ? 1.911 1.326 0.585  0.013 N 
11 1 CZ  B ARG 433 ? ? NH2 B ARG 433 ? ? 1.446 1.326 0.120  0.013 N 
12 1 CB  B LYS 435 ? ? CG  B LYS 435 ? ? 1.336 1.521 -0.185 0.027 N 
13 1 CG  B LYS 435 ? ? CD  B LYS 435 ? ? 1.802 1.520 0.282  0.034 N 
14 1 CE  B LYS 436 ? ? NZ  B LYS 436 ? ? 0.646 1.486 -0.840 0.025 N 
15 1 CD  B LYS 443 ? ? CE  B LYS 443 ? ? 1.296 1.508 -0.212 0.025 N 
16 1 CZ  B ARG 445 ? ? NH1 B ARG 445 ? ? 0.528 1.326 -0.798 0.013 N 
# 
loop_
_pdbx_validate_rmsd_angle.id 
_pdbx_validate_rmsd_angle.PDB_model_num 
_pdbx_validate_rmsd_angle.auth_atom_id_1 
_pdbx_validate_rmsd_angle.auth_asym_id_1 
_pdbx_validate_rmsd_angle.auth_comp_id_1 
_pdbx_validate_rmsd_angle.auth_seq_id_1 
_pdbx_validate_rmsd_angle.PDB_ins_code_1 
_pdbx_validate_rmsd_angle.label_alt_id_1 
_pdbx_validate_rmsd_angle.auth_atom_id_2 
_pdbx_validate_rmsd_angle.auth_asym_id_2 
_pdbx_validate_rmsd_angle.auth_comp_id_2 
_pdbx_validate_rmsd_angle.auth_seq_id_2 
_pdbx_validate_rmsd_angle.PDB_ins_code_2 
_pdbx_validate_rmsd_angle.label_alt_id_2 
_pdbx_validate_rmsd_angle.auth_atom_id_3 
_pdbx_validate_rmsd_angle.auth_asym_id_3 
_pdbx_validate_rmsd_angle.auth_comp_id_3 
_pdbx_validate_rmsd_angle.auth_seq_id_3 
_pdbx_validate_rmsd_angle.PDB_ins_code_3 
_pdbx_validate_rmsd_angle.label_alt_id_3 
_pdbx_validate_rmsd_angle.angle_value 
_pdbx_validate_rmsd_angle.angle_target_value 
_pdbx_validate_rmsd_angle.angle_deviation 
_pdbx_validate_rmsd_angle.angle_standard_deviation 
_pdbx_validate_rmsd_angle.linker_flag 
1  1 CB  A ASP 364 ? ? CG A ASP 364 ? ? OD2 A ASP 364 ? ? 126.27 118.30 7.97   0.90 N 
2  1 CD1 A LEU 366 ? ? CG A LEU 366 ? ? CD2 A LEU 366 ? ? 84.27  110.50 -26.23 3.00 N 
3  1 CB  A LEU 366 ? ? CG A LEU 366 ? ? CD2 A LEU 366 ? ? 154.91 111.00 43.91  1.70 N 
4  1 CG  A MET 368 ? ? SD A MET 368 ? ? CE  A MET 368 ? ? 114.14 100.20 13.94  1.60 N 
5  1 CB  A ASP 408 ? ? CG A ASP 408 ? ? OD2 A ASP 408 ? ? 124.37 118.30 6.07   0.90 N 
6  1 CD  A LYS 421 ? ? CE A LYS 421 ? ? NZ  A LYS 421 ? ? 127.39 111.70 15.69  2.30 N 
7  1 NE  A ARG 426 ? ? CZ A ARG 426 ? ? NH1 A ARG 426 ? ? 124.94 120.30 4.64   0.50 N 
8  1 NE  A ARG 426 ? ? CZ A ARG 426 ? ? NH2 A ARG 426 ? ? 115.52 120.30 -4.78  0.50 N 
9  1 CG  A MET 437 ? ? SD A MET 437 ? ? CE  A MET 437 ? ? 134.69 100.20 34.49  1.60 N 
10 1 CB  A ASP 439 ? ? CG A ASP 439 ? ? OD2 A ASP 439 ? ? 126.86 118.30 8.56   0.90 N 
11 1 CB  B MET 361 ? ? CG B MET 361 ? ? SD  B MET 361 ? ? 130.69 112.40 18.29  3.00 N 
12 1 CA  B MET 361 ? ? C  B MET 361 ? ? O   B MET 361 ? ? 36.42  120.10 -83.68 2.10 N 
13 1 CA  B MET 361 ? ? C  B MET 361 ? ? N   B LYS 362 ? ? 99.63  117.20 -17.57 2.20 Y 
14 1 CB  B ASP 367 ? ? CG B ASP 367 ? ? OD2 B ASP 367 ? ? 112.63 118.30 -5.67  0.90 N 
15 1 OD1 B ASN 369 ? ? CG B ASN 369 ? ? ND2 B ASN 369 ? ? 101.08 121.90 -20.82 2.30 N 
16 1 NE  B ARG 372 ? ? CZ B ARG 372 ? ? NH1 B ARG 372 ? ? 123.50 120.30 3.20   0.50 N 
17 1 CB  B LEU 377 ? ? CG B LEU 377 ? ? CD1 B LEU 377 ? ? 141.90 111.00 30.90  1.70 N 
18 1 NE  B ARG 384 ? ? CZ B ARG 384 ? ? NH1 B ARG 384 ? ? 124.94 120.30 4.64   0.50 N 
19 1 NE  B ARG 384 ? ? CZ B ARG 384 ? ? NH2 B ARG 384 ? ? 115.15 120.30 -5.15  0.50 N 
20 1 CB  B LEU 385 ? ? CG B LEU 385 ? ? CD2 B LEU 385 ? ? 136.85 111.00 25.85  1.70 N 
21 1 CB  B ASP 397 ? ? CG B ASP 397 ? ? OD2 B ASP 397 ? ? 124.34 118.30 6.04   0.90 N 
22 1 CA  B ILE 420 ? ? CB B ILE 420 ? ? CG2 B ILE 420 ? ? 123.26 110.90 12.36  2.00 N 
23 1 NE  B ARG 426 ? ? CZ B ARG 426 ? ? NH1 B ARG 426 ? ? 124.29 120.30 3.99   0.50 N 
24 1 NE  B ARG 426 ? ? CZ B ARG 426 ? ? NH2 B ARG 426 ? ? 115.36 120.30 -4.94  0.50 N 
25 1 NH1 B ARG 433 ? ? CZ B ARG 433 ? ? NH2 B ARG 433 ? ? 85.11  119.40 -34.29 1.10 N 
26 1 NE  B ARG 433 ? ? CZ B ARG 433 ? ? NH1 B ARG 433 ? ? 81.72  120.30 -38.58 0.50 N 
27 1 NE  B ARG 433 ? ? CZ B ARG 433 ? ? NH2 B ARG 433 ? ? 99.41  120.30 -20.89 0.50 N 
28 1 CB  B ASP 434 ? ? CG B ASP 434 ? ? OD2 B ASP 434 ? ? 126.32 118.30 8.02   0.90 N 
29 1 CA  B LYS 435 ? ? CB B LYS 435 ? ? CG  B LYS 435 ? ? 126.62 113.40 13.22  2.20 N 
30 1 CB  B LYS 435 ? ? CG B LYS 435 ? ? CD  B LYS 435 ? ? 137.67 111.60 26.07  2.60 N 
31 1 CG  B LYS 435 ? ? CD B LYS 435 ? ? CE  B LYS 435 ? ? 93.05  111.90 -18.85 3.00 N 
32 1 CD  B LYS 436 ? ? CE B LYS 436 ? ? NZ  B LYS 436 ? ? 87.75  111.70 -23.95 2.30 N 
33 1 OE1 B GLN 444 ? ? CD B GLN 444 ? ? NE2 B GLN 444 ? ? 99.57  121.90 -22.33 2.30 N 
34 1 NH1 B ARG 445 ? ? CZ B ARG 445 ? ? NH2 B ARG 445 ? ? 101.96 119.40 -17.44 1.10 N 
35 1 NE  B ARG 445 ? ? CZ B ARG 445 ? ? NH1 B ARG 445 ? ? 138.31 120.30 18.01  0.50 N 
36 1 NE  B ARG 445 ? ? CZ B ARG 445 ? ? NH2 B ARG 445 ? ? 116.88 120.30 -3.42  0.50 N 
# 
loop_
_pdbx_validate_torsion.id 
_pdbx_validate_torsion.PDB_model_num 
_pdbx_validate_torsion.auth_comp_id 
_pdbx_validate_torsion.auth_asym_id 
_pdbx_validate_torsion.auth_seq_id 
_pdbx_validate_torsion.PDB_ins_code 
_pdbx_validate_torsion.label_alt_id 
_pdbx_validate_torsion.phi 
_pdbx_validate_torsion.psi 
1 1 LEU A 366 ? ? -173.96 131.08  
2 1 ALA A 442 ? ? -71.78  26.66   
3 1 LEU B 366 ? ? -178.98 138.76  
4 1 LYS B 391 ? ? -170.82 103.98  
5 1 THR B 394 ? ? 66.56   -176.16 
6 1 VAL B 396 ? ? -144.96 -28.67  
7 1 ALA B 447 ? ? 76.87   125.18  
# 
_pdbx_validate_peptide_omega.id               1 
_pdbx_validate_peptide_omega.PDB_model_num    1 
_pdbx_validate_peptide_omega.auth_comp_id_1   MET 
_pdbx_validate_peptide_omega.auth_asym_id_1   B 
_pdbx_validate_peptide_omega.auth_seq_id_1    361 
_pdbx_validate_peptide_omega.PDB_ins_code_1   ? 
_pdbx_validate_peptide_omega.label_alt_id_1   ? 
_pdbx_validate_peptide_omega.auth_comp_id_2   LYS 
_pdbx_validate_peptide_omega.auth_asym_id_2   B 
_pdbx_validate_peptide_omega.auth_seq_id_2    362 
_pdbx_validate_peptide_omega.PDB_ins_code_2   ? 
_pdbx_validate_peptide_omega.label_alt_id_2   ? 
_pdbx_validate_peptide_omega.omega            125.59 
# 
_pdbx_validate_main_chain_plane.id                       1 
_pdbx_validate_main_chain_plane.PDB_model_num            1 
_pdbx_validate_main_chain_plane.auth_comp_id             MET 
_pdbx_validate_main_chain_plane.auth_asym_id             B 
_pdbx_validate_main_chain_plane.auth_seq_id              361 
_pdbx_validate_main_chain_plane.PDB_ins_code             ? 
_pdbx_validate_main_chain_plane.label_alt_id             ? 
_pdbx_validate_main_chain_plane.improper_torsion_angle   -33.63 
# 
loop_
_pdbx_validate_planes.id 
_pdbx_validate_planes.PDB_model_num 
_pdbx_validate_planes.auth_comp_id 
_pdbx_validate_planes.auth_asym_id 
_pdbx_validate_planes.auth_seq_id 
_pdbx_validate_planes.PDB_ins_code 
_pdbx_validate_planes.label_alt_id 
_pdbx_validate_planes.rmsd 
_pdbx_validate_planes.type 
1 1 ASN B 369 ? ? 0.098 'SIDE CHAIN' 
2 1 ARG B 433 ? ? 0.331 'SIDE CHAIN' 
3 1 GLN B 444 ? ? 0.207 'SIDE CHAIN' 
# 
loop_
_pdbx_unobs_or_zero_occ_atoms.id 
_pdbx_unobs_or_zero_occ_atoms.PDB_model_num 
_pdbx_unobs_or_zero_occ_atoms.polymer_flag 
_pdbx_unobs_or_zero_occ_atoms.occupancy_flag 
_pdbx_unobs_or_zero_occ_atoms.auth_asym_id 
_pdbx_unobs_or_zero_occ_atoms.auth_comp_id 
_pdbx_unobs_or_zero_occ_atoms.auth_seq_id 
_pdbx_unobs_or_zero_occ_atoms.PDB_ins_code 
_pdbx_unobs_or_zero_occ_atoms.auth_atom_id 
_pdbx_unobs_or_zero_occ_atoms.label_alt_id 
_pdbx_unobs_or_zero_occ_atoms.label_asym_id 
_pdbx_unobs_or_zero_occ_atoms.label_comp_id 
_pdbx_unobs_or_zero_occ_atoms.label_seq_id 
_pdbx_unobs_or_zero_occ_atoms.label_atom_id 
1  1 Y 0 A LEU 366 ? CD2 ? A LEU 6  CD2 
2  1 Y 0 A MET 368 ? CE  ? A MET 8  CE  
3  1 Y 0 A LYS 392 ? CG  ? A LYS 32 CG  
4  1 Y 0 A LYS 392 ? CD  ? A LYS 32 CD  
5  1 Y 0 A LYS 392 ? CE  ? A LYS 32 CE  
6  1 Y 0 A LYS 392 ? NZ  ? A LYS 32 NZ  
7  1 Y 0 A LYS 421 ? CD  ? A LYS 61 CD  
8  1 Y 0 A LYS 421 ? CE  ? A LYS 61 CE  
9  1 Y 0 A LYS 436 ? CD  ? A LYS 76 CD  
10 1 Y 0 A LYS 436 ? CE  ? A LYS 76 CE  
11 1 Y 0 A LYS 436 ? NZ  ? A LYS 76 NZ  
12 1 Y 0 A MET 437 ? CE  ? A MET 77 CE  
13 1 Y 0 B MET 361 ? N   ? B MET 1  N   
14 1 Y 0 B MET 361 ? CA  ? B MET 1  CA  
15 1 Y 0 B MET 361 ? CB  ? B MET 1  CB  
16 1 Y 0 B THR 363 ? OG1 ? B THR 3  OG1 
17 1 Y 0 B ASN 369 ? OD1 ? B ASN 9  OD1 
18 1 Y 0 B LEU 377 ? CD1 ? B LEU 17 CD1 
19 1 Y 0 B LEU 385 ? CD2 ? B LEU 25 CD2 
20 1 Y 0 B LYS 392 ? CD  ? B LYS 32 CD  
21 1 Y 0 B LYS 392 ? CE  ? B LYS 32 CE  
22 1 Y 0 B LYS 392 ? NZ  ? B LYS 32 NZ  
23 1 Y 1 B GLY 407 ? N   ? B GLY 47 N   
24 1 Y 0 B VAL 416 ? CG1 ? B VAL 56 CG1 
25 1 Y 0 B ILE 420 ? CG2 ? B ILE 60 CG2 
26 1 Y 0 B ARG 433 ? NH1 ? B ARG 73 NH1 
27 1 Y 0 B ARG 433 ? NH2 ? B ARG 73 NH2 
28 1 Y 0 B LYS 435 ? CG  ? B LYS 75 CG  
29 1 Y 0 B LYS 436 ? CG  ? B LYS 76 CG  
30 1 Y 0 B LYS 436 ? CD  ? B LYS 76 CD  
31 1 Y 0 B LYS 436 ? CE  ? B LYS 76 CE  
32 1 Y 0 B ALA 442 ? CB  ? B ALA 82 CB  
33 1 Y 0 B LYS 443 ? CE  ? B LYS 83 CE  
34 1 Y 0 B LYS 443 ? NZ  ? B LYS 83 NZ  
35 1 Y 0 B GLN 444 ? NE2 ? B GLN 84 NE2 
36 1 Y 0 B ARG 445 ? NH1 ? B ARG 85 NH1 
# 
loop_
_pdbx_unobs_or_zero_occ_residues.id 
_pdbx_unobs_or_zero_occ_residues.PDB_model_num 
_pdbx_unobs_or_zero_occ_residues.polymer_flag 
_pdbx_unobs_or_zero_occ_residues.occupancy_flag 
_pdbx_unobs_or_zero_occ_residues.auth_asym_id 
_pdbx_unobs_or_zero_occ_residues.auth_comp_id 
_pdbx_unobs_or_zero_occ_residues.auth_seq_id 
_pdbx_unobs_or_zero_occ_residues.PDB_ins_code 
_pdbx_unobs_or_zero_occ_residues.label_asym_id 
_pdbx_unobs_or_zero_occ_residues.label_comp_id 
_pdbx_unobs_or_zero_occ_residues.label_seq_id 
1  1 Y 1 A MET 361 ? A MET 1   
2  1 Y 1 A LYS 362 ? A LYS 2   
3  1 Y 1 A GLN 444 ? A GLN 84  
4  1 Y 1 A ARG 445 ? A ARG 85  
5  1 Y 1 A ALA 446 ? A ALA 86  
6  1 Y 1 A ALA 447 ? A ALA 87  
7  1 Y 1 A ILE 448 ? A ILE 88  
8  1 Y 1 A PRO 449 ? A PRO 89  
9  1 Y 1 A ARG 450 ? A ARG 90  
10 1 Y 1 A SER 451 ? A SER 91  
11 1 Y 1 A GLU 452 ? A GLU 92  
12 1 Y 1 A SER 453 ? A SER 93  
13 1 Y 1 A VAL 454 ? A VAL 94  
14 1 Y 1 A LEU 455 ? A LEU 95  
15 1 Y 1 A LYS 456 ? A LYS 96  
16 1 Y 1 A ASP 457 ? A ASP 97  
17 1 Y 1 A PRO 458 ? A PRO 98  
18 1 Y 1 A SER 459 ? A SER 99  
19 1 Y 1 A GLN 460 ? A GLN 100 
20 1 Y 1 A LYS 461 ? A LYS 101 
21 1 Y 1 A ASN 462 ? A ASN 102 
22 1 Y 1 A LYS 463 ? A LYS 103 
23 1 Y 1 A LYS 464 ? A LYS 104 
24 1 Y 1 A ARG 465 ? A ARG 105 
25 1 Y 1 A LYS 466 ? A LYS 106 
26 1 Y 1 A PHE 467 ? A PHE 107 
27 1 Y 1 A SER 468 ? A SER 108 
28 1 Y 1 A ASP 469 ? A ASP 109 
29 1 Y 1 A THR 470 ? A THR 110 
30 1 Y 1 A SER 471 ? A SER 111 
31 1 Y 1 A HIS 472 ? A HIS 112 
32 1 Y 1 A HIS 473 ? A HIS 113 
33 1 Y 1 A HIS 474 ? A HIS 114 
34 1 Y 1 A HIS 475 ? A HIS 115 
35 1 Y 1 A HIS 476 ? A HIS 116 
36 1 Y 1 A HIS 477 ? A HIS 117 
37 1 Y 1 B PRO 449 ? B PRO 89  
38 1 Y 1 B ARG 450 ? B ARG 90  
39 1 Y 1 B SER 451 ? B SER 91  
40 1 Y 1 B GLU 452 ? B GLU 92  
41 1 Y 1 B SER 453 ? B SER 93  
42 1 Y 1 B VAL 454 ? B VAL 94  
43 1 Y 1 B LEU 455 ? B LEU 95  
44 1 Y 1 B LYS 456 ? B LYS 96  
45 1 Y 1 B ASP 457 ? B ASP 97  
46 1 Y 1 B PRO 458 ? B PRO 98  
47 1 Y 1 B SER 459 ? B SER 99  
48 1 Y 1 B GLN 460 ? B GLN 100 
49 1 Y 1 B LYS 461 ? B LYS 101 
50 1 Y 1 B ASN 462 ? B ASN 102 
51 1 Y 1 B LYS 463 ? B LYS 103 
52 1 Y 1 B LYS 464 ? B LYS 104 
53 1 Y 1 B ARG 465 ? B ARG 105 
54 1 Y 1 B LYS 466 ? B LYS 106 
55 1 Y 1 B PHE 467 ? B PHE 107 
56 1 Y 1 B SER 468 ? B SER 108 
57 1 Y 1 B ASP 469 ? B ASP 109 
58 1 Y 1 B THR 470 ? B THR 110 
59 1 Y 1 B SER 471 ? B SER 111 
60 1 Y 1 B HIS 472 ? B HIS 112 
61 1 Y 1 B HIS 473 ? B HIS 113 
62 1 Y 1 B HIS 474 ? B HIS 114 
63 1 Y 1 B HIS 475 ? B HIS 115 
64 1 Y 1 B HIS 476 ? B HIS 116 
65 1 Y 1 B HIS 477 ? B HIS 117 
# 
loop_
_chem_comp_atom.comp_id 
_chem_comp_atom.atom_id 
_chem_comp_atom.type_symbol 
_chem_comp_atom.pdbx_aromatic_flag 
_chem_comp_atom.pdbx_stereo_config 
_chem_comp_atom.pdbx_ordinal 
ALA N    N N N 1   
ALA CA   C N S 2   
ALA C    C N N 3   
ALA O    O N N 4   
ALA CB   C N N 5   
ALA OXT  O N N 6   
ALA H    H N N 7   
ALA H2   H N N 8   
ALA HA   H N N 9   
ALA HB1  H N N 10  
ALA HB2  H N N 11  
ALA HB3  H N N 12  
ALA HXT  H N N 13  
ARG N    N N N 14  
ARG CA   C N S 15  
ARG C    C N N 16  
ARG O    O N N 17  
ARG CB   C N N 18  
ARG CG   C N N 19  
ARG CD   C N N 20  
ARG NE   N N N 21  
ARG CZ   C N N 22  
ARG NH1  N N N 23  
ARG NH2  N N N 24  
ARG OXT  O N N 25  
ARG H    H N N 26  
ARG H2   H N N 27  
ARG HA   H N N 28  
ARG HB2  H N N 29  
ARG HB3  H N N 30  
ARG HG2  H N N 31  
ARG HG3  H N N 32  
ARG HD2  H N N 33  
ARG HD3  H N N 34  
ARG HE   H N N 35  
ARG HH11 H N N 36  
ARG HH12 H N N 37  
ARG HH21 H N N 38  
ARG HH22 H N N 39  
ARG HXT  H N N 40  
ASN N    N N N 41  
ASN CA   C N S 42  
ASN C    C N N 43  
ASN O    O N N 44  
ASN CB   C N N 45  
ASN CG   C N N 46  
ASN OD1  O N N 47  
ASN ND2  N N N 48  
ASN OXT  O N N 49  
ASN H    H N N 50  
ASN H2   H N N 51  
ASN HA   H N N 52  
ASN HB2  H N N 53  
ASN HB3  H N N 54  
ASN HD21 H N N 55  
ASN HD22 H N N 56  
ASN HXT  H N N 57  
ASP N    N N N 58  
ASP CA   C N S 59  
ASP C    C N N 60  
ASP O    O N N 61  
ASP CB   C N N 62  
ASP CG   C N N 63  
ASP OD1  O N N 64  
ASP OD2  O N N 65  
ASP OXT  O N N 66  
ASP H    H N N 67  
ASP H2   H N N 68  
ASP HA   H N N 69  
ASP HB2  H N N 70  
ASP HB3  H N N 71  
ASP HD2  H N N 72  
ASP HXT  H N N 73  
CYS N    N N N 74  
CYS CA   C N R 75  
CYS C    C N N 76  
CYS O    O N N 77  
CYS CB   C N N 78  
CYS SG   S N N 79  
CYS OXT  O N N 80  
CYS H    H N N 81  
CYS H2   H N N 82  
CYS HA   H N N 83  
CYS HB2  H N N 84  
CYS HB3  H N N 85  
CYS HG   H N N 86  
CYS HXT  H N N 87  
GLN N    N N N 88  
GLN CA   C N S 89  
GLN C    C N N 90  
GLN O    O N N 91  
GLN CB   C N N 92  
GLN CG   C N N 93  
GLN CD   C N N 94  
GLN OE1  O N N 95  
GLN NE2  N N N 96  
GLN OXT  O N N 97  
GLN H    H N N 98  
GLN H2   H N N 99  
GLN HA   H N N 100 
GLN HB2  H N N 101 
GLN HB3  H N N 102 
GLN HG2  H N N 103 
GLN HG3  H N N 104 
GLN HE21 H N N 105 
GLN HE22 H N N 106 
GLN HXT  H N N 107 
GLU N    N N N 108 
GLU CA   C N S 109 
GLU C    C N N 110 
GLU O    O N N 111 
GLU CB   C N N 112 
GLU CG   C N N 113 
GLU CD   C N N 114 
GLU OE1  O N N 115 
GLU OE2  O N N 116 
GLU OXT  O N N 117 
GLU H    H N N 118 
GLU H2   H N N 119 
GLU HA   H N N 120 
GLU HB2  H N N 121 
GLU HB3  H N N 122 
GLU HG2  H N N 123 
GLU HG3  H N N 124 
GLU HE2  H N N 125 
GLU HXT  H N N 126 
GLY N    N N N 127 
GLY CA   C N N 128 
GLY C    C N N 129 
GLY O    O N N 130 
GLY OXT  O N N 131 
GLY H    H N N 132 
GLY H2   H N N 133 
GLY HA2  H N N 134 
GLY HA3  H N N 135 
GLY HXT  H N N 136 
HIS N    N N N 137 
HIS CA   C N S 138 
HIS C    C N N 139 
HIS O    O N N 140 
HIS CB   C N N 141 
HIS CG   C Y N 142 
HIS ND1  N Y N 143 
HIS CD2  C Y N 144 
HIS CE1  C Y N 145 
HIS NE2  N Y N 146 
HIS OXT  O N N 147 
HIS H    H N N 148 
HIS H2   H N N 149 
HIS HA   H N N 150 
HIS HB2  H N N 151 
HIS HB3  H N N 152 
HIS HD1  H N N 153 
HIS HD2  H N N 154 
HIS HE1  H N N 155 
HIS HE2  H N N 156 
HIS HXT  H N N 157 
HOH O    O N N 158 
HOH H1   H N N 159 
HOH H2   H N N 160 
ILE N    N N N 161 
ILE CA   C N S 162 
ILE C    C N N 163 
ILE O    O N N 164 
ILE CB   C N S 165 
ILE CG1  C N N 166 
ILE CG2  C N N 167 
ILE CD1  C N N 168 
ILE OXT  O N N 169 
ILE H    H N N 170 
ILE H2   H N N 171 
ILE HA   H N N 172 
ILE HB   H N N 173 
ILE HG12 H N N 174 
ILE HG13 H N N 175 
ILE HG21 H N N 176 
ILE HG22 H N N 177 
ILE HG23 H N N 178 
ILE HD11 H N N 179 
ILE HD12 H N N 180 
ILE HD13 H N N 181 
ILE HXT  H N N 182 
LEU N    N N N 183 
LEU CA   C N S 184 
LEU C    C N N 185 
LEU O    O N N 186 
LEU CB   C N N 187 
LEU CG   C N N 188 
LEU CD1  C N N 189 
LEU CD2  C N N 190 
LEU OXT  O N N 191 
LEU H    H N N 192 
LEU H2   H N N 193 
LEU HA   H N N 194 
LEU HB2  H N N 195 
LEU HB3  H N N 196 
LEU HG   H N N 197 
LEU HD11 H N N 198 
LEU HD12 H N N 199 
LEU HD13 H N N 200 
LEU HD21 H N N 201 
LEU HD22 H N N 202 
LEU HD23 H N N 203 
LEU HXT  H N N 204 
LYS N    N N N 205 
LYS CA   C N S 206 
LYS C    C N N 207 
LYS O    O N N 208 
LYS CB   C N N 209 
LYS CG   C N N 210 
LYS CD   C N N 211 
LYS CE   C N N 212 
LYS NZ   N N N 213 
LYS OXT  O N N 214 
LYS H    H N N 215 
LYS H2   H N N 216 
LYS HA   H N N 217 
LYS HB2  H N N 218 
LYS HB3  H N N 219 
LYS HG2  H N N 220 
LYS HG3  H N N 221 
LYS HD2  H N N 222 
LYS HD3  H N N 223 
LYS HE2  H N N 224 
LYS HE3  H N N 225 
LYS HZ1  H N N 226 
LYS HZ2  H N N 227 
LYS HZ3  H N N 228 
LYS HXT  H N N 229 
MET N    N N N 230 
MET CA   C N S 231 
MET C    C N N 232 
MET O    O N N 233 
MET CB   C N N 234 
MET CG   C N N 235 
MET SD   S N N 236 
MET CE   C N N 237 
MET OXT  O N N 238 
MET H    H N N 239 
MET H2   H N N 240 
MET HA   H N N 241 
MET HB2  H N N 242 
MET HB3  H N N 243 
MET HG2  H N N 244 
MET HG3  H N N 245 
MET HE1  H N N 246 
MET HE2  H N N 247 
MET HE3  H N N 248 
MET HXT  H N N 249 
PHE N    N N N 250 
PHE CA   C N S 251 
PHE C    C N N 252 
PHE O    O N N 253 
PHE CB   C N N 254 
PHE CG   C Y N 255 
PHE CD1  C Y N 256 
PHE CD2  C Y N 257 
PHE CE1  C Y N 258 
PHE CE2  C Y N 259 
PHE CZ   C Y N 260 
PHE OXT  O N N 261 
PHE H    H N N 262 
PHE H2   H N N 263 
PHE HA   H N N 264 
PHE HB2  H N N 265 
PHE HB3  H N N 266 
PHE HD1  H N N 267 
PHE HD2  H N N 268 
PHE HE1  H N N 269 
PHE HE2  H N N 270 
PHE HZ   H N N 271 
PHE HXT  H N N 272 
PRO N    N N N 273 
PRO CA   C N S 274 
PRO C    C N N 275 
PRO O    O N N 276 
PRO CB   C N N 277 
PRO CG   C N N 278 
PRO CD   C N N 279 
PRO OXT  O N N 280 
PRO H    H N N 281 
PRO HA   H N N 282 
PRO HB2  H N N 283 
PRO HB3  H N N 284 
PRO HG2  H N N 285 
PRO HG3  H N N 286 
PRO HD2  H N N 287 
PRO HD3  H N N 288 
PRO HXT  H N N 289 
SER N    N N N 290 
SER CA   C N S 291 
SER C    C N N 292 
SER O    O N N 293 
SER CB   C N N 294 
SER OG   O N N 295 
SER OXT  O N N 296 
SER H    H N N 297 
SER H2   H N N 298 
SER HA   H N N 299 
SER HB2  H N N 300 
SER HB3  H N N 301 
SER HG   H N N 302 
SER HXT  H N N 303 
THR N    N N N 304 
THR CA   C N S 305 
THR C    C N N 306 
THR O    O N N 307 
THR CB   C N R 308 
THR OG1  O N N 309 
THR CG2  C N N 310 
THR OXT  O N N 311 
THR H    H N N 312 
THR H2   H N N 313 
THR HA   H N N 314 
THR HB   H N N 315 
THR HG1  H N N 316 
THR HG21 H N N 317 
THR HG22 H N N 318 
THR HG23 H N N 319 
THR HXT  H N N 320 
TYR N    N N N 321 
TYR CA   C N S 322 
TYR C    C N N 323 
TYR O    O N N 324 
TYR CB   C N N 325 
TYR CG   C Y N 326 
TYR CD1  C Y N 327 
TYR CD2  C Y N 328 
TYR CE1  C Y N 329 
TYR CE2  C Y N 330 
TYR CZ   C Y N 331 
TYR OH   O N N 332 
TYR OXT  O N N 333 
TYR H    H N N 334 
TYR H2   H N N 335 
TYR HA   H N N 336 
TYR HB2  H N N 337 
TYR HB3  H N N 338 
TYR HD1  H N N 339 
TYR HD2  H N N 340 
TYR HE1  H N N 341 
TYR HE2  H N N 342 
TYR HH   H N N 343 
TYR HXT  H N N 344 
VAL N    N N N 345 
VAL CA   C N S 346 
VAL C    C N N 347 
VAL O    O N N 348 
VAL CB   C N N 349 
VAL CG1  C N N 350 
VAL CG2  C N N 351 
VAL OXT  O N N 352 
VAL H    H N N 353 
VAL H2   H N N 354 
VAL HA   H N N 355 
VAL HB   H N N 356 
VAL HG11 H N N 357 
VAL HG12 H N N 358 
VAL HG13 H N N 359 
VAL HG21 H N N 360 
VAL HG22 H N N 361 
VAL HG23 H N N 362 
VAL HXT  H N N 363 
# 
loop_
_chem_comp_bond.comp_id 
_chem_comp_bond.atom_id_1 
_chem_comp_bond.atom_id_2 
_chem_comp_bond.value_order 
_chem_comp_bond.pdbx_aromatic_flag 
_chem_comp_bond.pdbx_stereo_config 
_chem_comp_bond.pdbx_ordinal 
ALA N   CA   sing N N 1   
ALA N   H    sing N N 2   
ALA N   H2   sing N N 3   
ALA CA  C    sing N N 4   
ALA CA  CB   sing N N 5   
ALA CA  HA   sing N N 6   
ALA C   O    doub N N 7   
ALA C   OXT  sing N N 8   
ALA CB  HB1  sing N N 9   
ALA CB  HB2  sing N N 10  
ALA CB  HB3  sing N N 11  
ALA OXT HXT  sing N N 12  
ARG N   CA   sing N N 13  
ARG N   H    sing N N 14  
ARG N   H2   sing N N 15  
ARG CA  C    sing N N 16  
ARG CA  CB   sing N N 17  
ARG CA  HA   sing N N 18  
ARG C   O    doub N N 19  
ARG C   OXT  sing N N 20  
ARG CB  CG   sing N N 21  
ARG CB  HB2  sing N N 22  
ARG CB  HB3  sing N N 23  
ARG CG  CD   sing N N 24  
ARG CG  HG2  sing N N 25  
ARG CG  HG3  sing N N 26  
ARG CD  NE   sing N N 27  
ARG CD  HD2  sing N N 28  
ARG CD  HD3  sing N N 29  
ARG NE  CZ   sing N N 30  
ARG NE  HE   sing N N 31  
ARG CZ  NH1  sing N N 32  
ARG CZ  NH2  doub N N 33  
ARG NH1 HH11 sing N N 34  
ARG NH1 HH12 sing N N 35  
ARG NH2 HH21 sing N N 36  
ARG NH2 HH22 sing N N 37  
ARG OXT HXT  sing N N 38  
ASN N   CA   sing N N 39  
ASN N   H    sing N N 40  
ASN N   H2   sing N N 41  
ASN CA  C    sing N N 42  
ASN CA  CB   sing N N 43  
ASN CA  HA   sing N N 44  
ASN C   O    doub N N 45  
ASN C   OXT  sing N N 46  
ASN CB  CG   sing N N 47  
ASN CB  HB2  sing N N 48  
ASN CB  HB3  sing N N 49  
ASN CG  OD1  doub N N 50  
ASN CG  ND2  sing N N 51  
ASN ND2 HD21 sing N N 52  
ASN ND2 HD22 sing N N 53  
ASN OXT HXT  sing N N 54  
ASP N   CA   sing N N 55  
ASP N   H    sing N N 56  
ASP N   H2   sing N N 57  
ASP CA  C    sing N N 58  
ASP CA  CB   sing N N 59  
ASP CA  HA   sing N N 60  
ASP C   O    doub N N 61  
ASP C   OXT  sing N N 62  
ASP CB  CG   sing N N 63  
ASP CB  HB2  sing N N 64  
ASP CB  HB3  sing N N 65  
ASP CG  OD1  doub N N 66  
ASP CG  OD2  sing N N 67  
ASP OD2 HD2  sing N N 68  
ASP OXT HXT  sing N N 69  
CYS N   CA   sing N N 70  
CYS N   H    sing N N 71  
CYS N   H2   sing N N 72  
CYS CA  C    sing N N 73  
CYS CA  CB   sing N N 74  
CYS CA  HA   sing N N 75  
CYS C   O    doub N N 76  
CYS C   OXT  sing N N 77  
CYS CB  SG   sing N N 78  
CYS CB  HB2  sing N N 79  
CYS CB  HB3  sing N N 80  
CYS SG  HG   sing N N 81  
CYS OXT HXT  sing N N 82  
GLN N   CA   sing N N 83  
GLN N   H    sing N N 84  
GLN N   H2   sing N N 85  
GLN CA  C    sing N N 86  
GLN CA  CB   sing N N 87  
GLN CA  HA   sing N N 88  
GLN C   O    doub N N 89  
GLN C   OXT  sing N N 90  
GLN CB  CG   sing N N 91  
GLN CB  HB2  sing N N 92  
GLN CB  HB3  sing N N 93  
GLN CG  CD   sing N N 94  
GLN CG  HG2  sing N N 95  
GLN CG  HG3  sing N N 96  
GLN CD  OE1  doub N N 97  
GLN CD  NE2  sing N N 98  
GLN NE2 HE21 sing N N 99  
GLN NE2 HE22 sing N N 100 
GLN OXT HXT  sing N N 101 
GLU N   CA   sing N N 102 
GLU N   H    sing N N 103 
GLU N   H2   sing N N 104 
GLU CA  C    sing N N 105 
GLU CA  CB   sing N N 106 
GLU CA  HA   sing N N 107 
GLU C   O    doub N N 108 
GLU C   OXT  sing N N 109 
GLU CB  CG   sing N N 110 
GLU CB  HB2  sing N N 111 
GLU CB  HB3  sing N N 112 
GLU CG  CD   sing N N 113 
GLU CG  HG2  sing N N 114 
GLU CG  HG3  sing N N 115 
GLU CD  OE1  doub N N 116 
GLU CD  OE2  sing N N 117 
GLU OE2 HE2  sing N N 118 
GLU OXT HXT  sing N N 119 
GLY N   CA   sing N N 120 
GLY N   H    sing N N 121 
GLY N   H2   sing N N 122 
GLY CA  C    sing N N 123 
GLY CA  HA2  sing N N 124 
GLY CA  HA3  sing N N 125 
GLY C   O    doub N N 126 
GLY C   OXT  sing N N 127 
GLY OXT HXT  sing N N 128 
HIS N   CA   sing N N 129 
HIS N   H    sing N N 130 
HIS N   H2   sing N N 131 
HIS CA  C    sing N N 132 
HIS CA  CB   sing N N 133 
HIS CA  HA   sing N N 134 
HIS C   O    doub N N 135 
HIS C   OXT  sing N N 136 
HIS CB  CG   sing N N 137 
HIS CB  HB2  sing N N 138 
HIS CB  HB3  sing N N 139 
HIS CG  ND1  sing Y N 140 
HIS CG  CD2  doub Y N 141 
HIS ND1 CE1  doub Y N 142 
HIS ND1 HD1  sing N N 143 
HIS CD2 NE2  sing Y N 144 
HIS CD2 HD2  sing N N 145 
HIS CE1 NE2  sing Y N 146 
HIS CE1 HE1  sing N N 147 
HIS NE2 HE2  sing N N 148 
HIS OXT HXT  sing N N 149 
HOH O   H1   sing N N 150 
HOH O   H2   sing N N 151 
ILE N   CA   sing N N 152 
ILE N   H    sing N N 153 
ILE N   H2   sing N N 154 
ILE CA  C    sing N N 155 
ILE CA  CB   sing N N 156 
ILE CA  HA   sing N N 157 
ILE C   O    doub N N 158 
ILE C   OXT  sing N N 159 
ILE CB  CG1  sing N N 160 
ILE CB  CG2  sing N N 161 
ILE CB  HB   sing N N 162 
ILE CG1 CD1  sing N N 163 
ILE CG1 HG12 sing N N 164 
ILE CG1 HG13 sing N N 165 
ILE CG2 HG21 sing N N 166 
ILE CG2 HG22 sing N N 167 
ILE CG2 HG23 sing N N 168 
ILE CD1 HD11 sing N N 169 
ILE CD1 HD12 sing N N 170 
ILE CD1 HD13 sing N N 171 
ILE OXT HXT  sing N N 172 
LEU N   CA   sing N N 173 
LEU N   H    sing N N 174 
LEU N   H2   sing N N 175 
LEU CA  C    sing N N 176 
LEU CA  CB   sing N N 177 
LEU CA  HA   sing N N 178 
LEU C   O    doub N N 179 
LEU C   OXT  sing N N 180 
LEU CB  CG   sing N N 181 
LEU CB  HB2  sing N N 182 
LEU CB  HB3  sing N N 183 
LEU CG  CD1  sing N N 184 
LEU CG  CD2  sing N N 185 
LEU CG  HG   sing N N 186 
LEU CD1 HD11 sing N N 187 
LEU CD1 HD12 sing N N 188 
LEU CD1 HD13 sing N N 189 
LEU CD2 HD21 sing N N 190 
LEU CD2 HD22 sing N N 191 
LEU CD2 HD23 sing N N 192 
LEU OXT HXT  sing N N 193 
LYS N   CA   sing N N 194 
LYS N   H    sing N N 195 
LYS N   H2   sing N N 196 
LYS CA  C    sing N N 197 
LYS CA  CB   sing N N 198 
LYS CA  HA   sing N N 199 
LYS C   O    doub N N 200 
LYS C   OXT  sing N N 201 
LYS CB  CG   sing N N 202 
LYS CB  HB2  sing N N 203 
LYS CB  HB3  sing N N 204 
LYS CG  CD   sing N N 205 
LYS CG  HG2  sing N N 206 
LYS CG  HG3  sing N N 207 
LYS CD  CE   sing N N 208 
LYS CD  HD2  sing N N 209 
LYS CD  HD3  sing N N 210 
LYS CE  NZ   sing N N 211 
LYS CE  HE2  sing N N 212 
LYS CE  HE3  sing N N 213 
LYS NZ  HZ1  sing N N 214 
LYS NZ  HZ2  sing N N 215 
LYS NZ  HZ3  sing N N 216 
LYS OXT HXT  sing N N 217 
MET N   CA   sing N N 218 
MET N   H    sing N N 219 
MET N   H2   sing N N 220 
MET CA  C    sing N N 221 
MET CA  CB   sing N N 222 
MET CA  HA   sing N N 223 
MET C   O    doub N N 224 
MET C   OXT  sing N N 225 
MET CB  CG   sing N N 226 
MET CB  HB2  sing N N 227 
MET CB  HB3  sing N N 228 
MET CG  SD   sing N N 229 
MET CG  HG2  sing N N 230 
MET CG  HG3  sing N N 231 
MET SD  CE   sing N N 232 
MET CE  HE1  sing N N 233 
MET CE  HE2  sing N N 234 
MET CE  HE3  sing N N 235 
MET OXT HXT  sing N N 236 
PHE N   CA   sing N N 237 
PHE N   H    sing N N 238 
PHE N   H2   sing N N 239 
PHE CA  C    sing N N 240 
PHE CA  CB   sing N N 241 
PHE CA  HA   sing N N 242 
PHE C   O    doub N N 243 
PHE C   OXT  sing N N 244 
PHE CB  CG   sing N N 245 
PHE CB  HB2  sing N N 246 
PHE CB  HB3  sing N N 247 
PHE CG  CD1  doub Y N 248 
PHE CG  CD2  sing Y N 249 
PHE CD1 CE1  sing Y N 250 
PHE CD1 HD1  sing N N 251 
PHE CD2 CE2  doub Y N 252 
PHE CD2 HD2  sing N N 253 
PHE CE1 CZ   doub Y N 254 
PHE CE1 HE1  sing N N 255 
PHE CE2 CZ   sing Y N 256 
PHE CE2 HE2  sing N N 257 
PHE CZ  HZ   sing N N 258 
PHE OXT HXT  sing N N 259 
PRO N   CA   sing N N 260 
PRO N   CD   sing N N 261 
PRO N   H    sing N N 262 
PRO CA  C    sing N N 263 
PRO CA  CB   sing N N 264 
PRO CA  HA   sing N N 265 
PRO C   O    doub N N 266 
PRO C   OXT  sing N N 267 
PRO CB  CG   sing N N 268 
PRO CB  HB2  sing N N 269 
PRO CB  HB3  sing N N 270 
PRO CG  CD   sing N N 271 
PRO CG  HG2  sing N N 272 
PRO CG  HG3  sing N N 273 
PRO CD  HD2  sing N N 274 
PRO CD  HD3  sing N N 275 
PRO OXT HXT  sing N N 276 
SER N   CA   sing N N 277 
SER N   H    sing N N 278 
SER N   H2   sing N N 279 
SER CA  C    sing N N 280 
SER CA  CB   sing N N 281 
SER CA  HA   sing N N 282 
SER C   O    doub N N 283 
SER C   OXT  sing N N 284 
SER CB  OG   sing N N 285 
SER CB  HB2  sing N N 286 
SER CB  HB3  sing N N 287 
SER OG  HG   sing N N 288 
SER OXT HXT  sing N N 289 
THR N   CA   sing N N 290 
THR N   H    sing N N 291 
THR N   H2   sing N N 292 
THR CA  C    sing N N 293 
THR CA  CB   sing N N 294 
THR CA  HA   sing N N 295 
THR C   O    doub N N 296 
THR C   OXT  sing N N 297 
THR CB  OG1  sing N N 298 
THR CB  CG2  sing N N 299 
THR CB  HB   sing N N 300 
THR OG1 HG1  sing N N 301 
THR CG2 HG21 sing N N 302 
THR CG2 HG22 sing N N 303 
THR CG2 HG23 sing N N 304 
THR OXT HXT  sing N N 305 
TYR N   CA   sing N N 306 
TYR N   H    sing N N 307 
TYR N   H2   sing N N 308 
TYR CA  C    sing N N 309 
TYR CA  CB   sing N N 310 
TYR CA  HA   sing N N 311 
TYR C   O    doub N N 312 
TYR C   OXT  sing N N 313 
TYR CB  CG   sing N N 314 
TYR CB  HB2  sing N N 315 
TYR CB  HB3  sing N N 316 
TYR CG  CD1  doub Y N 317 
TYR CG  CD2  sing Y N 318 
TYR CD1 CE1  sing Y N 319 
TYR CD1 HD1  sing N N 320 
TYR CD2 CE2  doub Y N 321 
TYR CD2 HD2  sing N N 322 
TYR CE1 CZ   doub Y N 323 
TYR CE1 HE1  sing N N 324 
TYR CE2 CZ   sing Y N 325 
TYR CE2 HE2  sing N N 326 
TYR CZ  OH   sing N N 327 
TYR OH  HH   sing N N 328 
TYR OXT HXT  sing N N 329 
VAL N   CA   sing N N 330 
VAL N   H    sing N N 331 
VAL N   H2   sing N N 332 
VAL CA  C    sing N N 333 
VAL CA  CB   sing N N 334 
VAL CA  HA   sing N N 335 
VAL C   O    doub N N 336 
VAL C   OXT  sing N N 337 
VAL CB  CG1  sing N N 338 
VAL CB  CG2  sing N N 339 
VAL CB  HB   sing N N 340 
VAL CG1 HG11 sing N N 341 
VAL CG1 HG12 sing N N 342 
VAL CG1 HG13 sing N N 343 
VAL CG2 HG21 sing N N 344 
VAL CG2 HG22 sing N N 345 
VAL CG2 HG23 sing N N 346 
VAL OXT HXT  sing N N 347 
# 
_pdbx_entity_nonpoly.entity_id   2 
_pdbx_entity_nonpoly.name        water 
_pdbx_entity_nonpoly.comp_id     HOH 
# 
_pdbx_initial_refinement_model.id               1 
_pdbx_initial_refinement_model.entity_id_list   ? 
_pdbx_initial_refinement_model.type             'experimental model' 
_pdbx_initial_refinement_model.source_name      PDB 
_pdbx_initial_refinement_model.accession_code   1T4N 
_pdbx_initial_refinement_model.details          'PDB ENTRY 1T4N' 
# 
